data_5M6S
# 
_entry.id   5M6S 
# 
_audit_conform.dict_name       mmcif_pdbx.dic 
_audit_conform.dict_version    5.391 
_audit_conform.dict_location   http://mmcif.pdb.org/dictionaries/ascii/mmcif_pdbx.dic 
# 
loop_
_database_2.database_id 
_database_2.database_code 
_database_2.pdbx_database_accession 
_database_2.pdbx_DOI 
PDB   5M6S         pdb_00005m6s 10.2210/pdb5m6s/pdb 
WWPDB D_1200002033 ?            ?                   
EMDB  EMD-3451     ?            ?                   
# 
loop_
_pdbx_audit_revision_history.ordinal 
_pdbx_audit_revision_history.data_content_type 
_pdbx_audit_revision_history.major_revision 
_pdbx_audit_revision_history.minor_revision 
_pdbx_audit_revision_history.revision_date 
1 'Structure model' 1 0 2017-01-11 
2 'Structure model' 1 1 2017-01-25 
3 'Structure model' 1 2 2017-02-01 
4 'Structure model' 1 3 2017-03-15 
5 'Structure model' 1 4 2017-08-02 
6 'Structure model' 1 5 2024-05-08 
# 
_pdbx_audit_revision_details.ordinal             1 
_pdbx_audit_revision_details.revision_ordinal    1 
_pdbx_audit_revision_details.data_content_type   'Structure model' 
_pdbx_audit_revision_details.provider            repository 
_pdbx_audit_revision_details.type                'Initial release' 
_pdbx_audit_revision_details.description         ? 
_pdbx_audit_revision_details.details             ? 
# 
loop_
_pdbx_audit_revision_group.ordinal 
_pdbx_audit_revision_group.revision_ordinal 
_pdbx_audit_revision_group.data_content_type 
_pdbx_audit_revision_group.group 
1 2 'Structure model' 'Database references' 
2 3 'Structure model' 'Database references' 
3 4 'Structure model' 'Database references' 
4 5 'Structure model' 'Data collection'     
5 6 'Structure model' 'Data collection'     
6 6 'Structure model' 'Database references' 
# 
loop_
_pdbx_audit_revision_category.ordinal 
_pdbx_audit_revision_category.revision_ordinal 
_pdbx_audit_revision_category.data_content_type 
_pdbx_audit_revision_category.category 
1 5 'Structure model' em_image_scans 
2 5 'Structure model' em_software    
3 6 'Structure model' chem_comp_atom 
4 6 'Structure model' chem_comp_bond 
5 6 'Structure model' database_2     
# 
loop_
_pdbx_audit_revision_item.ordinal 
_pdbx_audit_revision_item.revision_ordinal 
_pdbx_audit_revision_item.data_content_type 
_pdbx_audit_revision_item.item 
1 5 'Structure model' '_em_software.name'                   
2 5 'Structure model' '_em_software.version'                
3 6 'Structure model' '_database_2.pdbx_DOI'                
4 6 'Structure model' '_database_2.pdbx_database_accession' 
# 
_pdbx_database_status.status_code                     REL 
_pdbx_database_status.status_code_sf                  ? 
_pdbx_database_status.status_code_mr                  ? 
_pdbx_database_status.entry_id                        5M6S 
_pdbx_database_status.recvd_initial_deposition_date   2016-10-25 
_pdbx_database_status.SG_entry                        N 
_pdbx_database_status.deposit_site                    PDBE 
_pdbx_database_status.process_site                    PDBE 
_pdbx_database_status.status_code_cs                  ? 
_pdbx_database_status.methods_development_category    ? 
_pdbx_database_status.pdb_format_compatible           Y 
_pdbx_database_status.status_code_nmr_data            ? 
# 
_pdbx_database_related.db_name        EMDB 
_pdbx_database_related.details        . 
_pdbx_database_related.db_id          EMD-3451 
_pdbx_database_related.content_type   'associated EM volume' 
# 
loop_
_audit_author.name 
_audit_author.pdbx_ordinal 
_audit_author.identifier_ORCID 
'Nilsson, O.B.' 1 ? 
'Nickson, A.A.' 2 ? 
'Clarke, J.'    3 ? 
# 
_citation.abstract                  ? 
_citation.abstract_id_CAS           ? 
_citation.book_id_ISBN              ? 
_citation.book_publisher            ? 
_citation.book_publisher_city       ? 
_citation.book_title                ? 
_citation.coordinate_linkage        ? 
_citation.country                   US 
_citation.database_id_Medline       ? 
_citation.details                   ? 
_citation.id                        primary 
_citation.journal_abbrev            'Nat. Struct. Mol. Biol.' 
_citation.journal_id_ASTM           ? 
_citation.journal_id_CSD            ? 
_citation.journal_id_ISSN           1545-9985 
_citation.journal_full              ? 
_citation.journal_issue             ? 
_citation.journal_volume            24 
_citation.language                  ? 
_citation.page_first                221 
_citation.page_last                 225 
_citation.title                     'Cotranslational folding of spectrin domains via partially structured states.' 
_citation.year                      2017 
_citation.database_id_CSD           ? 
_citation.pdbx_database_id_DOI      10.1038/nsmb.3355 
_citation.pdbx_database_id_PubMed   28112730 
_citation.unpublished_flag          ? 
# 
loop_
_citation_author.citation_id 
_citation_author.name 
_citation_author.ordinal 
_citation_author.identifier_ORCID 
primary 'Nilsson, O.B.'  1 ? 
primary 'Nickson, A.A.'  2 ? 
primary 'Hollins, J.J.'  3 ? 
primary 'Wickles, S.'    4 ? 
primary 'Steward, A.'    5 ? 
primary 'Beckmann, R.'   6 ? 
primary 'von Heijne, G.' 7 ? 
primary 'Clarke, J.'     8 ? 
# 
_entity.id                         1 
_entity.type                       polymer 
_entity.src_method                 man 
_entity.pdbx_description           spectrin 
_entity.formula_weight             19370.596 
_entity.pdbx_number_of_molecules   1 
_entity.pdbx_ec                    ? 
_entity.pdbx_mutation              ? 
_entity.pdbx_fragment              ? 
_entity.details                    ? 
# 
_entity_poly.entity_id                      1 
_entity_poly.type                           'polypeptide(L)' 
_entity_poly.nstd_linkage                   no 
_entity_poly.nstd_monomer                   no 
_entity_poly.pdbx_seq_one_letter_code       
;HGHHHHHHHHDYDIPTTLEVLFQGPGTKLNESHRLHQFFRDMDDEESWIKEKKLLVSSEDYGRDLTGVQNLRKKHKRLEA
ELAAHEPAIQGVLDTGKKLSDDNTIGKEEIQQRLAQFVDHWKELKQLAAARGQRLESGSGSGSGGPNILHISVTSKWFNI
DNKIVDHRP
;
_entity_poly.pdbx_seq_one_letter_code_can   
;HGHHHHHHHHDYDIPTTLEVLFQGPGTKLNESHRLHQFFRDMDDEESWIKEKKLLVSSEDYGRDLTGVQNLRKKHKRLEA
ELAAHEPAIQGVLDTGKKLSDDNTIGKEEIQQRLAQFVDHWKELKQLAAARGQRLESGSGSGSGGPNILHISVTSKWFNI
DNKIVDHRP
;
_entity_poly.pdbx_strand_id                 A 
_entity_poly.pdbx_target_identifier         ? 
# 
loop_
_entity_poly_seq.entity_id 
_entity_poly_seq.num 
_entity_poly_seq.mon_id 
_entity_poly_seq.hetero 
1 1   HIS n 
1 2   GLY n 
1 3   HIS n 
1 4   HIS n 
1 5   HIS n 
1 6   HIS n 
1 7   HIS n 
1 8   HIS n 
1 9   HIS n 
1 10  HIS n 
1 11  ASP n 
1 12  TYR n 
1 13  ASP n 
1 14  ILE n 
1 15  PRO n 
1 16  THR n 
1 17  THR n 
1 18  LEU n 
1 19  GLU n 
1 20  VAL n 
1 21  LEU n 
1 22  PHE n 
1 23  GLN n 
1 24  GLY n 
1 25  PRO n 
1 26  GLY n 
1 27  THR n 
1 28  LYS n 
1 29  LEU n 
1 30  ASN n 
1 31  GLU n 
1 32  SER n 
1 33  HIS n 
1 34  ARG n 
1 35  LEU n 
1 36  HIS n 
1 37  GLN n 
1 38  PHE n 
1 39  PHE n 
1 40  ARG n 
1 41  ASP n 
1 42  MET n 
1 43  ASP n 
1 44  ASP n 
1 45  GLU n 
1 46  GLU n 
1 47  SER n 
1 48  TRP n 
1 49  ILE n 
1 50  LYS n 
1 51  GLU n 
1 52  LYS n 
1 53  LYS n 
1 54  LEU n 
1 55  LEU n 
1 56  VAL n 
1 57  SER n 
1 58  SER n 
1 59  GLU n 
1 60  ASP n 
1 61  TYR n 
1 62  GLY n 
1 63  ARG n 
1 64  ASP n 
1 65  LEU n 
1 66  THR n 
1 67  GLY n 
1 68  VAL n 
1 69  GLN n 
1 70  ASN n 
1 71  LEU n 
1 72  ARG n 
1 73  LYS n 
1 74  LYS n 
1 75  HIS n 
1 76  LYS n 
1 77  ARG n 
1 78  LEU n 
1 79  GLU n 
1 80  ALA n 
1 81  GLU n 
1 82  LEU n 
1 83  ALA n 
1 84  ALA n 
1 85  HIS n 
1 86  GLU n 
1 87  PRO n 
1 88  ALA n 
1 89  ILE n 
1 90  GLN n 
1 91  GLY n 
1 92  VAL n 
1 93  LEU n 
1 94  ASP n 
1 95  THR n 
1 96  GLY n 
1 97  LYS n 
1 98  LYS n 
1 99  LEU n 
1 100 SER n 
1 101 ASP n 
1 102 ASP n 
1 103 ASN n 
1 104 THR n 
1 105 ILE n 
1 106 GLY n 
1 107 LYS n 
1 108 GLU n 
1 109 GLU n 
1 110 ILE n 
1 111 GLN n 
1 112 GLN n 
1 113 ARG n 
1 114 LEU n 
1 115 ALA n 
1 116 GLN n 
1 117 PHE n 
1 118 VAL n 
1 119 ASP n 
1 120 HIS n 
1 121 TRP n 
1 122 LYS n 
1 123 GLU n 
1 124 LEU n 
1 125 LYS n 
1 126 GLN n 
1 127 LEU n 
1 128 ALA n 
1 129 ALA n 
1 130 ALA n 
1 131 ARG n 
1 132 GLY n 
1 133 GLN n 
1 134 ARG n 
1 135 LEU n 
1 136 GLU n 
1 137 SER n 
1 138 GLY n 
1 139 SER n 
1 140 GLY n 
1 141 SER n 
1 142 GLY n 
1 143 SER n 
1 144 GLY n 
1 145 GLY n 
1 146 PRO n 
1 147 ASN n 
1 148 ILE n 
1 149 LEU n 
1 150 HIS n 
1 151 ILE n 
1 152 SER n 
1 153 VAL n 
1 154 THR n 
1 155 SER n 
1 156 LYS n 
1 157 TRP n 
1 158 PHE n 
1 159 ASN n 
1 160 ILE n 
1 161 ASP n 
1 162 ASN n 
1 163 LYS n 
1 164 ILE n 
1 165 VAL n 
1 166 ASP n 
1 167 HIS n 
1 168 ARG n 
1 169 PRO n 
# 
_entity_src_gen.entity_id                          1 
_entity_src_gen.pdbx_src_id                        1 
_entity_src_gen.pdbx_alt_source_flag               sample 
_entity_src_gen.pdbx_seq_type                      'Biological sequence' 
_entity_src_gen.pdbx_beg_seq_num                   1 
_entity_src_gen.pdbx_end_seq_num                   169 
_entity_src_gen.gene_src_common_name               ? 
_entity_src_gen.gene_src_genus                     ? 
_entity_src_gen.pdbx_gene_src_gene                 ? 
_entity_src_gen.gene_src_species                   ? 
_entity_src_gen.gene_src_strain                    ? 
_entity_src_gen.gene_src_tissue                    ? 
_entity_src_gen.gene_src_tissue_fraction           ? 
_entity_src_gen.gene_src_details                   ? 
_entity_src_gen.pdbx_gene_src_fragment             ? 
_entity_src_gen.pdbx_gene_src_scientific_name      'Escherichia coli' 
_entity_src_gen.pdbx_gene_src_ncbi_taxonomy_id     562 
_entity_src_gen.pdbx_gene_src_variant              ? 
_entity_src_gen.pdbx_gene_src_cell_line            ? 
_entity_src_gen.pdbx_gene_src_atcc                 ? 
_entity_src_gen.pdbx_gene_src_organ                ? 
_entity_src_gen.pdbx_gene_src_organelle            ? 
_entity_src_gen.pdbx_gene_src_cell                 ? 
_entity_src_gen.pdbx_gene_src_cellular_location    ? 
_entity_src_gen.host_org_common_name               ? 
_entity_src_gen.pdbx_host_org_scientific_name      'Escherichia coli' 
_entity_src_gen.pdbx_host_org_ncbi_taxonomy_id     562 
_entity_src_gen.host_org_genus                     ? 
_entity_src_gen.pdbx_host_org_gene                 ? 
_entity_src_gen.pdbx_host_org_organ                ? 
_entity_src_gen.host_org_species                   ? 
_entity_src_gen.pdbx_host_org_tissue               ? 
_entity_src_gen.pdbx_host_org_tissue_fraction      ? 
_entity_src_gen.pdbx_host_org_strain               ? 
_entity_src_gen.pdbx_host_org_variant              ? 
_entity_src_gen.pdbx_host_org_cell_line            ? 
_entity_src_gen.pdbx_host_org_atcc                 ? 
_entity_src_gen.pdbx_host_org_culture_collection   ? 
_entity_src_gen.pdbx_host_org_cell                 ? 
_entity_src_gen.pdbx_host_org_organelle            ? 
_entity_src_gen.pdbx_host_org_cellular_location    ? 
_entity_src_gen.pdbx_host_org_vector_type          ? 
_entity_src_gen.pdbx_host_org_vector               ? 
_entity_src_gen.host_org_details                   ? 
_entity_src_gen.expression_system_id               ? 
_entity_src_gen.plasmid_name                       pET19b 
_entity_src_gen.plasmid_details                    ? 
_entity_src_gen.pdbx_description                   ? 
# 
loop_
_chem_comp.id 
_chem_comp.type 
_chem_comp.mon_nstd_flag 
_chem_comp.name 
_chem_comp.pdbx_synonyms 
_chem_comp.formula 
_chem_comp.formula_weight 
ALA 'L-peptide linking' y ALANINE         ? 'C3 H7 N O2'     89.093  
ARG 'L-peptide linking' y ARGININE        ? 'C6 H15 N4 O2 1' 175.209 
ASN 'L-peptide linking' y ASPARAGINE      ? 'C4 H8 N2 O3'    132.118 
ASP 'L-peptide linking' y 'ASPARTIC ACID' ? 'C4 H7 N O4'     133.103 
GLN 'L-peptide linking' y GLUTAMINE       ? 'C5 H10 N2 O3'   146.144 
GLU 'L-peptide linking' y 'GLUTAMIC ACID' ? 'C5 H9 N O4'     147.129 
GLY 'peptide linking'   y GLYCINE         ? 'C2 H5 N O2'     75.067  
HIS 'L-peptide linking' y HISTIDINE       ? 'C6 H10 N3 O2 1' 156.162 
ILE 'L-peptide linking' y ISOLEUCINE      ? 'C6 H13 N O2'    131.173 
LEU 'L-peptide linking' y LEUCINE         ? 'C6 H13 N O2'    131.173 
LYS 'L-peptide linking' y LYSINE          ? 'C6 H15 N2 O2 1' 147.195 
MET 'L-peptide linking' y METHIONINE      ? 'C5 H11 N O2 S'  149.211 
PHE 'L-peptide linking' y PHENYLALANINE   ? 'C9 H11 N O2'    165.189 
PRO 'L-peptide linking' y PROLINE         ? 'C5 H9 N O2'     115.130 
SER 'L-peptide linking' y SERINE          ? 'C3 H7 N O3'     105.093 
THR 'L-peptide linking' y THREONINE       ? 'C4 H9 N O3'     119.119 
TRP 'L-peptide linking' y TRYPTOPHAN      ? 'C11 H12 N2 O2'  204.225 
TYR 'L-peptide linking' y TYROSINE        ? 'C9 H11 N O3'    181.189 
VAL 'L-peptide linking' y VALINE          ? 'C5 H11 N O2'    117.146 
# 
loop_
_pdbx_poly_seq_scheme.asym_id 
_pdbx_poly_seq_scheme.entity_id 
_pdbx_poly_seq_scheme.seq_id 
_pdbx_poly_seq_scheme.mon_id 
_pdbx_poly_seq_scheme.ndb_seq_num 
_pdbx_poly_seq_scheme.pdb_seq_num 
_pdbx_poly_seq_scheme.auth_seq_num 
_pdbx_poly_seq_scheme.pdb_mon_id 
_pdbx_poly_seq_scheme.auth_mon_id 
_pdbx_poly_seq_scheme.pdb_strand_id 
_pdbx_poly_seq_scheme.pdb_ins_code 
_pdbx_poly_seq_scheme.hetero 
A 1 1   HIS 1   -25 ?   ?   ?   A . n 
A 1 2   GLY 2   -24 ?   ?   ?   A . n 
A 1 3   HIS 3   -23 ?   ?   ?   A . n 
A 1 4   HIS 4   -22 ?   ?   ?   A . n 
A 1 5   HIS 5   -21 ?   ?   ?   A . n 
A 1 6   HIS 6   -20 ?   ?   ?   A . n 
A 1 7   HIS 7   -19 ?   ?   ?   A . n 
A 1 8   HIS 8   -18 ?   ?   ?   A . n 
A 1 9   HIS 9   -17 ?   ?   ?   A . n 
A 1 10  HIS 10  -16 ?   ?   ?   A . n 
A 1 11  ASP 11  -15 ?   ?   ?   A . n 
A 1 12  TYR 12  -14 ?   ?   ?   A . n 
A 1 13  ASP 13  -13 ?   ?   ?   A . n 
A 1 14  ILE 14  -12 ?   ?   ?   A . n 
A 1 15  PRO 15  -11 ?   ?   ?   A . n 
A 1 16  THR 16  -10 ?   ?   ?   A . n 
A 1 17  THR 17  -9  ?   ?   ?   A . n 
A 1 18  LEU 18  -8  ?   ?   ?   A . n 
A 1 19  GLU 19  -7  ?   ?   ?   A . n 
A 1 20  VAL 20  -6  ?   ?   ?   A . n 
A 1 21  LEU 21  -5  ?   ?   ?   A . n 
A 1 22  PHE 22  -4  ?   ?   ?   A . n 
A 1 23  GLN 23  -3  ?   ?   ?   A . n 
A 1 24  GLY 24  -2  ?   ?   ?   A . n 
A 1 25  PRO 25  -1  ?   ?   ?   A . n 
A 1 26  GLY 26  0   ?   ?   ?   A . n 
A 1 27  THR 27  1   ?   ?   ?   A . n 
A 1 28  LYS 28  2   ?   ?   ?   A . n 
A 1 29  LEU 29  3   ?   ?   ?   A . n 
A 1 30  ASN 30  4   ?   ?   ?   A . n 
A 1 31  GLU 31  5   ?   ?   ?   A . n 
A 1 32  SER 32  6   ?   ?   ?   A . n 
A 1 33  HIS 33  7   ?   ?   ?   A . n 
A 1 34  ARG 34  8   ?   ?   ?   A . n 
A 1 35  LEU 35  9   ?   ?   ?   A . n 
A 1 36  HIS 36  10  10  HIS HIS A . n 
A 1 37  GLN 37  11  11  GLN GLN A . n 
A 1 38  PHE 38  12  12  PHE PHE A . n 
A 1 39  PHE 39  13  13  PHE PHE A . n 
A 1 40  ARG 40  14  14  ARG ARG A . n 
A 1 41  ASP 41  15  15  ASP ASP A . n 
A 1 42  MET 42  16  16  MET MET A . n 
A 1 43  ASP 43  17  17  ASP ASP A . n 
A 1 44  ASP 44  18  18  ASP ASP A . n 
A 1 45  GLU 45  19  19  GLU GLU A . n 
A 1 46  GLU 46  20  20  GLU GLU A . n 
A 1 47  SER 47  21  21  SER SER A . n 
A 1 48  TRP 48  22  22  TRP TRP A . n 
A 1 49  ILE 49  23  23  ILE ILE A . n 
A 1 50  LYS 50  24  24  LYS LYS A . n 
A 1 51  GLU 51  25  25  GLU GLU A . n 
A 1 52  LYS 52  26  26  LYS LYS A . n 
A 1 53  LYS 53  27  27  LYS LYS A . n 
A 1 54  LEU 54  28  28  LEU LEU A . n 
A 1 55  LEU 55  29  29  LEU LEU A . n 
A 1 56  VAL 56  30  30  VAL VAL A . n 
A 1 57  SER 57  31  31  SER SER A . n 
A 1 58  SER 58  32  32  SER SER A . n 
A 1 59  GLU 59  33  33  GLU GLU A . n 
A 1 60  ASP 60  34  34  ASP ASP A . n 
A 1 61  TYR 61  35  35  TYR TYR A . n 
A 1 62  GLY 62  36  36  GLY GLY A . n 
A 1 63  ARG 63  37  37  ARG ARG A . n 
A 1 64  ASP 64  38  38  ASP ASP A . n 
A 1 65  LEU 65  39  39  LEU LEU A . n 
A 1 66  THR 66  40  40  THR THR A . n 
A 1 67  GLY 67  41  41  GLY GLY A . n 
A 1 68  VAL 68  42  42  VAL VAL A . n 
A 1 69  GLN 69  43  43  GLN GLN A . n 
A 1 70  ASN 70  44  44  ASN ASN A . n 
A 1 71  LEU 71  45  45  LEU LEU A . n 
A 1 72  ARG 72  46  46  ARG ARG A . n 
A 1 73  LYS 73  47  47  LYS LYS A . n 
A 1 74  LYS 74  48  48  LYS LYS A . n 
A 1 75  HIS 75  49  49  HIS HIS A . n 
A 1 76  LYS 76  50  50  LYS LYS A . n 
A 1 77  ARG 77  51  51  ARG ARG A . n 
A 1 78  LEU 78  52  52  LEU LEU A . n 
A 1 79  GLU 79  53  53  GLU GLU A . n 
A 1 80  ALA 80  54  54  ALA ALA A . n 
A 1 81  GLU 81  55  55  GLU GLU A . n 
A 1 82  LEU 82  56  56  LEU LEU A . n 
A 1 83  ALA 83  57  57  ALA ALA A . n 
A 1 84  ALA 84  58  58  ALA ALA A . n 
A 1 85  HIS 85  59  59  HIS HIS A . n 
A 1 86  GLU 86  60  60  GLU GLU A . n 
A 1 87  PRO 87  61  61  PRO PRO A . n 
A 1 88  ALA 88  62  62  ALA ALA A . n 
A 1 89  ILE 89  63  63  ILE ILE A . n 
A 1 90  GLN 90  64  64  GLN GLN A . n 
A 1 91  GLY 91  65  65  GLY GLY A . n 
A 1 92  VAL 92  66  66  VAL VAL A . n 
A 1 93  LEU 93  67  67  LEU LEU A . n 
A 1 94  ASP 94  68  68  ASP ASP A . n 
A 1 95  THR 95  69  69  THR THR A . n 
A 1 96  GLY 96  70  70  GLY GLY A . n 
A 1 97  LYS 97  71  71  LYS LYS A . n 
A 1 98  LYS 98  72  72  LYS LYS A . n 
A 1 99  LEU 99  73  73  LEU LEU A . n 
A 1 100 SER 100 74  74  SER SER A . n 
A 1 101 ASP 101 75  75  ASP ASP A . n 
A 1 102 ASP 102 76  76  ASP ASP A . n 
A 1 103 ASN 103 77  77  ASN ASN A . n 
A 1 104 THR 104 78  78  THR THR A . n 
A 1 105 ILE 105 79  79  ILE ILE A . n 
A 1 106 GLY 106 80  80  GLY GLY A . n 
A 1 107 LYS 107 81  81  LYS LYS A . n 
A 1 108 GLU 108 82  82  GLU GLU A . n 
A 1 109 GLU 109 83  83  GLU GLU A . n 
A 1 110 ILE 110 84  84  ILE ILE A . n 
A 1 111 GLN 111 85  85  GLN GLN A . n 
A 1 112 GLN 112 86  86  GLN GLN A . n 
A 1 113 ARG 113 87  87  ARG ARG A . n 
A 1 114 LEU 114 88  88  LEU LEU A . n 
A 1 115 ALA 115 89  89  ALA ALA A . n 
A 1 116 GLN 116 90  90  GLN GLN A . n 
A 1 117 PHE 117 91  91  PHE PHE A . n 
A 1 118 VAL 118 92  92  VAL VAL A . n 
A 1 119 ASP 119 93  93  ASP ASP A . n 
A 1 120 HIS 120 94  94  HIS HIS A . n 
A 1 121 TRP 121 95  95  TRP TRP A . n 
A 1 122 LYS 122 96  96  LYS LYS A . n 
A 1 123 GLU 123 97  97  GLU GLU A . n 
A 1 124 LEU 124 98  98  LEU LEU A . n 
A 1 125 LYS 125 99  99  LYS LYS A . n 
A 1 126 GLN 126 100 100 GLN GLN A . n 
A 1 127 LEU 127 101 101 LEU LEU A . n 
A 1 128 ALA 128 102 102 ALA ALA A . n 
A 1 129 ALA 129 103 103 ALA ALA A . n 
A 1 130 ALA 130 104 104 ALA ALA A . n 
A 1 131 ARG 131 105 105 ARG ARG A . n 
A 1 132 GLY 132 106 106 GLY GLY A . n 
A 1 133 GLN 133 107 107 GLN GLN A . n 
A 1 134 ARG 134 108 ?   ?   ?   A . n 
A 1 135 LEU 135 109 ?   ?   ?   A . n 
A 1 136 GLU 136 110 ?   ?   ?   A . n 
A 1 137 SER 137 111 ?   ?   ?   A . n 
A 1 138 GLY 138 112 ?   ?   ?   A . n 
A 1 139 SER 139 113 ?   ?   ?   A . n 
A 1 140 GLY 140 114 ?   ?   ?   A . n 
A 1 141 SER 141 115 ?   ?   ?   A . n 
A 1 142 GLY 142 116 ?   ?   ?   A . n 
A 1 143 SER 143 117 ?   ?   ?   A . n 
A 1 144 GLY 144 118 ?   ?   ?   A . n 
A 1 145 GLY 145 119 ?   ?   ?   A . n 
A 1 146 PRO 146 120 ?   ?   ?   A . n 
A 1 147 ASN 147 121 ?   ?   ?   A . n 
A 1 148 ILE 148 122 ?   ?   ?   A . n 
A 1 149 LEU 149 123 ?   ?   ?   A . n 
A 1 150 HIS 150 124 ?   ?   ?   A . n 
A 1 151 ILE 151 125 ?   ?   ?   A . n 
A 1 152 SER 152 126 ?   ?   ?   A . n 
A 1 153 VAL 153 127 ?   ?   ?   A . n 
A 1 154 THR 154 128 ?   ?   ?   A . n 
A 1 155 SER 155 129 ?   ?   ?   A . n 
A 1 156 LYS 156 130 ?   ?   ?   A . n 
A 1 157 TRP 157 131 ?   ?   ?   A . n 
A 1 158 PHE 158 132 ?   ?   ?   A . n 
A 1 159 ASN 159 133 ?   ?   ?   A . n 
A 1 160 ILE 160 134 ?   ?   ?   A . n 
A 1 161 ASP 161 135 ?   ?   ?   A . n 
A 1 162 ASN 162 136 ?   ?   ?   A . n 
A 1 163 LYS 163 137 ?   ?   ?   A . n 
A 1 164 ILE 164 138 ?   ?   ?   A . n 
A 1 165 VAL 165 139 ?   ?   ?   A . n 
A 1 166 ASP 166 140 ?   ?   ?   A . n 
A 1 167 HIS 167 141 ?   ?   ?   A . n 
A 1 168 ARG 168 142 ?   ?   ?   A . n 
A 1 169 PRO 169 143 ?   ?   ?   A . n 
# 
_exptl.absorpt_coefficient_mu     ? 
_exptl.absorpt_correction_T_max   ? 
_exptl.absorpt_correction_T_min   ? 
_exptl.absorpt_correction_type    ? 
_exptl.absorpt_process_details    ? 
_exptl.entry_id                   5M6S 
_exptl.crystals_number            ? 
_exptl.details                    ? 
_exptl.method                     'ELECTRON MICROSCOPY' 
_exptl.method_details             ? 
# 
_struct.entry_id                     5M6S 
_struct.title                        'folding intermediate of spectrin R16' 
_struct.pdbx_model_details           ? 
_struct.pdbx_formula_weight          ? 
_struct.pdbx_formula_weight_method   ? 
_struct.pdbx_model_type_details      ? 
_struct.pdbx_CASP_flag               N 
# 
_struct_keywords.entry_id        5M6S 
_struct_keywords.text            'spectrin, r16, STRUCTURAL PROTEIN' 
_struct_keywords.pdbx_keywords   'STRUCTURAL PROTEIN' 
# 
_struct_asym.id                            A 
_struct_asym.pdbx_blank_PDB_chainid_flag   N 
_struct_asym.pdbx_modified                 N 
_struct_asym.entity_id                     1 
_struct_asym.details                       ? 
# 
_struct_ref.id                         1 
_struct_ref.db_name                    PDB 
_struct_ref.db_code                    5M6S 
_struct_ref.pdbx_db_accession          5M6S 
_struct_ref.pdbx_db_isoform            ? 
_struct_ref.entity_id                  1 
_struct_ref.pdbx_seq_one_letter_code   ? 
_struct_ref.pdbx_align_begin           1 
# 
_struct_ref_seq.align_id                      1 
_struct_ref_seq.ref_id                        1 
_struct_ref_seq.pdbx_PDB_id_code              5M6S 
_struct_ref_seq.pdbx_strand_id                A 
_struct_ref_seq.seq_align_beg                 1 
_struct_ref_seq.pdbx_seq_align_beg_ins_code   ? 
_struct_ref_seq.seq_align_end                 169 
_struct_ref_seq.pdbx_seq_align_end_ins_code   ? 
_struct_ref_seq.pdbx_db_accession             5M6S 
_struct_ref_seq.db_align_beg                  -25 
_struct_ref_seq.pdbx_db_align_beg_ins_code    ? 
_struct_ref_seq.db_align_end                  143 
_struct_ref_seq.pdbx_db_align_end_ins_code    ? 
_struct_ref_seq.pdbx_auth_seq_align_beg       -25 
_struct_ref_seq.pdbx_auth_seq_align_end       143 
# 
_pdbx_struct_assembly.id                   1 
_pdbx_struct_assembly.details              software_defined_assembly 
_pdbx_struct_assembly.method_details       PISA 
_pdbx_struct_assembly.oligomeric_details   monomeric 
_pdbx_struct_assembly.oligomeric_count     1 
# 
loop_
_pdbx_struct_assembly_prop.biol_id 
_pdbx_struct_assembly_prop.type 
_pdbx_struct_assembly_prop.value 
_pdbx_struct_assembly_prop.details 
1 'ABSA (A^2)' 0    ? 
1 MORE         0    ? 
1 'SSA (A^2)'  6420 ? 
# 
_pdbx_struct_assembly_gen.assembly_id       1 
_pdbx_struct_assembly_gen.oper_expression   1 
_pdbx_struct_assembly_gen.asym_id_list      A 
# 
_pdbx_struct_oper_list.id                   1 
_pdbx_struct_oper_list.type                 'identity operation' 
_pdbx_struct_oper_list.name                 1_555 
_pdbx_struct_oper_list.symmetry_operation   ? 
_pdbx_struct_oper_list.matrix[1][1]         1.0000000000 
_pdbx_struct_oper_list.matrix[1][2]         0.0000000000 
_pdbx_struct_oper_list.matrix[1][3]         0.0000000000 
_pdbx_struct_oper_list.vector[1]            0.0000000000 
_pdbx_struct_oper_list.matrix[2][1]         0.0000000000 
_pdbx_struct_oper_list.matrix[2][2]         1.0000000000 
_pdbx_struct_oper_list.matrix[2][3]         0.0000000000 
_pdbx_struct_oper_list.vector[2]            0.0000000000 
_pdbx_struct_oper_list.matrix[3][1]         0.0000000000 
_pdbx_struct_oper_list.matrix[3][2]         0.0000000000 
_pdbx_struct_oper_list.matrix[3][3]         1.0000000000 
_pdbx_struct_oper_list.vector[3]            0.0000000000 
# 
loop_
_struct_conf.conf_type_id 
_struct_conf.id 
_struct_conf.pdbx_PDB_helix_id 
_struct_conf.beg_label_comp_id 
_struct_conf.beg_label_asym_id 
_struct_conf.beg_label_seq_id 
_struct_conf.pdbx_beg_PDB_ins_code 
_struct_conf.end_label_comp_id 
_struct_conf.end_label_asym_id 
_struct_conf.end_label_seq_id 
_struct_conf.pdbx_end_PDB_ins_code 
_struct_conf.beg_auth_comp_id 
_struct_conf.beg_auth_asym_id 
_struct_conf.beg_auth_seq_id 
_struct_conf.end_auth_comp_id 
_struct_conf.end_auth_asym_id 
_struct_conf.end_auth_seq_id 
_struct_conf.pdbx_PDB_helix_class 
_struct_conf.details 
_struct_conf.pdbx_PDB_helix_length 
HELX_P HELX_P1 AA1 HIS A 36  ? GLU A 59  ? HIS A 10 GLU A 33  1 ? 24 
HELX_P HELX_P2 AA2 ARG A 63  ? ASN A 103 ? ARG A 37 ASN A 77  1 ? 41 
HELX_P HELX_P3 AA3 GLY A 106 ? GLN A 133 ? GLY A 80 GLN A 107 1 ? 28 
# 
_struct_conf_type.id          HELX_P 
_struct_conf_type.criteria    ? 
_struct_conf_type.reference   ? 
# 
loop_
_pdbx_validate_torsion.id 
_pdbx_validate_torsion.PDB_model_num 
_pdbx_validate_torsion.auth_comp_id 
_pdbx_validate_torsion.auth_asym_id 
_pdbx_validate_torsion.auth_seq_id 
_pdbx_validate_torsion.PDB_ins_code 
_pdbx_validate_torsion.label_alt_id 
_pdbx_validate_torsion.phi 
_pdbx_validate_torsion.psi 
1 1 ASP A 34 ? ? -133.86 -45.66 
2 1 ARG A 37 ? ? 71.27   118.75 
3 1 ASN A 77 ? ? -153.10 -59.01 
4 1 THR A 78 ? ? 70.88   -70.35 
5 1 ILE A 79 ? ? -57.71  93.10  
# 
_em_3d_fitting.entry_id          5M6S 
_em_3d_fitting.id                1 
_em_3d_fitting.details           ? 
_em_3d_fitting.overall_b_value   ? 
_em_3d_fitting.ref_protocol      'RIGID BODY FIT' 
_em_3d_fitting.ref_space         ? 
_em_3d_fitting.target_criteria   ? 
_em_3d_fitting.method            ? 
# 
_em_3d_reconstruction.entry_id                    5M6S 
_em_3d_reconstruction.id                          1 
_em_3d_reconstruction.algorithm                   ? 
_em_3d_reconstruction.details                     
;To exclude potential overfitting, the data were processed using a frequency limited refinement protocol by truncating high frequencies (low-pass filter at 8 A)
;
_em_3d_reconstruction.refinement_type             ? 
_em_3d_reconstruction.image_processing_id         1 
_em_3d_reconstruction.num_class_averages          ? 
_em_3d_reconstruction.num_particles               46067 
_em_3d_reconstruction.resolution                  4.8 
_em_3d_reconstruction.resolution_method           'FSC 0.143 CUT-OFF' 
_em_3d_reconstruction.symmetry_type               POINT 
_em_3d_reconstruction.method                      ? 
_em_3d_reconstruction.nominal_pixel_size          ? 
_em_3d_reconstruction.actual_pixel_size           ? 
_em_3d_reconstruction.magnification_calibration   ? 
# 
_em_buffer.id            1 
_em_buffer.details       ? 
_em_buffer.pH            7.4 
_em_buffer.specimen_id   1 
_em_buffer.name          ? 
# 
_em_entity_assembly.id                   1 
_em_entity_assembly.parent_id            0 
_em_entity_assembly.details              ? 
_em_entity_assembly.name                 'spectrin folding intermediate bound to 70s ribosome' 
_em_entity_assembly.source               'MULTIPLE SOURCES' 
_em_entity_assembly.type                 RIBOSOME 
_em_entity_assembly.entity_id_list       1 
_em_entity_assembly.synonym              ? 
_em_entity_assembly.oligomeric_details   ? 
# 
_em_imaging.id                              1 
_em_imaging.entry_id                        5M6S 
_em_imaging.accelerating_voltage            300 
_em_imaging.alignment_procedure             ? 
_em_imaging.c2_aperture_diameter            ? 
_em_imaging.calibrated_defocus_max          ? 
_em_imaging.calibrated_defocus_min          ? 
_em_imaging.calibrated_magnification        ? 
_em_imaging.cryogen                         ? 
_em_imaging.details                         ? 
_em_imaging.electron_source                 'FIELD EMISSION GUN' 
_em_imaging.illumination_mode               'SPOT SCAN' 
_em_imaging.microscope_model                'FEI TITAN KRIOS' 
_em_imaging.mode                            'BRIGHT FIELD' 
_em_imaging.nominal_cs                      ? 
_em_imaging.nominal_defocus_max             ? 
_em_imaging.nominal_defocus_min             ? 
_em_imaging.nominal_magnification           ? 
_em_imaging.recording_temperature_maximum   ? 
_em_imaging.recording_temperature_minimum   ? 
_em_imaging.residual_tilt                   ? 
_em_imaging.specimen_holder_model           ? 
_em_imaging.specimen_id                     1 
_em_imaging.citation_id                     ? 
_em_imaging.date                            ? 
_em_imaging.temperature                     ? 
_em_imaging.tilt_angle_min                  ? 
_em_imaging.tilt_angle_max                  ? 
_em_imaging.astigmatism                     ? 
_em_imaging.detector_distance               ? 
_em_imaging.electron_beam_tilt_params       ? 
_em_imaging.specimen_holder_type            ? 
# 
_em_sample_support.id               1 
_em_sample_support.specimen_id      1 
_em_sample_support.details          ? 
_em_sample_support.grid_material    COPPER 
_em_sample_support.grid_mesh_size   ? 
_em_sample_support.grid_type        'Quantifoil R3/3' 
_em_sample_support.method           ? 
_em_sample_support.film_material    ? 
# 
_em_vitrification.id                    1 
_em_vitrification.specimen_id           1 
_em_vitrification.chamber_temperature   ? 
_em_vitrification.cryogen_name          ETHANE 
_em_vitrification.details               ? 
_em_vitrification.humidity              ? 
_em_vitrification.instrument            'FEI VITROBOT MARK IV' 
_em_vitrification.entry_id              5M6S 
_em_vitrification.citation_id           ? 
_em_vitrification.method                ? 
_em_vitrification.temp                  ? 
_em_vitrification.time_resolved_state   ? 
# 
_em_experiment.entry_id                5M6S 
_em_experiment.id                      1 
_em_experiment.aggregation_state       PARTICLE 
_em_experiment.reconstruction_method   'SINGLE PARTICLE' 
_em_experiment.entity_assembly_id      1 
# 
loop_
_pdbx_unobs_or_zero_occ_residues.id 
_pdbx_unobs_or_zero_occ_residues.PDB_model_num 
_pdbx_unobs_or_zero_occ_residues.polymer_flag 
_pdbx_unobs_or_zero_occ_residues.occupancy_flag 
_pdbx_unobs_or_zero_occ_residues.auth_asym_id 
_pdbx_unobs_or_zero_occ_residues.auth_comp_id 
_pdbx_unobs_or_zero_occ_residues.auth_seq_id 
_pdbx_unobs_or_zero_occ_residues.PDB_ins_code 
_pdbx_unobs_or_zero_occ_residues.label_asym_id 
_pdbx_unobs_or_zero_occ_residues.label_comp_id 
_pdbx_unobs_or_zero_occ_residues.label_seq_id 
1  1 Y 1 A HIS -25 ? A HIS 1   
2  1 Y 1 A GLY -24 ? A GLY 2   
3  1 Y 1 A HIS -23 ? A HIS 3   
4  1 Y 1 A HIS -22 ? A HIS 4   
5  1 Y 1 A HIS -21 ? A HIS 5   
6  1 Y 1 A HIS -20 ? A HIS 6   
7  1 Y 1 A HIS -19 ? A HIS 7   
8  1 Y 1 A HIS -18 ? A HIS 8   
9  1 Y 1 A HIS -17 ? A HIS 9   
10 1 Y 1 A HIS -16 ? A HIS 10  
11 1 Y 1 A ASP -15 ? A ASP 11  
12 1 Y 1 A TYR -14 ? A TYR 12  
13 1 Y 1 A ASP -13 ? A ASP 13  
14 1 Y 1 A ILE -12 ? A ILE 14  
15 1 Y 1 A PRO -11 ? A PRO 15  
16 1 Y 1 A THR -10 ? A THR 16  
17 1 Y 1 A THR -9  ? A THR 17  
18 1 Y 1 A LEU -8  ? A LEU 18  
19 1 Y 1 A GLU -7  ? A GLU 19  
20 1 Y 1 A VAL -6  ? A VAL 20  
21 1 Y 1 A LEU -5  ? A LEU 21  
22 1 Y 1 A PHE -4  ? A PHE 22  
23 1 Y 1 A GLN -3  ? A GLN 23  
24 1 Y 1 A GLY -2  ? A GLY 24  
25 1 Y 1 A PRO -1  ? A PRO 25  
26 1 Y 1 A GLY 0   ? A GLY 26  
27 1 Y 1 A THR 1   ? A THR 27  
28 1 Y 1 A LYS 2   ? A LYS 28  
29 1 Y 1 A LEU 3   ? A LEU 29  
30 1 Y 1 A ASN 4   ? A ASN 30  
31 1 Y 1 A GLU 5   ? A GLU 31  
32 1 Y 1 A SER 6   ? A SER 32  
33 1 Y 1 A HIS 7   ? A HIS 33  
34 1 Y 1 A ARG 8   ? A ARG 34  
35 1 Y 1 A LEU 9   ? A LEU 35  
36 1 Y 1 A ARG 108 ? A ARG 134 
37 1 Y 1 A LEU 109 ? A LEU 135 
38 1 Y 1 A GLU 110 ? A GLU 136 
39 1 Y 1 A SER 111 ? A SER 137 
40 1 Y 1 A GLY 112 ? A GLY 138 
41 1 Y 1 A SER 113 ? A SER 139 
42 1 Y 1 A GLY 114 ? A GLY 140 
43 1 Y 1 A SER 115 ? A SER 141 
44 1 Y 1 A GLY 116 ? A GLY 142 
45 1 Y 1 A SER 117 ? A SER 143 
46 1 Y 1 A GLY 118 ? A GLY 144 
47 1 Y 1 A GLY 119 ? A GLY 145 
48 1 Y 1 A PRO 120 ? A PRO 146 
49 1 Y 1 A ASN 121 ? A ASN 147 
50 1 Y 1 A ILE 122 ? A ILE 148 
51 1 Y 1 A LEU 123 ? A LEU 149 
52 1 Y 1 A HIS 124 ? A HIS 150 
53 1 Y 1 A ILE 125 ? A ILE 151 
54 1 Y 1 A SER 126 ? A SER 152 
55 1 Y 1 A VAL 127 ? A VAL 153 
56 1 Y 1 A THR 128 ? A THR 154 
57 1 Y 1 A SER 129 ? A SER 155 
58 1 Y 1 A LYS 130 ? A LYS 156 
59 1 Y 1 A TRP 131 ? A TRP 157 
60 1 Y 1 A PHE 132 ? A PHE 158 
61 1 Y 1 A ASN 133 ? A ASN 159 
62 1 Y 1 A ILE 134 ? A ILE 160 
63 1 Y 1 A ASP 135 ? A ASP 161 
64 1 Y 1 A ASN 136 ? A ASN 162 
65 1 Y 1 A LYS 137 ? A LYS 163 
66 1 Y 1 A ILE 138 ? A ILE 164 
67 1 Y 1 A VAL 139 ? A VAL 165 
68 1 Y 1 A ASP 140 ? A ASP 166 
69 1 Y 1 A HIS 141 ? A HIS 167 
70 1 Y 1 A ARG 142 ? A ARG 168 
71 1 Y 1 A PRO 143 ? A PRO 169 
# 
loop_
_chem_comp_atom.comp_id 
_chem_comp_atom.atom_id 
_chem_comp_atom.type_symbol 
_chem_comp_atom.pdbx_aromatic_flag 
_chem_comp_atom.pdbx_stereo_config 
_chem_comp_atom.pdbx_ordinal 
ALA N    N N N 1   
ALA CA   C N S 2   
ALA C    C N N 3   
ALA O    O N N 4   
ALA CB   C N N 5   
ALA OXT  O N N 6   
ALA H    H N N 7   
ALA H2   H N N 8   
ALA HA   H N N 9   
ALA HB1  H N N 10  
ALA HB2  H N N 11  
ALA HB3  H N N 12  
ALA HXT  H N N 13  
ARG N    N N N 14  
ARG CA   C N S 15  
ARG C    C N N 16  
ARG O    O N N 17  
ARG CB   C N N 18  
ARG CG   C N N 19  
ARG CD   C N N 20  
ARG NE   N N N 21  
ARG CZ   C N N 22  
ARG NH1  N N N 23  
ARG NH2  N N N 24  
ARG OXT  O N N 25  
ARG H    H N N 26  
ARG H2   H N N 27  
ARG HA   H N N 28  
ARG HB2  H N N 29  
ARG HB3  H N N 30  
ARG HG2  H N N 31  
ARG HG3  H N N 32  
ARG HD2  H N N 33  
ARG HD3  H N N 34  
ARG HE   H N N 35  
ARG HH11 H N N 36  
ARG HH12 H N N 37  
ARG HH21 H N N 38  
ARG HH22 H N N 39  
ARG HXT  H N N 40  
ASN N    N N N 41  
ASN CA   C N S 42  
ASN C    C N N 43  
ASN O    O N N 44  
ASN CB   C N N 45  
ASN CG   C N N 46  
ASN OD1  O N N 47  
ASN ND2  N N N 48  
ASN OXT  O N N 49  
ASN H    H N N 50  
ASN H2   H N N 51  
ASN HA   H N N 52  
ASN HB2  H N N 53  
ASN HB3  H N N 54  
ASN HD21 H N N 55  
ASN HD22 H N N 56  
ASN HXT  H N N 57  
ASP N    N N N 58  
ASP CA   C N S 59  
ASP C    C N N 60  
ASP O    O N N 61  
ASP CB   C N N 62  
ASP CG   C N N 63  
ASP OD1  O N N 64  
ASP OD2  O N N 65  
ASP OXT  O N N 66  
ASP H    H N N 67  
ASP H2   H N N 68  
ASP HA   H N N 69  
ASP HB2  H N N 70  
ASP HB3  H N N 71  
ASP HD2  H N N 72  
ASP HXT  H N N 73  
GLN N    N N N 74  
GLN CA   C N S 75  
GLN C    C N N 76  
GLN O    O N N 77  
GLN CB   C N N 78  
GLN CG   C N N 79  
GLN CD   C N N 80  
GLN OE1  O N N 81  
GLN NE2  N N N 82  
GLN OXT  O N N 83  
GLN H    H N N 84  
GLN H2   H N N 85  
GLN HA   H N N 86  
GLN HB2  H N N 87  
GLN HB3  H N N 88  
GLN HG2  H N N 89  
GLN HG3  H N N 90  
GLN HE21 H N N 91  
GLN HE22 H N N 92  
GLN HXT  H N N 93  
GLU N    N N N 94  
GLU CA   C N S 95  
GLU C    C N N 96  
GLU O    O N N 97  
GLU CB   C N N 98  
GLU CG   C N N 99  
GLU CD   C N N 100 
GLU OE1  O N N 101 
GLU OE2  O N N 102 
GLU OXT  O N N 103 
GLU H    H N N 104 
GLU H2   H N N 105 
GLU HA   H N N 106 
GLU HB2  H N N 107 
GLU HB3  H N N 108 
GLU HG2  H N N 109 
GLU HG3  H N N 110 
GLU HE2  H N N 111 
GLU HXT  H N N 112 
GLY N    N N N 113 
GLY CA   C N N 114 
GLY C    C N N 115 
GLY O    O N N 116 
GLY OXT  O N N 117 
GLY H    H N N 118 
GLY H2   H N N 119 
GLY HA2  H N N 120 
GLY HA3  H N N 121 
GLY HXT  H N N 122 
HIS N    N N N 123 
HIS CA   C N S 124 
HIS C    C N N 125 
HIS O    O N N 126 
HIS CB   C N N 127 
HIS CG   C Y N 128 
HIS ND1  N Y N 129 
HIS CD2  C Y N 130 
HIS CE1  C Y N 131 
HIS NE2  N Y N 132 
HIS OXT  O N N 133 
HIS H    H N N 134 
HIS H2   H N N 135 
HIS HA   H N N 136 
HIS HB2  H N N 137 
HIS HB3  H N N 138 
HIS HD1  H N N 139 
HIS HD2  H N N 140 
HIS HE1  H N N 141 
HIS HE2  H N N 142 
HIS HXT  H N N 143 
ILE N    N N N 144 
ILE CA   C N S 145 
ILE C    C N N 146 
ILE O    O N N 147 
ILE CB   C N S 148 
ILE CG1  C N N 149 
ILE CG2  C N N 150 
ILE CD1  C N N 151 
ILE OXT  O N N 152 
ILE H    H N N 153 
ILE H2   H N N 154 
ILE HA   H N N 155 
ILE HB   H N N 156 
ILE HG12 H N N 157 
ILE HG13 H N N 158 
ILE HG21 H N N 159 
ILE HG22 H N N 160 
ILE HG23 H N N 161 
ILE HD11 H N N 162 
ILE HD12 H N N 163 
ILE HD13 H N N 164 
ILE HXT  H N N 165 
LEU N    N N N 166 
LEU CA   C N S 167 
LEU C    C N N 168 
LEU O    O N N 169 
LEU CB   C N N 170 
LEU CG   C N N 171 
LEU CD1  C N N 172 
LEU CD2  C N N 173 
LEU OXT  O N N 174 
LEU H    H N N 175 
LEU H2   H N N 176 
LEU HA   H N N 177 
LEU HB2  H N N 178 
LEU HB3  H N N 179 
LEU HG   H N N 180 
LEU HD11 H N N 181 
LEU HD12 H N N 182 
LEU HD13 H N N 183 
LEU HD21 H N N 184 
LEU HD22 H N N 185 
LEU HD23 H N N 186 
LEU HXT  H N N 187 
LYS N    N N N 188 
LYS CA   C N S 189 
LYS C    C N N 190 
LYS O    O N N 191 
LYS CB   C N N 192 
LYS CG   C N N 193 
LYS CD   C N N 194 
LYS CE   C N N 195 
LYS NZ   N N N 196 
LYS OXT  O N N 197 
LYS H    H N N 198 
LYS H2   H N N 199 
LYS HA   H N N 200 
LYS HB2  H N N 201 
LYS HB3  H N N 202 
LYS HG2  H N N 203 
LYS HG3  H N N 204 
LYS HD2  H N N 205 
LYS HD3  H N N 206 
LYS HE2  H N N 207 
LYS HE3  H N N 208 
LYS HZ1  H N N 209 
LYS HZ2  H N N 210 
LYS HZ3  H N N 211 
LYS HXT  H N N 212 
MET N    N N N 213 
MET CA   C N S 214 
MET C    C N N 215 
MET O    O N N 216 
MET CB   C N N 217 
MET CG   C N N 218 
MET SD   S N N 219 
MET CE   C N N 220 
MET OXT  O N N 221 
MET H    H N N 222 
MET H2   H N N 223 
MET HA   H N N 224 
MET HB2  H N N 225 
MET HB3  H N N 226 
MET HG2  H N N 227 
MET HG3  H N N 228 
MET HE1  H N N 229 
MET HE2  H N N 230 
MET HE3  H N N 231 
MET HXT  H N N 232 
PHE N    N N N 233 
PHE CA   C N S 234 
PHE C    C N N 235 
PHE O    O N N 236 
PHE CB   C N N 237 
PHE CG   C Y N 238 
PHE CD1  C Y N 239 
PHE CD2  C Y N 240 
PHE CE1  C Y N 241 
PHE CE2  C Y N 242 
PHE CZ   C Y N 243 
PHE OXT  O N N 244 
PHE H    H N N 245 
PHE H2   H N N 246 
PHE HA   H N N 247 
PHE HB2  H N N 248 
PHE HB3  H N N 249 
PHE HD1  H N N 250 
PHE HD2  H N N 251 
PHE HE1  H N N 252 
PHE HE2  H N N 253 
PHE HZ   H N N 254 
PHE HXT  H N N 255 
PRO N    N N N 256 
PRO CA   C N S 257 
PRO C    C N N 258 
PRO O    O N N 259 
PRO CB   C N N 260 
PRO CG   C N N 261 
PRO CD   C N N 262 
PRO OXT  O N N 263 
PRO H    H N N 264 
PRO HA   H N N 265 
PRO HB2  H N N 266 
PRO HB3  H N N 267 
PRO HG2  H N N 268 
PRO HG3  H N N 269 
PRO HD2  H N N 270 
PRO HD3  H N N 271 
PRO HXT  H N N 272 
SER N    N N N 273 
SER CA   C N S 274 
SER C    C N N 275 
SER O    O N N 276 
SER CB   C N N 277 
SER OG   O N N 278 
SER OXT  O N N 279 
SER H    H N N 280 
SER H2   H N N 281 
SER HA   H N N 282 
SER HB2  H N N 283 
SER HB3  H N N 284 
SER HG   H N N 285 
SER HXT  H N N 286 
THR N    N N N 287 
THR CA   C N S 288 
THR C    C N N 289 
THR O    O N N 290 
THR CB   C N R 291 
THR OG1  O N N 292 
THR CG2  C N N 293 
THR OXT  O N N 294 
THR H    H N N 295 
THR H2   H N N 296 
THR HA   H N N 297 
THR HB   H N N 298 
THR HG1  H N N 299 
THR HG21 H N N 300 
THR HG22 H N N 301 
THR HG23 H N N 302 
THR HXT  H N N 303 
TRP N    N N N 304 
TRP CA   C N S 305 
TRP C    C N N 306 
TRP O    O N N 307 
TRP CB   C N N 308 
TRP CG   C Y N 309 
TRP CD1  C Y N 310 
TRP CD2  C Y N 311 
TRP NE1  N Y N 312 
TRP CE2  C Y N 313 
TRP CE3  C Y N 314 
TRP CZ2  C Y N 315 
TRP CZ3  C Y N 316 
TRP CH2  C Y N 317 
TRP OXT  O N N 318 
TRP H    H N N 319 
TRP H2   H N N 320 
TRP HA   H N N 321 
TRP HB2  H N N 322 
TRP HB3  H N N 323 
TRP HD1  H N N 324 
TRP HE1  H N N 325 
TRP HE3  H N N 326 
TRP HZ2  H N N 327 
TRP HZ3  H N N 328 
TRP HH2  H N N 329 
TRP HXT  H N N 330 
TYR N    N N N 331 
TYR CA   C N S 332 
TYR C    C N N 333 
TYR O    O N N 334 
TYR CB   C N N 335 
TYR CG   C Y N 336 
TYR CD1  C Y N 337 
TYR CD2  C Y N 338 
TYR CE1  C Y N 339 
TYR CE2  C Y N 340 
TYR CZ   C Y N 341 
TYR OH   O N N 342 
TYR OXT  O N N 343 
TYR H    H N N 344 
TYR H2   H N N 345 
TYR HA   H N N 346 
TYR HB2  H N N 347 
TYR HB3  H N N 348 
TYR HD1  H N N 349 
TYR HD2  H N N 350 
TYR HE1  H N N 351 
TYR HE2  H N N 352 
TYR HH   H N N 353 
TYR HXT  H N N 354 
VAL N    N N N 355 
VAL CA   C N S 356 
VAL C    C N N 357 
VAL O    O N N 358 
VAL CB   C N N 359 
VAL CG1  C N N 360 
VAL CG2  C N N 361 
VAL OXT  O N N 362 
VAL H    H N N 363 
VAL H2   H N N 364 
VAL HA   H N N 365 
VAL HB   H N N 366 
VAL HG11 H N N 367 
VAL HG12 H N N 368 
VAL HG13 H N N 369 
VAL HG21 H N N 370 
VAL HG22 H N N 371 
VAL HG23 H N N 372 
VAL HXT  H N N 373 
# 
loop_
_chem_comp_bond.comp_id 
_chem_comp_bond.atom_id_1 
_chem_comp_bond.atom_id_2 
_chem_comp_bond.value_order 
_chem_comp_bond.pdbx_aromatic_flag 
_chem_comp_bond.pdbx_stereo_config 
_chem_comp_bond.pdbx_ordinal 
ALA N   CA   sing N N 1   
ALA N   H    sing N N 2   
ALA N   H2   sing N N 3   
ALA CA  C    sing N N 4   
ALA CA  CB   sing N N 5   
ALA CA  HA   sing N N 6   
ALA C   O    doub N N 7   
ALA C   OXT  sing N N 8   
ALA CB  HB1  sing N N 9   
ALA CB  HB2  sing N N 10  
ALA CB  HB3  sing N N 11  
ALA OXT HXT  sing N N 12  
ARG N   CA   sing N N 13  
ARG N   H    sing N N 14  
ARG N   H2   sing N N 15  
ARG CA  C    sing N N 16  
ARG CA  CB   sing N N 17  
ARG CA  HA   sing N N 18  
ARG C   O    doub N N 19  
ARG C   OXT  sing N N 20  
ARG CB  CG   sing N N 21  
ARG CB  HB2  sing N N 22  
ARG CB  HB3  sing N N 23  
ARG CG  CD   sing N N 24  
ARG CG  HG2  sing N N 25  
ARG CG  HG3  sing N N 26  
ARG CD  NE   sing N N 27  
ARG CD  HD2  sing N N 28  
ARG CD  HD3  sing N N 29  
ARG NE  CZ   sing N N 30  
ARG NE  HE   sing N N 31  
ARG CZ  NH1  sing N N 32  
ARG CZ  NH2  doub N N 33  
ARG NH1 HH11 sing N N 34  
ARG NH1 HH12 sing N N 35  
ARG NH2 HH21 sing N N 36  
ARG NH2 HH22 sing N N 37  
ARG OXT HXT  sing N N 38  
ASN N   CA   sing N N 39  
ASN N   H    sing N N 40  
ASN N   H2   sing N N 41  
ASN CA  C    sing N N 42  
ASN CA  CB   sing N N 43  
ASN CA  HA   sing N N 44  
ASN C   O    doub N N 45  
ASN C   OXT  sing N N 46  
ASN CB  CG   sing N N 47  
ASN CB  HB2  sing N N 48  
ASN CB  HB3  sing N N 49  
ASN CG  OD1  doub N N 50  
ASN CG  ND2  sing N N 51  
ASN ND2 HD21 sing N N 52  
ASN ND2 HD22 sing N N 53  
ASN OXT HXT  sing N N 54  
ASP N   CA   sing N N 55  
ASP N   H    sing N N 56  
ASP N   H2   sing N N 57  
ASP CA  C    sing N N 58  
ASP CA  CB   sing N N 59  
ASP CA  HA   sing N N 60  
ASP C   O    doub N N 61  
ASP C   OXT  sing N N 62  
ASP CB  CG   sing N N 63  
ASP CB  HB2  sing N N 64  
ASP CB  HB3  sing N N 65  
ASP CG  OD1  doub N N 66  
ASP CG  OD2  sing N N 67  
ASP OD2 HD2  sing N N 68  
ASP OXT HXT  sing N N 69  
GLN N   CA   sing N N 70  
GLN N   H    sing N N 71  
GLN N   H2   sing N N 72  
GLN CA  C    sing N N 73  
GLN CA  CB   sing N N 74  
GLN CA  HA   sing N N 75  
GLN C   O    doub N N 76  
GLN C   OXT  sing N N 77  
GLN CB  CG   sing N N 78  
GLN CB  HB2  sing N N 79  
GLN CB  HB3  sing N N 80  
GLN CG  CD   sing N N 81  
GLN CG  HG2  sing N N 82  
GLN CG  HG3  sing N N 83  
GLN CD  OE1  doub N N 84  
GLN CD  NE2  sing N N 85  
GLN NE2 HE21 sing N N 86  
GLN NE2 HE22 sing N N 87  
GLN OXT HXT  sing N N 88  
GLU N   CA   sing N N 89  
GLU N   H    sing N N 90  
GLU N   H2   sing N N 91  
GLU CA  C    sing N N 92  
GLU CA  CB   sing N N 93  
GLU CA  HA   sing N N 94  
GLU C   O    doub N N 95  
GLU C   OXT  sing N N 96  
GLU CB  CG   sing N N 97  
GLU CB  HB2  sing N N 98  
GLU CB  HB3  sing N N 99  
GLU CG  CD   sing N N 100 
GLU CG  HG2  sing N N 101 
GLU CG  HG3  sing N N 102 
GLU CD  OE1  doub N N 103 
GLU CD  OE2  sing N N 104 
GLU OE2 HE2  sing N N 105 
GLU OXT HXT  sing N N 106 
GLY N   CA   sing N N 107 
GLY N   H    sing N N 108 
GLY N   H2   sing N N 109 
GLY CA  C    sing N N 110 
GLY CA  HA2  sing N N 111 
GLY CA  HA3  sing N N 112 
GLY C   O    doub N N 113 
GLY C   OXT  sing N N 114 
GLY OXT HXT  sing N N 115 
HIS N   CA   sing N N 116 
HIS N   H    sing N N 117 
HIS N   H2   sing N N 118 
HIS CA  C    sing N N 119 
HIS CA  CB   sing N N 120 
HIS CA  HA   sing N N 121 
HIS C   O    doub N N 122 
HIS C   OXT  sing N N 123 
HIS CB  CG   sing N N 124 
HIS CB  HB2  sing N N 125 
HIS CB  HB3  sing N N 126 
HIS CG  ND1  sing Y N 127 
HIS CG  CD2  doub Y N 128 
HIS ND1 CE1  doub Y N 129 
HIS ND1 HD1  sing N N 130 
HIS CD2 NE2  sing Y N 131 
HIS CD2 HD2  sing N N 132 
HIS CE1 NE2  sing Y N 133 
HIS CE1 HE1  sing N N 134 
HIS NE2 HE2  sing N N 135 
HIS OXT HXT  sing N N 136 
ILE N   CA   sing N N 137 
ILE N   H    sing N N 138 
ILE N   H2   sing N N 139 
ILE CA  C    sing N N 140 
ILE CA  CB   sing N N 141 
ILE CA  HA   sing N N 142 
ILE C   O    doub N N 143 
ILE C   OXT  sing N N 144 
ILE CB  CG1  sing N N 145 
ILE CB  CG2  sing N N 146 
ILE CB  HB   sing N N 147 
ILE CG1 CD1  sing N N 148 
ILE CG1 HG12 sing N N 149 
ILE CG1 HG13 sing N N 150 
ILE CG2 HG21 sing N N 151 
ILE CG2 HG22 sing N N 152 
ILE CG2 HG23 sing N N 153 
ILE CD1 HD11 sing N N 154 
ILE CD1 HD12 sing N N 155 
ILE CD1 HD13 sing N N 156 
ILE OXT HXT  sing N N 157 
LEU N   CA   sing N N 158 
LEU N   H    sing N N 159 
LEU N   H2   sing N N 160 
LEU CA  C    sing N N 161 
LEU CA  CB   sing N N 162 
LEU CA  HA   sing N N 163 
LEU C   O    doub N N 164 
LEU C   OXT  sing N N 165 
LEU CB  CG   sing N N 166 
LEU CB  HB2  sing N N 167 
LEU CB  HB3  sing N N 168 
LEU CG  CD1  sing N N 169 
LEU CG  CD2  sing N N 170 
LEU CG  HG   sing N N 171 
LEU CD1 HD11 sing N N 172 
LEU CD1 HD12 sing N N 173 
LEU CD1 HD13 sing N N 174 
LEU CD2 HD21 sing N N 175 
LEU CD2 HD22 sing N N 176 
LEU CD2 HD23 sing N N 177 
LEU OXT HXT  sing N N 178 
LYS N   CA   sing N N 179 
LYS N   H    sing N N 180 
LYS N   H2   sing N N 181 
LYS CA  C    sing N N 182 
LYS CA  CB   sing N N 183 
LYS CA  HA   sing N N 184 
LYS C   O    doub N N 185 
LYS C   OXT  sing N N 186 
LYS CB  CG   sing N N 187 
LYS CB  HB2  sing N N 188 
LYS CB  HB3  sing N N 189 
LYS CG  CD   sing N N 190 
LYS CG  HG2  sing N N 191 
LYS CG  HG3  sing N N 192 
LYS CD  CE   sing N N 193 
LYS CD  HD2  sing N N 194 
LYS CD  HD3  sing N N 195 
LYS CE  NZ   sing N N 196 
LYS CE  HE2  sing N N 197 
LYS CE  HE3  sing N N 198 
LYS NZ  HZ1  sing N N 199 
LYS NZ  HZ2  sing N N 200 
LYS NZ  HZ3  sing N N 201 
LYS OXT HXT  sing N N 202 
MET N   CA   sing N N 203 
MET N   H    sing N N 204 
MET N   H2   sing N N 205 
MET CA  C    sing N N 206 
MET CA  CB   sing N N 207 
MET CA  HA   sing N N 208 
MET C   O    doub N N 209 
MET C   OXT  sing N N 210 
MET CB  CG   sing N N 211 
MET CB  HB2  sing N N 212 
MET CB  HB3  sing N N 213 
MET CG  SD   sing N N 214 
MET CG  HG2  sing N N 215 
MET CG  HG3  sing N N 216 
MET SD  CE   sing N N 217 
MET CE  HE1  sing N N 218 
MET CE  HE2  sing N N 219 
MET CE  HE3  sing N N 220 
MET OXT HXT  sing N N 221 
PHE N   CA   sing N N 222 
PHE N   H    sing N N 223 
PHE N   H2   sing N N 224 
PHE CA  C    sing N N 225 
PHE CA  CB   sing N N 226 
PHE CA  HA   sing N N 227 
PHE C   O    doub N N 228 
PHE C   OXT  sing N N 229 
PHE CB  CG   sing N N 230 
PHE CB  HB2  sing N N 231 
PHE CB  HB3  sing N N 232 
PHE CG  CD1  doub Y N 233 
PHE CG  CD2  sing Y N 234 
PHE CD1 CE1  sing Y N 235 
PHE CD1 HD1  sing N N 236 
PHE CD2 CE2  doub Y N 237 
PHE CD2 HD2  sing N N 238 
PHE CE1 CZ   doub Y N 239 
PHE CE1 HE1  sing N N 240 
PHE CE2 CZ   sing Y N 241 
PHE CE2 HE2  sing N N 242 
PHE CZ  HZ   sing N N 243 
PHE OXT HXT  sing N N 244 
PRO N   CA   sing N N 245 
PRO N   CD   sing N N 246 
PRO N   H    sing N N 247 
PRO CA  C    sing N N 248 
PRO CA  CB   sing N N 249 
PRO CA  HA   sing N N 250 
PRO C   O    doub N N 251 
PRO C   OXT  sing N N 252 
PRO CB  CG   sing N N 253 
PRO CB  HB2  sing N N 254 
PRO CB  HB3  sing N N 255 
PRO CG  CD   sing N N 256 
PRO CG  HG2  sing N N 257 
PRO CG  HG3  sing N N 258 
PRO CD  HD2  sing N N 259 
PRO CD  HD3  sing N N 260 
PRO OXT HXT  sing N N 261 
SER N   CA   sing N N 262 
SER N   H    sing N N 263 
SER N   H2   sing N N 264 
SER CA  C    sing N N 265 
SER CA  CB   sing N N 266 
SER CA  HA   sing N N 267 
SER C   O    doub N N 268 
SER C   OXT  sing N N 269 
SER CB  OG   sing N N 270 
SER CB  HB2  sing N N 271 
SER CB  HB3  sing N N 272 
SER OG  HG   sing N N 273 
SER OXT HXT  sing N N 274 
THR N   CA   sing N N 275 
THR N   H    sing N N 276 
THR N   H2   sing N N 277 
THR CA  C    sing N N 278 
THR CA  CB   sing N N 279 
THR CA  HA   sing N N 280 
THR C   O    doub N N 281 
THR C   OXT  sing N N 282 
THR CB  OG1  sing N N 283 
THR CB  CG2  sing N N 284 
THR CB  HB   sing N N 285 
THR OG1 HG1  sing N N 286 
THR CG2 HG21 sing N N 287 
THR CG2 HG22 sing N N 288 
THR CG2 HG23 sing N N 289 
THR OXT HXT  sing N N 290 
TRP N   CA   sing N N 291 
TRP N   H    sing N N 292 
TRP N   H2   sing N N 293 
TRP CA  C    sing N N 294 
TRP CA  CB   sing N N 295 
TRP CA  HA   sing N N 296 
TRP C   O    doub N N 297 
TRP C   OXT  sing N N 298 
TRP CB  CG   sing N N 299 
TRP CB  HB2  sing N N 300 
TRP CB  HB3  sing N N 301 
TRP CG  CD1  doub Y N 302 
TRP CG  CD2  sing Y N 303 
TRP CD1 NE1  sing Y N 304 
TRP CD1 HD1  sing N N 305 
TRP CD2 CE2  doub Y N 306 
TRP CD2 CE3  sing Y N 307 
TRP NE1 CE2  sing Y N 308 
TRP NE1 HE1  sing N N 309 
TRP CE2 CZ2  sing Y N 310 
TRP CE3 CZ3  doub Y N 311 
TRP CE3 HE3  sing N N 312 
TRP CZ2 CH2  doub Y N 313 
TRP CZ2 HZ2  sing N N 314 
TRP CZ3 CH2  sing Y N 315 
TRP CZ3 HZ3  sing N N 316 
TRP CH2 HH2  sing N N 317 
TRP OXT HXT  sing N N 318 
TYR N   CA   sing N N 319 
TYR N   H    sing N N 320 
TYR N   H2   sing N N 321 
TYR CA  C    sing N N 322 
TYR CA  CB   sing N N 323 
TYR CA  HA   sing N N 324 
TYR C   O    doub N N 325 
TYR C   OXT  sing N N 326 
TYR CB  CG   sing N N 327 
TYR CB  HB2  sing N N 328 
TYR CB  HB3  sing N N 329 
TYR CG  CD1  doub Y N 330 
TYR CG  CD2  sing Y N 331 
TYR CD1 CE1  sing Y N 332 
TYR CD1 HD1  sing N N 333 
TYR CD2 CE2  doub Y N 334 
TYR CD2 HD2  sing N N 335 
TYR CE1 CZ   doub Y N 336 
TYR CE1 HE1  sing N N 337 
TYR CE2 CZ   sing Y N 338 
TYR CE2 HE2  sing N N 339 
TYR CZ  OH   sing N N 340 
TYR OH  HH   sing N N 341 
TYR OXT HXT  sing N N 342 
VAL N   CA   sing N N 343 
VAL N   H    sing N N 344 
VAL N   H2   sing N N 345 
VAL CA  C    sing N N 346 
VAL CA  CB   sing N N 347 
VAL CA  HA   sing N N 348 
VAL C   O    doub N N 349 
VAL C   OXT  sing N N 350 
VAL CB  CG1  sing N N 351 
VAL CB  CG2  sing N N 352 
VAL CB  HB   sing N N 353 
VAL CG1 HG11 sing N N 354 
VAL CG1 HG12 sing N N 355 
VAL CG1 HG13 sing N N 356 
VAL CG2 HG21 sing N N 357 
VAL CG2 HG22 sing N N 358 
VAL CG2 HG23 sing N N 359 
VAL OXT HXT  sing N N 360 
# 
_em_ctf_correction.id                       1 
_em_ctf_correction.em_image_processing_id   1 
_em_ctf_correction.type                     NONE 
_em_ctf_correction.details                  ? 
# 
_em_entity_assembly_molwt.entity_assembly_id   1 
_em_entity_assembly_molwt.id                   1 
_em_entity_assembly_molwt.experimental_flag    NO 
_em_entity_assembly_molwt.units                MEGADALTONS 
_em_entity_assembly_molwt.value                2.5 
# 
_em_entity_assembly_naturalsource.id                   1 
_em_entity_assembly_naturalsource.entity_assembly_id   1 
_em_entity_assembly_naturalsource.cell                 ? 
_em_entity_assembly_naturalsource.cellular_location    ? 
_em_entity_assembly_naturalsource.ncbi_tax_id          562 
_em_entity_assembly_naturalsource.organ                ? 
_em_entity_assembly_naturalsource.organelle            ? 
_em_entity_assembly_naturalsource.organism             'Escherichia coli' 
_em_entity_assembly_naturalsource.strain               ? 
_em_entity_assembly_naturalsource.tissue               ? 
# 
_em_entity_assembly_recombinant.id                   1 
_em_entity_assembly_recombinant.entity_assembly_id   1 
_em_entity_assembly_recombinant.cell                 ? 
_em_entity_assembly_recombinant.ncbi_tax_id          562 
_em_entity_assembly_recombinant.organism             'Escherichia coli' 
_em_entity_assembly_recombinant.plasmid              . 
_em_entity_assembly_recombinant.strain               ? 
# 
_em_image_processing.id                   1 
_em_image_processing.image_recording_id   1 
_em_image_processing.details              ? 
# 
_em_image_recording.id                            1 
_em_image_recording.imaging_id                    1 
_em_image_recording.avg_electron_dose_per_image   2.4 
_em_image_recording.average_exposure_time         ? 
_em_image_recording.details                       ? 
_em_image_recording.detector_mode                 ? 
_em_image_recording.film_or_detector_model        'FEI FALCON II (4k x 4k)' 
_em_image_recording.num_diffraction_images        ? 
_em_image_recording.num_grids_imaged              ? 
_em_image_recording.num_real_images               ? 
# 
loop_
_em_software.id 
_em_software.category 
_em_software.details 
_em_software.name 
_em_software.version 
_em_software.image_processing_id 
_em_software.fitting_id 
_em_software.imaging_id 
1  'PARTICLE SELECTION'       ? ?        ? 1 ? ? 
2  'IMAGE ACQUISITION'        ? EM-Tools ? ? ? 1 
3  MASKING                    ? ?        ? ? ? ? 
4  'CTF CORRECTION'           ? CTFFIND  4 1 ? ? 
5  'LAYERLINE INDEXING'       ? ?        ? ? ? ? 
6  'DIFFRACTION INDEXING'     ? ?        ? ? ? ? 
7  'MODEL FITTING'            ? ?        ? ? 1 ? 
8  OTHER                      ? ?        ? ? ? ? 
9  'INITIAL EULER ASSIGNMENT' ? SPIDER   ? 1 ? ? 
10 'FINAL EULER ASSIGNMENT'   ? SPIDER   ? 1 ? ? 
11 CLASSIFICATION             ? SPIDER   ? 1 ? ? 
12 RECONSTRUCTION             ? SPIDER   ? 1 ? ? 
13 'MODEL REFINEMENT'         ? ?        ? ? 1 ? 
# 
_em_specimen.id                      1 
_em_specimen.experiment_id           1 
_em_specimen.concentration           ? 
_em_specimen.details                 ? 
_em_specimen.embedding_applied       NO 
_em_specimen.shadowing_applied       NO 
_em_specimen.staining_applied        NO 
_em_specimen.vitrification_applied   YES 
# 
_atom_sites.entry_id                    5M6S 
_atom_sites.fract_transf_matrix[1][1]   1.000000 
_atom_sites.fract_transf_matrix[1][2]   0.000000 
_atom_sites.fract_transf_matrix[1][3]   0.000000 
_atom_sites.fract_transf_matrix[2][1]   0.000000 
_atom_sites.fract_transf_matrix[2][2]   1.000000 
_atom_sites.fract_transf_matrix[2][3]   0.000000 
_atom_sites.fract_transf_matrix[3][1]   0.000000 
_atom_sites.fract_transf_matrix[3][2]   0.000000 
_atom_sites.fract_transf_matrix[3][3]   1.000000 
_atom_sites.fract_transf_vector[1]      0.00000 
_atom_sites.fract_transf_vector[2]      0.00000 
_atom_sites.fract_transf_vector[3]      0.00000 
# 
loop_
_atom_type.symbol 
C 
H 
N 
O 
S 
# 
loop_
_atom_site.group_PDB 
_atom_site.id 
_atom_site.type_symbol 
_atom_site.label_atom_id 
_atom_site.label_alt_id 
_atom_site.label_comp_id 
_atom_site.label_asym_id 
_atom_site.label_entity_id 
_atom_site.label_seq_id 
_atom_site.pdbx_PDB_ins_code 
_atom_site.Cartn_x 
_atom_site.Cartn_y 
_atom_site.Cartn_z 
_atom_site.occupancy 
_atom_site.B_iso_or_equiv 
_atom_site.pdbx_formal_charge 
_atom_site.auth_seq_id 
_atom_site.auth_comp_id 
_atom_site.auth_asym_id 
_atom_site.auth_atom_id 
_atom_site.pdbx_PDB_model_num 
ATOM 1    N N    . HIS A 1 36  ? 10.723  -18.883 -0.833  1.00 1.70 ? 10  HIS A N    1 
ATOM 2    C CA   . HIS A 1 36  ? 10.858  -18.308 0.502   1.00 1.73 ? 10  HIS A CA   1 
ATOM 3    C C    . HIS A 1 36  ? 11.241  -16.838 0.422   1.00 1.58 ? 10  HIS A C    1 
ATOM 4    O O    . HIS A 1 36  ? 10.707  -16.007 1.153   1.00 1.52 ? 10  HIS A O    1 
ATOM 5    C CB   . HIS A 1 36  ? 11.900  -19.076 1.318   1.00 2.04 ? 10  HIS A CB   1 
ATOM 6    C CG   . HIS A 1 36  ? 12.256  -18.416 2.614   1.00 2.54 ? 10  HIS A CG   1 
ATOM 7    N ND1  . HIS A 1 36  ? 13.408  -17.686 2.814   1.00 3.19 ? 10  HIS A ND1  1 
ATOM 8    C CD2  . HIS A 1 36  ? 11.581  -18.377 3.791   1.00 3.29 ? 10  HIS A CD2  1 
ATOM 9    C CE1  . HIS A 1 36  ? 13.399  -17.240 4.078   1.00 4.01 ? 10  HIS A CE1  1 
ATOM 10   N NE2  . HIS A 1 36  ? 12.311  -17.631 4.713   1.00 4.11 ? 10  HIS A NE2  1 
ATOM 11   H H    . HIS A 1 36  ? 11.247  -19.676 -1.067  1.00 1.88 ? 10  HIS A H    1 
ATOM 12   H HA   . HIS A 1 36  ? 9.898   -18.387 0.992   1.00 1.75 ? 10  HIS A HA   1 
ATOM 13   H HB2  . HIS A 1 36  ? 11.513  -20.058 1.543   1.00 2.43 ? 10  HIS A HB2  1 
ATOM 14   H HB3  . HIS A 1 36  ? 12.802  -19.176 0.736   1.00 2.30 ? 10  HIS A HB3  1 
ATOM 15   H HD1  . HIS A 1 36  ? 14.111  -17.523 2.151   1.00 3.42 ? 10  HIS A HD1  1 
ATOM 16   H HD2  . HIS A 1 36  ? 10.627  -18.845 3.992   1.00 3.64 ? 10  HIS A HD2  1 
ATOM 17   H HE1  . HIS A 1 36  ? 14.179  -16.638 4.520   1.00 4.82 ? 10  HIS A HE1  1 
ATOM 18   N N    . GLN A 1 37  ? 12.170  -16.525 -0.471  1.00 1.60 ? 11  GLN A N    1 
ATOM 19   C CA   . GLN A 1 37  ? 12.621  -15.155 -0.652  1.00 1.56 ? 11  GLN A CA   1 
ATOM 20   C C    . GLN A 1 37  ? 11.451  -14.261 -1.035  1.00 1.29 ? 11  GLN A C    1 
ATOM 21   O O    . GLN A 1 37  ? 11.180  -13.269 -0.366  1.00 1.26 ? 11  GLN A O    1 
ATOM 22   C CB   . GLN A 1 37  ? 13.713  -15.084 -1.721  1.00 1.75 ? 11  GLN A CB   1 
ATOM 23   C CG   . GLN A 1 37  ? 15.047  -15.667 -1.272  1.00 2.28 ? 11  GLN A CG   1 
ATOM 24   C CD   . GLN A 1 37  ? 14.898  -16.999 -0.558  1.00 3.08 ? 11  GLN A CD   1 
ATOM 25   O OE1  . GLN A 1 37  ? 15.340  -17.161 0.579   1.00 3.64 ? 11  GLN A OE1  1 
ATOM 26   N NE2  . GLN A 1 37  ? 14.274  -17.961 -1.226  1.00 3.73 ? 11  GLN A NE2  1 
ATOM 27   H H    . GLN A 1 37  ? 12.558  -17.229 -1.023  1.00 1.70 ? 11  GLN A H    1 
ATOM 28   H HA   . GLN A 1 37  ? 13.023  -14.814 0.287   1.00 1.66 ? 11  GLN A HA   1 
ATOM 29   H HB2  . GLN A 1 37  ? 13.381  -15.624 -2.595  1.00 1.95 ? 11  GLN A HB2  1 
ATOM 30   H HB3  . GLN A 1 37  ? 13.867  -14.049 -1.988  1.00 1.81 ? 11  GLN A HB3  1 
ATOM 31   H HG2  . GLN A 1 37  ? 15.673  -15.811 -2.142  1.00 2.51 ? 11  GLN A HG2  1 
ATOM 32   H HG3  . GLN A 1 37  ? 15.524  -14.968 -0.602  1.00 2.64 ? 11  GLN A HG3  1 
ATOM 33   H HE21 . GLN A 1 37  ? 13.951  -17.763 -2.129  1.00 3.71 ? 11  GLN A HE21 1 
ATOM 34   H HE22 . GLN A 1 37  ? 14.161  -18.831 -0.787  1.00 4.47 ? 11  GLN A HE22 1 
ATOM 35   N N    . PHE A 1 38  ? 10.748  -14.621 -2.108  1.00 1.14 ? 12  PHE A N    1 
ATOM 36   C CA   . PHE A 1 38  ? 9.604   -13.834 -2.552  1.00 0.98 ? 12  PHE A CA   1 
ATOM 37   C C    . PHE A 1 38  ? 8.666   -13.579 -1.379  1.00 0.94 ? 12  PHE A C    1 
ATOM 38   O O    . PHE A 1 38  ? 8.249   -12.447 -1.141  1.00 0.91 ? 12  PHE A O    1 
ATOM 39   C CB   . PHE A 1 38  ? 8.864   -14.537 -3.696  1.00 0.98 ? 12  PHE A CB   1 
ATOM 40   C CG   . PHE A 1 38  ? 7.450   -14.061 -3.891  1.00 0.86 ? 12  PHE A CG   1 
ATOM 41   C CD1  . PHE A 1 38  ? 7.187   -12.797 -4.403  1.00 0.83 ? 12  PHE A CD1  1 
ATOM 42   C CD2  . PHE A 1 38  ? 6.382   -14.877 -3.560  1.00 0.86 ? 12  PHE A CD2  1 
ATOM 43   C CE1  . PHE A 1 38  ? 5.888   -12.364 -4.579  1.00 0.77 ? 12  PHE A CE1  1 
ATOM 44   C CE2  . PHE A 1 38  ? 5.083   -14.448 -3.734  1.00 0.82 ? 12  PHE A CE2  1 
ATOM 45   C CZ   . PHE A 1 38  ? 4.835   -13.192 -4.243  1.00 0.76 ? 12  PHE A CZ   1 
ATOM 46   H H    . PHE A 1 38  ? 10.997  -15.431 -2.605  1.00 1.19 ? 12  PHE A H    1 
ATOM 47   H HA   . PHE A 1 38  ? 9.982   -12.880 -2.907  1.00 1.02 ? 12  PHE A HA   1 
ATOM 48   H HB2  . PHE A 1 38  ? 9.402   -14.368 -4.619  1.00 1.29 ? 12  PHE A HB2  1 
ATOM 49   H HB3  . PHE A 1 38  ? 8.832   -15.599 -3.497  1.00 1.24 ? 12  PHE A HB3  1 
ATOM 50   H HD1  . PHE A 1 38  ? 8.009   -12.146 -4.666  1.00 0.89 ? 12  PHE A HD1  1 
ATOM 51   H HD2  . PHE A 1 38  ? 6.573   -15.859 -3.160  1.00 0.95 ? 12  PHE A HD2  1 
ATOM 52   H HE1  . PHE A 1 38  ? 5.696   -11.378 -4.978  1.00 0.78 ? 12  PHE A HE1  1 
ATOM 53   H HE2  . PHE A 1 38  ? 4.260   -15.096 -3.473  1.00 0.88 ? 12  PHE A HE2  1 
ATOM 54   H HZ   . PHE A 1 38  ? 3.820   -12.858 -4.380  1.00 0.76 ? 12  PHE A HZ   1 
ATOM 55   N N    . PHE A 1 39  ? 8.361   -14.633 -0.624  1.00 1.03 ? 13  PHE A N    1 
ATOM 56   C CA   . PHE A 1 39  ? 7.492   -14.508 0.540   1.00 1.16 ? 13  PHE A CA   1 
ATOM 57   C C    . PHE A 1 39  ? 8.038   -13.421 1.463   1.00 1.12 ? 13  PHE A C    1 
ATOM 58   O O    . PHE A 1 39  ? 7.336   -12.472 1.808   1.00 1.08 ? 13  PHE A O    1 
ATOM 59   C CB   . PHE A 1 39  ? 7.403   -15.857 1.278   1.00 1.42 ? 13  PHE A CB   1 
ATOM 60   C CG   . PHE A 1 39  ? 6.427   -15.907 2.433   1.00 1.67 ? 13  PHE A CG   1 
ATOM 61   C CD1  . PHE A 1 39  ? 5.724   -14.781 2.844   1.00 2.16 ? 13  PHE A CD1  1 
ATOM 62   C CD2  . PHE A 1 39  ? 6.223   -17.096 3.116   1.00 1.91 ? 13  PHE A CD2  1 
ATOM 63   C CE1  . PHE A 1 39  ? 4.839   -14.847 3.904   1.00 2.70 ? 13  PHE A CE1  1 
ATOM 64   C CE2  . PHE A 1 39  ? 5.340   -17.166 4.175   1.00 2.42 ? 13  PHE A CE2  1 
ATOM 65   C CZ   . PHE A 1 39  ? 4.648   -16.040 4.569   1.00 2.77 ? 13  PHE A CZ   1 
ATOM 66   H H    . PHE A 1 39  ? 8.741   -15.511 -0.847  1.00 1.09 ? 13  PHE A H    1 
ATOM 67   H HA   . PHE A 1 39  ? 6.505   -14.220 0.190   1.00 1.18 ? 13  PHE A HA   1 
ATOM 68   H HB2  . PHE A 1 39  ? 7.105   -16.617 0.569   1.00 1.78 ? 13  PHE A HB2  1 
ATOM 69   H HB3  . PHE A 1 39  ? 8.380   -16.104 1.665   1.00 1.56 ? 13  PHE A HB3  1 
ATOM 70   H HD1  . PHE A 1 39  ? 5.861   -13.851 2.325   1.00 2.33 ? 13  PHE A HD1  1 
ATOM 71   H HD2  . PHE A 1 39  ? 6.763   -17.981 2.810   1.00 1.98 ? 13  PHE A HD2  1 
ATOM 72   H HE1  . PHE A 1 39  ? 4.299   -13.965 4.212   1.00 3.22 ? 13  PHE A HE1  1 
ATOM 73   H HE2  . PHE A 1 39  ? 5.192   -18.101 4.696   1.00 2.75 ? 13  PHE A HE2  1 
ATOM 74   H HZ   . PHE A 1 39  ? 3.959   -16.091 5.399   1.00 3.28 ? 13  PHE A HZ   1 
ATOM 75   N N    . ARG A 1 40  ? 9.307   -13.554 1.840   1.00 1.21 ? 14  ARG A N    1 
ATOM 76   C CA   . ARG A 1 40  ? 9.949   -12.570 2.701   1.00 1.30 ? 14  ARG A CA   1 
ATOM 77   C C    . ARG A 1 40  ? 9.742   -11.168 2.146   1.00 1.14 ? 14  ARG A C    1 
ATOM 78   O O    . ARG A 1 40  ? 9.217   -10.295 2.834   1.00 1.12 ? 14  ARG A O    1 
ATOM 79   C CB   . ARG A 1 40  ? 11.445  -12.872 2.849   1.00 1.55 ? 14  ARG A CB   1 
ATOM 80   C CG   . ARG A 1 40  ? 12.120  -12.093 3.970   1.00 1.71 ? 14  ARG A CG   1 
ATOM 81   C CD   . ARG A 1 40  ? 11.459  -12.352 5.319   1.00 2.48 ? 14  ARG A CD   1 
ATOM 82   N NE   . ARG A 1 40  ? 10.771  -11.165 5.825   1.00 2.80 ? 14  ARG A NE   1 
ATOM 83   C CZ   . ARG A 1 40  ? 9.666   -11.204 6.569   1.00 3.53 ? 14  ARG A CZ   1 
ATOM 84   N NH1  . ARG A 1 40  ? 9.103   -12.364 6.879   1.00 4.35 ? 14  ARG A NH1  1 
ATOM 85   N NH2  . ARG A 1 40  ? 9.122   -10.076 7.002   1.00 3.79 ? 14  ARG A NH2  1 
ATOM 86   H H    . ARG A 1 40  ? 9.823   -14.322 1.521   1.00 1.28 ? 14  ARG A H    1 
ATOM 87   H HA   . ARG A 1 40  ? 9.480   -12.627 3.667   1.00 1.39 ? 14  ARG A HA   1 
ATOM 88   H HB2  . ARG A 1 40  ? 11.572  -13.927 3.046   1.00 1.82 ? 14  ARG A HB2  1 
ATOM 89   H HB3  . ARG A 1 40  ? 11.944  -12.627 1.922   1.00 1.84 ? 14  ARG A HB3  1 
ATOM 90   H HG2  . ARG A 1 40  ? 13.156  -12.392 4.026   1.00 1.98 ? 14  ARG A HG2  1 
ATOM 91   H HG3  . ARG A 1 40  ? 12.060  -11.037 3.747   1.00 1.88 ? 14  ARG A HG3  1 
ATOM 92   H HD2  . ARG A 1 40  ? 10.745  -13.155 5.209   1.00 3.07 ? 14  ARG A HD2  1 
ATOM 93   H HD3  . ARG A 1 40  ? 12.220  -12.642 6.025   1.00 2.86 ? 14  ARG A HD3  1 
ATOM 94   H HE   . ARG A 1 40  ? 11.154  -10.289 5.602   1.00 2.84 ? 14  ARG A HE   1 
ATOM 95   H HH11 . ARG A 1 40  ? 9.508   -13.218 6.555   1.00 4.42 ? 14  ARG A HH11 1 
ATOM 96   H HH12 . ARG A 1 40  ? 8.269   -12.384 7.430   1.00 5.04 ? 14  ARG A HH12 1 
ATOM 97   H HH21 . ARG A 1 40  ? 9.541   -9.199  6.767   1.00 3.53 ? 14  ARG A HH21 1 
ATOM 98   H HH22 . ARG A 1 40  ? 8.290   -10.100 7.555   1.00 4.45 ? 14  ARG A HH22 1 
ATOM 99   N N    . ASP A 1 41  ? 10.139  -10.959 0.891   1.00 1.12 ? 15  ASP A N    1 
ATOM 100  C CA   . ASP A 1 41  ? 9.970   -9.656  0.252   1.00 1.14 ? 15  ASP A CA   1 
ATOM 101  C C    . ASP A 1 41  ? 8.534   -9.170  0.422   1.00 1.00 ? 15  ASP A C    1 
ATOM 102  O O    . ASP A 1 41  ? 8.296   -8.049  0.867   1.00 1.05 ? 15  ASP A O    1 
ATOM 103  C CB   . ASP A 1 41  ? 10.324  -9.717  -1.244  1.00 1.29 ? 15  ASP A CB   1 
ATOM 104  C CG   . ASP A 1 41  ? 11.508  -10.623 -1.549  1.00 1.49 ? 15  ASP A CG   1 
ATOM 105  O OD1  . ASP A 1 41  ? 12.351  -10.834 -0.652  1.00 2.10 ? 15  ASP A OD1  1 
ATOM 106  O OD2  . ASP A 1 41  ? 11.597  -11.111 -2.698  1.00 1.84 ? 15  ASP A OD2  1 
ATOM 107  H H    . ASP A 1 41  ? 10.543  -11.697 0.384   1.00 1.15 ? 15  ASP A H    1 
ATOM 108  H HA   . ASP A 1 41  ? 10.633  -8.959  0.744   1.00 1.28 ? 15  ASP A HA   1 
ATOM 109  H HB2  . ASP A 1 41  ? 9.467   -10.080 -1.794  1.00 1.42 ? 15  ASP A HB2  1 
ATOM 110  H HB3  . ASP A 1 41  ? 10.566  -8.722  -1.585  1.00 1.75 ? 15  ASP A HB3  1 
ATOM 111  N N    . MET A 1 42  ? 7.575   -10.025 0.073   1.00 0.93 ? 16  MET A N    1 
ATOM 112  C CA   . MET A 1 42  ? 6.160   -9.688  0.196   1.00 0.98 ? 16  MET A CA   1 
ATOM 113  C C    . MET A 1 42  ? 5.863   -9.187  1.607   1.00 0.88 ? 16  MET A C    1 
ATOM 114  O O    . MET A 1 42  ? 5.274   -8.122  1.793   1.00 0.88 ? 16  MET A O    1 
ATOM 115  C CB   . MET A 1 42  ? 5.292   -10.913 -0.127  1.00 1.15 ? 16  MET A CB   1 
ATOM 116  C CG   . MET A 1 42  ? 4.060   -10.590 -0.958  1.00 1.45 ? 16  MET A CG   1 
ATOM 117  S SD   . MET A 1 42  ? 2.591   -10.323 0.054   1.00 1.92 ? 16  MET A SD   1 
ATOM 118  C CE   . MET A 1 42  ? 2.481   -8.536  0.031   1.00 2.23 ? 16  MET A CE   1 
ATOM 119  H H    . MET A 1 42  ? 7.825   -10.908 -0.270  1.00 0.94 ? 16  MET A H    1 
ATOM 120  H HA   . MET A 1 42  ? 5.942   -8.900  -0.513  1.00 1.10 ? 16  MET A HA   1 
ATOM 121  H HB2  . MET A 1 42  ? 5.886   -11.629 -0.676  1.00 1.38 ? 16  MET A HB2  1 
ATOM 122  H HB3  . MET A 1 42  ? 4.965   -11.364 0.798   1.00 1.24 ? 16  MET A HB3  1 
ATOM 123  H HG2  . MET A 1 42  ? 4.251   -9.696  -1.532  1.00 1.90 ? 16  MET A HG2  1 
ATOM 124  H HG3  . MET A 1 42  ? 3.871   -11.414 -1.631  1.00 1.88 ? 16  MET A HG3  1 
ATOM 125  H HE1  . MET A 1 42  ? 3.468   -8.115  -0.081  1.00 2.48 ? 16  MET A HE1  1 
ATOM 126  H HE2  . MET A 1 42  ? 1.862   -8.225  -0.796  1.00 2.56 ? 16  MET A HE2  1 
ATOM 127  H HE3  . MET A 1 42  ? 2.047   -8.190  0.957   1.00 2.72 ? 16  MET A HE3  1 
ATOM 128  N N    . ASP A 1 43  ? 6.296   -9.961  2.596   1.00 0.91 ? 17  ASP A N    1 
ATOM 129  C CA   . ASP A 1 43  ? 6.103   -9.601  3.995   1.00 0.97 ? 17  ASP A CA   1 
ATOM 130  C C    . ASP A 1 43  ? 6.639   -8.196  4.255   1.00 0.88 ? 17  ASP A C    1 
ATOM 131  O O    . ASP A 1 43  ? 5.901   -7.314  4.696   1.00 0.86 ? 17  ASP A O    1 
ATOM 132  C CB   . ASP A 1 43  ? 6.809   -10.616 4.901   1.00 1.19 ? 17  ASP A CB   1 
ATOM 133  C CG   . ASP A 1 43  ? 5.889   -11.200 5.959   1.00 1.80 ? 17  ASP A CG   1 
ATOM 134  O OD1  . ASP A 1 43  ? 4.734   -11.543 5.621   1.00 2.46 ? 17  ASP A OD1  1 
ATOM 135  O OD2  . ASP A 1 43  ? 6.326   -11.320 7.122   1.00 2.44 ? 17  ASP A OD2  1 
ATOM 136  H H    . ASP A 1 43  ? 6.766   -10.791 2.378   1.00 0.96 ? 17  ASP A H    1 
ATOM 137  H HA   . ASP A 1 43  ? 5.044   -9.615  4.198   1.00 1.03 ? 17  ASP A HA   1 
ATOM 138  H HB2  . ASP A 1 43  ? 7.190   -11.427 4.297   1.00 1.61 ? 17  ASP A HB2  1 
ATOM 139  H HB3  . ASP A 1 43  ? 7.632   -10.127 5.398   1.00 1.27 ? 17  ASP A HB3  1 
ATOM 140  N N    . ASP A 1 44  ? 7.919   -7.983  3.950   1.00 0.95 ? 18  ASP A N    1 
ATOM 141  C CA   . ASP A 1 44  ? 8.541   -6.677  4.129   1.00 1.09 ? 18  ASP A CA   1 
ATOM 142  C C    . ASP A 1 44  ? 7.726   -5.601  3.418   1.00 1.01 ? 18  ASP A C    1 
ATOM 143  O O    . ASP A 1 44  ? 7.589   -4.483  3.909   1.00 1.05 ? 18  ASP A O    1 
ATOM 144  C CB   . ASP A 1 44  ? 9.975   -6.696  3.597   1.00 1.33 ? 18  ASP A CB   1 
ATOM 145  C CG   . ASP A 1 44  ? 10.779  -7.877  4.116   1.00 1.90 ? 18  ASP A CG   1 
ATOM 146  O OD1  . ASP A 1 44  ? 10.531  -8.309  5.263   1.00 2.48 ? 18  ASP A OD1  1 
ATOM 147  O OD2  . ASP A 1 44  ? 11.655  -8.370  3.375   1.00 2.49 ? 18  ASP A OD2  1 
ATOM 148  H H    . ASP A 1 44  ? 8.452   -8.714  3.579   1.00 0.99 ? 18  ASP A H    1 
ATOM 149  H HA   . ASP A 1 44  ? 8.557   -6.457  5.189   1.00 1.19 ? 18  ASP A HA   1 
ATOM 150  H HB2  . ASP A 1 44  ? 9.953   -6.744  2.518   1.00 1.39 ? 18  ASP A HB2  1 
ATOM 151  H HB3  . ASP A 1 44  ? 10.473  -5.791  3.900   1.00 1.71 ? 18  ASP A HB3  1 
ATOM 152  N N    . GLU A 1 45  ? 7.172   -5.961  2.265   1.00 1.02 ? 19  GLU A N    1 
ATOM 153  C CA   . GLU A 1 45  ? 6.345   -5.046  1.488   1.00 1.12 ? 19  GLU A CA   1 
ATOM 154  C C    . GLU A 1 45  ? 5.097   -4.680  2.287   1.00 0.89 ? 19  GLU A C    1 
ATOM 155  O O    . GLU A 1 45  ? 4.868   -3.513  2.610   1.00 0.88 ? 19  GLU A O    1 
ATOM 156  C CB   . GLU A 1 45  ? 5.962   -5.691  0.159   1.00 1.38 ? 19  GLU A CB   1 
ATOM 157  C CG   . GLU A 1 45  ? 5.457   -4.702  -0.872  1.00 2.04 ? 19  GLU A CG   1 
ATOM 158  C CD   . GLU A 1 45  ? 5.013   -5.376  -2.155  1.00 2.53 ? 19  GLU A CD   1 
ATOM 159  O OE1  . GLU A 1 45  ? 4.366   -6.442  -2.074  1.00 3.02 ? 19  GLU A OE1  1 
ATOM 160  O OE2  . GLU A 1 45  ? 5.306   -4.836  -3.243  1.00 3.07 ? 19  GLU A OE2  1 
ATOM 161  H H    . GLU A 1 45  ? 7.315   -6.868  1.931   1.00 1.03 ? 19  GLU A H    1 
ATOM 162  H HA   . GLU A 1 45  ? 6.919   -4.150  1.300   1.00 1.31 ? 19  GLU A HA   1 
ATOM 163  H HB2  . GLU A 1 45  ? 6.827   -6.193  -0.246  1.00 1.86 ? 19  GLU A HB2  1 
ATOM 164  H HB3  . GLU A 1 45  ? 5.186   -6.420  0.338   1.00 1.56 ? 19  GLU A HB3  1 
ATOM 165  H HG2  . GLU A 1 45  ? 4.621   -4.169  -0.450  1.00 2.50 ? 19  GLU A HG2  1 
ATOM 166  H HG3  . GLU A 1 45  ? 6.249   -4.006  -1.101  1.00 2.63 ? 19  GLU A HG3  1 
ATOM 167  N N    . GLU A 1 46  ? 4.301   -5.692  2.634   1.00 0.84 ? 20  GLU A N    1 
ATOM 168  C CA   . GLU A 1 46  ? 3.107   -5.465  3.437   1.00 0.84 ? 20  GLU A CA   1 
ATOM 169  C C    . GLU A 1 46  ? 3.467   -4.538  4.591   1.00 0.73 ? 20  GLU A C    1 
ATOM 170  O O    . GLU A 1 46  ? 2.738   -3.601  4.908   1.00 0.78 ? 20  GLU A O    1 
ATOM 171  C CB   . GLU A 1 46  ? 2.557   -6.790  3.971   1.00 1.03 ? 20  GLU A CB   1 
ATOM 172  C CG   . GLU A 1 46  ? 1.335   -6.632  4.866   1.00 1.61 ? 20  GLU A CG   1 
ATOM 173  C CD   . GLU A 1 46  ? 0.063   -6.379  4.081   1.00 1.98 ? 20  GLU A CD   1 
ATOM 174  O OE1  . GLU A 1 46  ? -0.340  -7.270  3.304   1.00 2.49 ? 20  GLU A OE1  1 
ATOM 175  O OE2  . GLU A 1 46  ? -0.526  -5.289  4.242   1.00 2.50 ? 20  GLU A OE2  1 
ATOM 176  H H    . GLU A 1 46  ? 4.539   -6.603  2.363   1.00 0.90 ? 20  GLU A H    1 
ATOM 177  H HA   . GLU A 1 46  ? 2.364   -4.986  2.816   1.00 0.93 ? 20  GLU A HA   1 
ATOM 178  H HB2  . GLU A 1 46  ? 2.285   -7.417  3.133   1.00 1.45 ? 20  GLU A HB2  1 
ATOM 179  H HB3  . GLU A 1 46  ? 3.331   -7.283  4.539   1.00 1.31 ? 20  GLU A HB3  1 
ATOM 180  H HG2  . GLU A 1 46  ? 1.207   -7.534  5.445   1.00 2.12 ? 20  GLU A HG2  1 
ATOM 181  H HG3  . GLU A 1 46  ? 1.502   -5.800  5.534   1.00 2.17 ? 20  GLU A HG3  1 
ATOM 182  N N    . SER A 1 47  ? 4.626   -4.800  5.193   1.00 0.75 ? 21  SER A N    1 
ATOM 183  C CA   . SER A 1 47  ? 5.125   -3.979  6.286   1.00 0.89 ? 21  SER A CA   1 
ATOM 184  C C    . SER A 1 47  ? 5.177   -2.520  5.836   1.00 0.84 ? 21  SER A C    1 
ATOM 185  O O    . SER A 1 47  ? 4.602   -1.642  6.475   1.00 0.91 ? 21  SER A O    1 
ATOM 186  C CB   . SER A 1 47  ? 6.515   -4.470  6.719   1.00 1.14 ? 21  SER A CB   1 
ATOM 187  O OG   . SER A 1 47  ? 7.496   -3.457  6.583   1.00 1.59 ? 21  SER A OG   1 
ATOM 188  H H    . SER A 1 47  ? 5.166   -5.552  4.879   1.00 0.80 ? 21  SER A H    1 
ATOM 189  H HA   . SER A 1 47  ? 4.437   -4.068  7.115   1.00 0.98 ? 21  SER A HA   1 
ATOM 190  H HB2  . SER A 1 47  ? 6.478   -4.781  7.752   1.00 1.41 ? 21  SER A HB2  1 
ATOM 191  H HB3  . SER A 1 47  ? 6.800   -5.311  6.106   1.00 1.49 ? 21  SER A HB3  1 
ATOM 192  H HG   . SER A 1 47  ? 7.287   -2.730  7.173   1.00 2.12 ? 21  SER A HG   1 
ATOM 193  N N    . TRP A 1 48  ? 5.848   -2.282  4.704   1.00 0.91 ? 22  TRP A N    1 
ATOM 194  C CA   . TRP A 1 48  ? 5.967   -0.936  4.136   1.00 1.05 ? 22  TRP A CA   1 
ATOM 195  C C    . TRP A 1 48  ? 4.599   -0.277  4.030   1.00 0.87 ? 22  TRP A C    1 
ATOM 196  O O    . TRP A 1 48  ? 4.458   0.906   4.311   1.00 0.92 ? 22  TRP A O    1 
ATOM 197  C CB   . TRP A 1 48  ? 6.642   -0.996  2.759   1.00 1.38 ? 22  TRP A CB   1 
ATOM 198  C CG   . TRP A 1 48  ? 6.384   0.191   1.871   1.00 1.53 ? 22  TRP A CG   1 
ATOM 199  C CD1  . TRP A 1 48  ? 7.124   1.338   1.794   1.00 2.19 ? 22  TRP A CD1  1 
ATOM 200  C CD2  . TRP A 1 48  ? 5.327   0.339   0.909   1.00 1.39 ? 22  TRP A CD2  1 
ATOM 201  N NE1  . TRP A 1 48  ? 6.587   2.180   0.847   1.00 2.16 ? 22  TRP A NE1  1 
ATOM 202  C CE2  . TRP A 1 48  ? 5.498   1.584   0.289   1.00 1.65 ? 22  TRP A CE2  1 
ATOM 203  C CE3  . TRP A 1 48  ? 4.255   -0.460  0.512   1.00 1.73 ? 22  TRP A CE3  1 
ATOM 204  C CZ2  . TRP A 1 48  ? 4.651   2.040   -0.708  1.00 1.79 ? 22  TRP A CZ2  1 
ATOM 205  C CZ3  . TRP A 1 48  ? 3.412   -0.005  -0.478  1.00 2.24 ? 22  TRP A CZ3  1 
ATOM 206  C CH2  . TRP A 1 48  ? 3.616   1.232   -1.082  1.00 2.11 ? 22  TRP A CH2  1 
ATOM 207  H H    . TRP A 1 48  ? 6.261   -3.035  4.232   1.00 0.99 ? 22  TRP A H    1 
ATOM 208  H HA   . TRP A 1 48  ? 6.588   -0.347  4.808   1.00 1.22 ? 22  TRP A HA   1 
ATOM 209  H HB2  . TRP A 1 48  ? 7.710   -1.075  2.901   1.00 1.96 ? 22  TRP A HB2  1 
ATOM 210  H HB3  . TRP A 1 48  ? 6.297   -1.874  2.235   1.00 1.39 ? 22  TRP A HB3  1 
ATOM 211  H HD1  . TRP A 1 48  ? 7.994   1.543   2.398   1.00 2.80 ? 22  TRP A HD1  1 
ATOM 212  H HE1  . TRP A 1 48  ? 6.928   3.066   0.607   1.00 2.61 ? 22  TRP A HE1  1 
ATOM 213  H HE3  . TRP A 1 48  ? 4.070   -1.407  0.970   1.00 1.89 ? 22  TRP A HE3  1 
ATOM 214  H HZ2  . TRP A 1 48  ? 4.802   2.994   -1.184  1.00 1.99 ? 22  TRP A HZ2  1 
ATOM 215  H HZ3  . TRP A 1 48  ? 2.583   -0.618  -0.798  1.00 2.88 ? 22  TRP A HZ3  1 
ATOM 216  H HH2  . TRP A 1 48  ? 2.938   1.545   -1.854  1.00 2.52 ? 22  TRP A HH2  1 
ATOM 217  N N    . ILE A 1 49  ? 3.596   -1.048  3.618   1.00 0.80 ? 23  ILE A N    1 
ATOM 218  C CA   . ILE A 1 49  ? 2.242   -0.518  3.500   1.00 0.90 ? 23  ILE A CA   1 
ATOM 219  C C    . ILE A 1 49  ? 1.785   0.049   4.843   1.00 0.87 ? 23  ILE A C    1 
ATOM 220  O O    . ILE A 1 49  ? 1.305   1.182   4.923   1.00 0.95 ? 23  ILE A O    1 
ATOM 221  C CB   . ILE A 1 49  ? 1.243   -1.592  2.985   1.00 1.16 ? 23  ILE A CB   1 
ATOM 222  C CG1  . ILE A 1 49  ? 0.526   -1.087  1.728   1.00 1.34 ? 23  ILE A CG1  1 
ATOM 223  C CG2  . ILE A 1 49  ? 0.224   -1.982  4.053   1.00 1.46 ? 23  ILE A CG2  1 
ATOM 224  C CD1  . ILE A 1 49  ? -0.434  0.056   1.989   1.00 1.92 ? 23  ILE A CD1  1 
ATOM 225  H H    . ILE A 1 49  ? 3.771   -1.984  3.393   1.00 0.82 ? 23  ILE A H    1 
ATOM 226  H HA   . ILE A 1 49  ? 2.269   0.286   2.789   1.00 1.05 ? 23  ILE A HA   1 
ATOM 227  H HB   . ILE A 1 49  ? 1.806   -2.476  2.728   1.00 1.40 ? 23  ILE A HB   1 
ATOM 228  H HG12 . ILE A 1 49  ? 1.260   -0.743  1.015   1.00 1.93 ? 23  ILE A HG12 1 
ATOM 229  H HG13 . ILE A 1 49  ? -0.039  -1.897  1.292   1.00 1.59 ? 23  ILE A HG13 1 
ATOM 230  H HG21 . ILE A 1 49  ? -0.278  -1.096  4.418   1.00 1.87 ? 23  ILE A HG21 1 
ATOM 231  H HG22 . ILE A 1 49  ? -0.504  -2.654  3.624   1.00 1.70 ? 23  ILE A HG22 1 
ATOM 232  H HG23 . ILE A 1 49  ? 0.728   -2.472  4.870   1.00 2.01 ? 23  ILE A HG23 1 
ATOM 233  H HD11 . ILE A 1 49  ? -1.187  -0.259  2.695   1.00 2.24 ? 23  ILE A HD11 1 
ATOM 234  H HD12 . ILE A 1 49  ? 0.111   0.897   2.395   1.00 2.46 ? 23  ILE A HD12 1 
ATOM 235  H HD13 . ILE A 1 49  ? -0.904  0.347   1.064   1.00 2.40 ? 23  ILE A HD13 1 
ATOM 236  N N    . LYS A 1 50  ? 1.966   -0.735  5.902   1.00 0.92 ? 24  LYS A N    1 
ATOM 237  C CA   . LYS A 1 50  ? 1.596   -0.300  7.245   1.00 1.18 ? 24  LYS A CA   1 
ATOM 238  C C    . LYS A 1 50  ? 2.375   0.959   7.617   1.00 1.21 ? 24  LYS A C    1 
ATOM 239  O O    . LYS A 1 50  ? 1.812   1.929   8.127   1.00 1.38 ? 24  LYS A O    1 
ATOM 240  C CB   . LYS A 1 50  ? 1.871   -1.411  8.269   1.00 1.40 ? 24  LYS A CB   1 
ATOM 241  C CG   . LYS A 1 50  ? 1.398   -2.793  7.828   1.00 2.00 ? 24  LYS A CG   1 
ATOM 242  C CD   . LYS A 1 50  ? 0.076   -3.174  8.478   1.00 2.68 ? 24  LYS A CD   1 
ATOM 243  C CE   . LYS A 1 50  ? -0.196  -4.667  8.362   1.00 3.24 ? 24  LYS A CE   1 
ATOM 244  N NZ   . LYS A 1 50  ? -0.634  -5.052  6.991   1.00 3.58 ? 24  LYS A NZ   1 
ATOM 245  H H    . LYS A 1 50  ? 2.373   -1.618  5.778   1.00 0.88 ? 24  LYS A H    1 
ATOM 246  H HA   . LYS A 1 50  ? 0.538   -0.072  7.243   1.00 1.36 ? 24  LYS A HA   1 
ATOM 247  H HB2  . LYS A 1 50  ? 2.936   -1.460  8.448   1.00 1.43 ? 24  LYS A HB2  1 
ATOM 248  H HB3  . LYS A 1 50  ? 1.373   -1.161  9.194   1.00 1.89 ? 24  LYS A HB3  1 
ATOM 249  H HG2  . LYS A 1 50  ? 1.272   -2.798  6.758   1.00 2.23 ? 24  LYS A HG2  1 
ATOM 250  H HG3  . LYS A 1 50  ? 2.146   -3.521  8.106   1.00 2.50 ? 24  LYS A HG3  1 
ATOM 251  H HD2  . LYS A 1 50  ? 0.108   -2.905  9.523   1.00 3.14 ? 24  LYS A HD2  1 
ATOM 252  H HD3  . LYS A 1 50  ? -0.723  -2.634  7.990   1.00 2.92 ? 24  LYS A HD3  1 
ATOM 253  H HE2  . LYS A 1 50  ? 0.708   -5.205  8.605   1.00 3.54 ? 24  LYS A HE2  1 
ATOM 254  H HE3  . LYS A 1 50  ? -0.971  -4.935  9.066   1.00 3.62 ? 24  LYS A HE3  1 
ATOM 255  H HZ1  . LYS A 1 50  ? -0.002  -4.632  6.280   1.00 3.72 ? 24  LYS A HZ1  1 
ATOM 256  H HZ2  . LYS A 1 50  ? -0.615  -6.087  6.885   1.00 3.84 ? 24  LYS A HZ2  1 
ATOM 257  H HZ3  . LYS A 1 50  ? -1.603  -4.716  6.818   1.00 3.90 ? 24  LYS A HZ3  1 
ATOM 258  N N    . GLU A 1 51  ? 3.676   0.935   7.336   1.00 1.18 ? 25  GLU A N    1 
ATOM 259  C CA   . GLU A 1 51  ? 4.549   2.069   7.618   1.00 1.40 ? 25  GLU A CA   1 
ATOM 260  C C    . GLU A 1 51  ? 4.096   3.291   6.830   1.00 1.37 ? 25  GLU A C    1 
ATOM 261  O O    . GLU A 1 51  ? 4.142   4.417   7.323   1.00 1.59 ? 25  GLU A O    1 
ATOM 262  C CB   . GLU A 1 51  ? 5.998   1.718   7.266   1.00 1.58 ? 25  GLU A CB   1 
ATOM 263  C CG   . GLU A 1 51  ? 6.755   1.053   8.405   1.00 2.34 ? 25  GLU A CG   1 
ATOM 264  C CD   . GLU A 1 51  ? 6.166   -0.291  8.785   1.00 2.86 ? 25  GLU A CD   1 
ATOM 265  O OE1  . GLU A 1 51  ? 5.172   -0.313  9.544   1.00 3.45 ? 25  GLU A OE1  1 
ATOM 266  O OE2  . GLU A 1 51  ? 6.695   -1.321  8.323   1.00 3.26 ? 25  GLU A OE2  1 
ATOM 267  H H    . GLU A 1 51  ? 4.056   0.137   6.921   1.00 1.09 ? 25  GLU A H    1 
ATOM 268  H HA   . GLU A 1 51  ? 4.483   2.289   8.674   1.00 1.61 ? 25  GLU A HA   1 
ATOM 269  H HB2  . GLU A 1 51  ? 5.998   1.045   6.421   1.00 1.85 ? 25  GLU A HB2  1 
ATOM 270  H HB3  . GLU A 1 51  ? 6.522   2.622   6.992   1.00 1.69 ? 25  GLU A HB3  1 
ATOM 271  H HG2  . GLU A 1 51  ? 7.781   0.909   8.102   1.00 2.83 ? 25  GLU A HG2  1 
ATOM 272  H HG3  . GLU A 1 51  ? 6.725   1.702   9.268   1.00 2.75 ? 25  GLU A HG3  1 
ATOM 273  N N    . LYS A 1 52  ? 3.647   3.052   5.602   1.00 1.19 ? 26  LYS A N    1 
ATOM 274  C CA   . LYS A 1 52  ? 3.164   4.117   4.737   1.00 1.29 ? 26  LYS A CA   1 
ATOM 275  C C    . LYS A 1 52  ? 1.953   4.784   5.389   1.00 1.31 ? 26  LYS A C    1 
ATOM 276  O O    . LYS A 1 52  ? 1.945   5.993   5.619   1.00 1.49 ? 26  LYS A O    1 
ATOM 277  C CB   . LYS A 1 52  ? 2.814   3.554   3.348   1.00 1.34 ? 26  LYS A CB   1 
ATOM 278  C CG   . LYS A 1 52  ? 1.660   4.270   2.653   1.00 1.63 ? 26  LYS A CG   1 
ATOM 279  C CD   . LYS A 1 52  ? 1.954   5.751   2.447   1.00 2.01 ? 26  LYS A CD   1 
ATOM 280  C CE   . LYS A 1 52  ? 0.774   6.472   1.812   1.00 2.27 ? 26  LYS A CE   1 
ATOM 281  N NZ   . LYS A 1 52  ? 0.968   6.659   0.349   1.00 2.77 ? 26  LYS A NZ   1 
ATOM 282  H H    . LYS A 1 52  ? 3.628   2.133   5.276   1.00 1.07 ? 26  LYS A H    1 
ATOM 283  H HA   . LYS A 1 52  ? 3.954   4.847   4.636   1.00 1.50 ? 26  LYS A HA   1 
ATOM 284  H HB2  . LYS A 1 52  ? 3.684   3.624   2.713   1.00 1.35 ? 26  LYS A HB2  1 
ATOM 285  H HB3  . LYS A 1 52  ? 2.552   2.515   3.448   1.00 1.52 ? 26  LYS A HB3  1 
ATOM 286  H HG2  . LYS A 1 52  ? 1.494   3.810   1.692   1.00 2.03 ? 26  LYS A HG2  1 
ATOM 287  H HG3  . LYS A 1 52  ? 0.770   4.170   3.259   1.00 2.07 ? 26  LYS A HG3  1 
ATOM 288  H HD2  . LYS A 1 52  ? 2.166   6.206   3.402   1.00 2.51 ? 26  LYS A HD2  1 
ATOM 289  H HD3  . LYS A 1 52  ? 2.813   5.850   1.801   1.00 2.56 ? 26  LYS A HD3  1 
ATOM 290  H HE2  . LYS A 1 52  ? -0.122  5.892   1.977   1.00 2.50 ? 26  LYS A HE2  1 
ATOM 291  H HE3  . LYS A 1 52  ? 0.668   7.440   2.279   1.00 2.81 ? 26  LYS A HE3  1 
ATOM 292  H HZ1  . LYS A 1 52  ? 1.730   6.036   0.014   1.00 3.08 ? 26  LYS A HZ1  1 
ATOM 293  H HZ2  . LYS A 1 52  ? 0.091   6.429   -0.161  1.00 3.07 ? 26  LYS A HZ2  1 
ATOM 294  H HZ3  . LYS A 1 52  ? 1.229   7.646   0.150   1.00 3.25 ? 26  LYS A HZ3  1 
ATOM 295  N N    . LYS A 1 53  ? 0.943   3.980   5.711   1.00 1.25 ? 27  LYS A N    1 
ATOM 296  C CA   . LYS A 1 53  ? -0.259  4.495   6.359   1.00 1.48 ? 27  LYS A CA   1 
ATOM 297  C C    . LYS A 1 53  ? 0.115   5.302   7.603   1.00 1.65 ? 27  LYS A C    1 
ATOM 298  O O    . LYS A 1 53  ? -0.455  6.362   7.868   1.00 1.84 ? 27  LYS A O    1 
ATOM 299  C CB   . LYS A 1 53  ? -1.193  3.340   6.741   1.00 1.61 ? 27  LYS A CB   1 
ATOM 300  C CG   . LYS A 1 53  ? -2.668  3.725   6.779   1.00 2.10 ? 27  LYS A CG   1 
ATOM 301  C CD   . LYS A 1 53  ? -3.193  3.826   8.204   1.00 2.50 ? 27  LYS A CD   1 
ATOM 302  C CE   . LYS A 1 53  ? -3.222  5.266   8.701   1.00 3.05 ? 27  LYS A CE   1 
ATOM 303  N NZ   . LYS A 1 53  ? -2.311  5.472   9.860   1.00 3.62 ? 27  LYS A NZ   1 
ATOM 304  H H    . LYS A 1 53  ? 1.010   3.020   5.518   1.00 1.14 ? 27  LYS A H    1 
ATOM 305  H HA   . LYS A 1 53  ? -0.766  5.142   5.656   1.00 1.57 ? 27  LYS A HA   1 
ATOM 306  H HB2  . LYS A 1 53  ? -1.070  2.545   6.021   1.00 1.94 ? 27  LYS A HB2  1 
ATOM 307  H HB3  . LYS A 1 53  ? -0.910  2.973   7.716   1.00 1.76 ? 27  LYS A HB3  1 
ATOM 308  H HG2  . LYS A 1 53  ? -2.793  4.679   6.287   1.00 2.57 ? 27  LYS A HG2  1 
ATOM 309  H HG3  . LYS A 1 53  ? -3.235  2.973   6.252   1.00 2.52 ? 27  LYS A HG3  1 
ATOM 310  H HD2  . LYS A 1 53  ? -4.197  3.427   8.234   1.00 2.81 ? 27  LYS A HD2  1 
ATOM 311  H HD3  . LYS A 1 53  ? -2.558  3.244   8.857   1.00 2.82 ? 27  LYS A HD3  1 
ATOM 312  H HE2  . LYS A 1 53  ? -2.921  5.920   7.897   1.00 3.69 ? 27  LYS A HE2  1 
ATOM 313  H HE3  . LYS A 1 53  ? -4.232  5.508   9.002   1.00 2.97 ? 27  LYS A HE3  1 
ATOM 314  H HZ1  . LYS A 1 53  ? -2.412  4.692   10.537  1.00 3.88 ? 27  LYS A HZ1  1 
ATOM 315  H HZ2  . LYS A 1 53  ? -1.324  5.512   9.535   1.00 3.99 ? 27  LYS A HZ2  1 
ATOM 316  H HZ3  . LYS A 1 53  ? -2.542  6.366   10.340  1.00 3.95 ? 27  LYS A HZ3  1 
ATOM 317  N N    . LEU A 1 54  ? 1.080   4.789   8.365   1.00 1.65 ? 28  LEU A N    1 
ATOM 318  C CA   . LEU A 1 54  ? 1.539   5.458   9.580   1.00 1.92 ? 28  LEU A CA   1 
ATOM 319  C C    . LEU A 1 54  ? 2.010   6.876   9.273   1.00 1.96 ? 28  LEU A C    1 
ATOM 320  O O    . LEU A 1 54  ? 1.670   7.817   9.990   1.00 2.16 ? 28  LEU A O    1 
ATOM 321  C CB   . LEU A 1 54  ? 2.669   4.651   10.236  1.00 2.05 ? 28  LEU A CB   1 
ATOM 322  C CG   . LEU A 1 54  ? 3.651   5.462   11.092  1.00 2.51 ? 28  LEU A CG   1 
ATOM 323  C CD1  . LEU A 1 54  ? 2.979   5.943   12.372  1.00 3.19 ? 28  LEU A CD1  1 
ATOM 324  C CD2  . LEU A 1 54  ? 4.886   4.632   11.416  1.00 2.78 ? 28  LEU A CD2  1 
ATOM 325  H H    . LEU A 1 54  ? 1.494   3.940   8.105   1.00 1.53 ? 28  LEU A H    1 
ATOM 326  H HA   . LEU A 1 54  ? 0.703   5.511   10.265  1.00 2.11 ? 28  LEU A HA   1 
ATOM 327  H HB2  . LEU A 1 54  ? 2.222   3.893   10.862  1.00 2.16 ? 28  LEU A HB2  1 
ATOM 328  H HB3  . LEU A 1 54  ? 3.229   4.159   9.456   1.00 2.14 ? 28  LEU A HB3  1 
ATOM 329  H HG   . LEU A 1 54  ? 3.974   6.331   10.538  1.00 2.78 ? 28  LEU A HG   1 
ATOM 330  H HD11 . LEU A 1 54  ? 2.004   6.343   12.139  1.00 3.49 ? 28  LEU A HD11 1 
ATOM 331  H HD12 . LEU A 1 54  ? 2.872   5.115   13.056  1.00 3.53 ? 28  LEU A HD12 1 
ATOM 332  H HD13 . LEU A 1 54  ? 3.585   6.712   12.828  1.00 3.63 ? 28  LEU A HD13 1 
ATOM 333  H HD21 . LEU A 1 54  ? 5.356   4.314   10.497  1.00 3.00 ? 28  LEU A HD21 1 
ATOM 334  H HD22 . LEU A 1 54  ? 5.582   5.228   11.989  1.00 3.21 ? 28  LEU A HD22 1 
ATOM 335  H HD23 . LEU A 1 54  ? 4.597   3.765   11.992  1.00 3.07 ? 28  LEU A HD23 1 
ATOM 336  N N    . LEU A 1 55  ? 2.793   7.028   8.204   1.00 1.84 ? 29  LEU A N    1 
ATOM 337  C CA   . LEU A 1 55  ? 3.297   8.344   7.818   1.00 2.00 ? 29  LEU A CA   1 
ATOM 338  C C    . LEU A 1 55  ? 2.139   9.315   7.648   1.00 2.03 ? 29  LEU A C    1 
ATOM 339  O O    . LEU A 1 55  ? 2.155   10.421  8.189   1.00 2.24 ? 29  LEU A O    1 
ATOM 340  C CB   . LEU A 1 55  ? 4.109   8.265   6.519   1.00 2.00 ? 29  LEU A CB   1 
ATOM 341  C CG   . LEU A 1 55  ? 5.377   7.407   6.596   1.00 2.43 ? 29  LEU A CG   1 
ATOM 342  C CD1  . LEU A 1 55  ? 5.981   7.218   5.211   1.00 3.02 ? 29  LEU A CD1  1 
ATOM 343  C CD2  . LEU A 1 55  ? 6.392   8.034   7.544   1.00 3.08 ? 29  LEU A CD2  1 
ATOM 344  H H    . LEU A 1 55  ? 3.030   6.241   7.668   1.00 1.71 ? 29  LEU A H    1 
ATOM 345  H HA   . LEU A 1 55  ? 3.936   8.700   8.613   1.00 2.21 ? 29  LEU A HA   1 
ATOM 346  H HB2  . LEU A 1 55  ? 3.475   7.867   5.743   1.00 2.02 ? 29  LEU A HB2  1 
ATOM 347  H HB3  . LEU A 1 55  ? 4.398   9.269   6.242   1.00 2.17 ? 29  LEU A HB3  1 
ATOM 348  H HG   . LEU A 1 55  ? 5.120   6.433   6.982   1.00 2.63 ? 29  LEU A HG   1 
ATOM 349  H HD11 . LEU A 1 55  ? 5.223   6.850   4.535   1.00 3.29 ? 29  LEU A HD11 1 
ATOM 350  H HD12 . LEU A 1 55  ? 6.356   8.165   4.848   1.00 3.40 ? 29  LEU A HD12 1 
ATOM 351  H HD13 . LEU A 1 55  ? 6.791   6.507   5.266   1.00 3.42 ? 29  LEU A HD13 1 
ATOM 352  H HD21 . LEU A 1 55  ? 6.451   9.096   7.359   1.00 3.65 ? 29  LEU A HD21 1 
ATOM 353  H HD22 . LEU A 1 55  ? 6.082   7.864   8.565   1.00 3.18 ? 29  LEU A HD22 1 
ATOM 354  H HD23 . LEU A 1 55  ? 7.361   7.585   7.382   1.00 3.52 ? 29  LEU A HD23 1 
ATOM 355  N N    . VAL A 1 56  ? 1.127   8.884   6.901   1.00 1.90 ? 30  VAL A N    1 
ATOM 356  C CA   . VAL A 1 56  ? -0.055  9.702   6.662   1.00 2.05 ? 30  VAL A CA   1 
ATOM 357  C C    . VAL A 1 56  ? -0.671  10.154  7.982   1.00 2.27 ? 30  VAL A C    1 
ATOM 358  O O    . VAL A 1 56  ? -1.180  11.271  8.094   1.00 2.48 ? 30  VAL A O    1 
ATOM 359  C CB   . VAL A 1 56  ? -1.114  8.928   5.846   1.00 2.03 ? 30  VAL A CB   1 
ATOM 360  C CG1  . VAL A 1 56  ? -2.337  9.794   5.583   1.00 2.35 ? 30  VAL A CG1  1 
ATOM 361  C CG2  . VAL A 1 56  ? -0.513  8.414   4.543   1.00 2.26 ? 30  VAL A CG2  1 
ATOM 362  H H    . VAL A 1 56  ? 1.177   7.987   6.509   1.00 1.76 ? 30  VAL A H    1 
ATOM 363  H HA   . VAL A 1 56  ? 0.246   10.570  6.095   1.00 2.15 ? 30  VAL A HA   1 
ATOM 364  H HB   . VAL A 1 56  ? -1.430  8.072   6.427   1.00 2.09 ? 30  VAL A HB   1 
ATOM 365  H HG11 . VAL A 1 56  ? -2.111  10.822  5.826   1.00 2.48 ? 30  VAL A HG11 1 
ATOM 366  H HG12 . VAL A 1 56  ? -2.614  9.724   4.541   1.00 2.60 ? 30  VAL A HG12 1 
ATOM 367  H HG13 . VAL A 1 56  ? -3.158  9.453   6.196   1.00 2.86 ? 30  VAL A HG13 1 
ATOM 368  H HG21 . VAL A 1 56  ? 0.223   9.119   4.183   1.00 2.62 ? 30  VAL A HG21 1 
ATOM 369  H HG22 . VAL A 1 56  ? -0.042  7.459   4.715   1.00 2.42 ? 30  VAL A HG22 1 
ATOM 370  H HG23 . VAL A 1 56  ? -1.295  8.304   3.806   1.00 2.73 ? 30  VAL A HG23 1 
ATOM 371  N N    . SER A 1 57  ? -0.625  9.271   8.972   1.00 2.30 ? 31  SER A N    1 
ATOM 372  C CA   . SER A 1 57  ? -1.177  9.558   10.290  1.00 2.61 ? 31  SER A CA   1 
ATOM 373  C C    . SER A 1 57  ? -0.278  10.514  11.075  1.00 2.74 ? 31  SER A C    1 
ATOM 374  O O    . SER A 1 57  ? -0.739  11.199  11.986  1.00 3.01 ? 31  SER A O    1 
ATOM 375  C CB   . SER A 1 57  ? -1.361  8.255   11.075  1.00 2.70 ? 31  SER A CB   1 
ATOM 376  O OG   . SER A 1 57  ? -2.734  7.971   11.281  1.00 2.71 ? 31  SER A OG   1 
ATOM 377  H H    . SER A 1 57  ? -0.213  8.397   8.810   1.00 2.16 ? 31  SER A H    1 
ATOM 378  H HA   . SER A 1 57  ? -2.140  10.023  10.153  1.00 2.77 ? 31  SER A HA   1 
ATOM 379  H HB2  . SER A 1 57  ? -0.919  7.441   10.520  1.00 3.12 ? 31  SER A HB2  1 
ATOM 380  H HB3  . SER A 1 57  ? -0.875  8.338   12.035  1.00 2.76 ? 31  SER A HB3  1 
ATOM 381  H HG   . SER A 1 57  ? -3.133  8.677   11.797  1.00 2.68 ? 31  SER A HG   1 
ATOM 382  N N    . SER A 1 58  ? 1.005   10.541  10.725  1.00 2.63 ? 32  SER A N    1 
ATOM 383  C CA   . SER A 1 58  ? 1.970   11.402  11.409  1.00 2.85 ? 32  SER A CA   1 
ATOM 384  C C    . SER A 1 58  ? 1.919   12.844  10.897  1.00 2.93 ? 32  SER A C    1 
ATOM 385  O O    . SER A 1 58  ? 1.980   13.791  11.681  1.00 3.19 ? 32  SER A O    1 
ATOM 386  C CB   . SER A 1 58  ? 3.386   10.846  11.243  1.00 2.84 ? 32  SER A CB   1 
ATOM 387  O OG   . SER A 1 58  ? 3.429   9.463   11.547  1.00 3.16 ? 32  SER A OG   1 
ATOM 388  H H    . SER A 1 58  ? 1.313   9.963   9.998   1.00 2.45 ? 32  SER A H    1 
ATOM 389  H HA   . SER A 1 58  ? 1.721   11.404  12.461  1.00 3.05 ? 32  SER A HA   1 
ATOM 390  H HB2  . SER A 1 58  ? 3.712   10.988  10.222  1.00 2.68 ? 32  SER A HB2  1 
ATOM 391  H HB3  . SER A 1 58  ? 4.055   11.369  11.910  1.00 3.13 ? 32  SER A HB3  1 
ATOM 392  H HG   . SER A 1 58  ? 2.726   9.009   11.077  1.00 3.25 ? 32  SER A HG   1 
ATOM 393  N N    . GLU A 1 59  ? 1.847   12.997  9.575   1.00 2.79 ? 33  GLU A N    1 
ATOM 394  C CA   . GLU A 1 59  ? 1.829   14.320  8.945   1.00 2.95 ? 33  GLU A CA   1 
ATOM 395  C C    . GLU A 1 59  ? 0.456   14.994  9.041   1.00 3.13 ? 33  GLU A C    1 
ATOM 396  O O    . GLU A 1 59  ? -0.076  15.478  8.041   1.00 3.53 ? 33  GLU A O    1 
ATOM 397  C CB   . GLU A 1 59  ? 2.249   14.197  7.474   1.00 3.57 ? 33  GLU A CB   1 
ATOM 398  C CG   . GLU A 1 59  ? 1.324   13.316  6.644   1.00 3.89 ? 33  GLU A CG   1 
ATOM 399  C CD   . GLU A 1 59  ? 1.824   13.102  5.230   1.00 3.97 ? 33  GLU A CD   1 
ATOM 400  O OE1  . GLU A 1 59  ? 1.937   14.097  4.480   1.00 4.15 ? 33  GLU A OE1  1 
ATOM 401  O OE2  . GLU A 1 59  ? 2.098   11.940  4.867   1.00 4.37 ? 33  GLU A OE2  1 
ATOM 402  H H    . GLU A 1 59  ? 1.833   12.199  9.009   1.00 2.62 ? 33  GLU A H    1 
ATOM 403  H HA   . GLU A 1 59  ? 2.550   14.936  9.459   1.00 3.08 ? 33  GLU A HA   1 
ATOM 404  H HB2  . GLU A 1 59  ? 2.265   15.183  7.032   1.00 3.95 ? 33  GLU A HB2  1 
ATOM 405  H HB3  . GLU A 1 59  ? 3.241   13.776  7.431   1.00 4.04 ? 33  GLU A HB3  1 
ATOM 406  H HG2  . GLU A 1 59  ? 1.234   12.356  7.127   1.00 4.23 ? 33  GLU A HG2  1 
ATOM 407  H HG3  . GLU A 1 59  ? 0.351   13.783  6.596   1.00 4.35 ? 33  GLU A HG3  1 
ATOM 408  N N    . ASP A 1 60  ? -0.107  15.038  10.247  1.00 3.39 ? 34  ASP A N    1 
ATOM 409  C CA   . ASP A 1 60  ? -1.412  15.664  10.465  1.00 4.20 ? 34  ASP A CA   1 
ATOM 410  C C    . ASP A 1 60  ? -1.388  16.575  11.691  1.00 4.34 ? 34  ASP A C    1 
ATOM 411  O O    . ASP A 1 60  ? -1.893  17.699  11.654  1.00 4.57 ? 34  ASP A O    1 
ATOM 412  C CB   . ASP A 1 60  ? -2.496  14.592  10.631  1.00 4.70 ? 34  ASP A CB   1 
ATOM 413  C CG   . ASP A 1 60  ? -2.707  14.189  12.081  1.00 4.63 ? 34  ASP A CG   1 
ATOM 414  O OD1  . ASP A 1 60  ? -1.805  13.543  12.654  1.00 4.85 ? 34  ASP A OD1  1 
ATOM 415  O OD2  . ASP A 1 60  ? -3.766  14.532  12.644  1.00 4.83 ? 34  ASP A OD2  1 
ATOM 416  H H    . ASP A 1 60  ? 0.365   14.647  11.010  1.00 3.35 ? 34  ASP A H    1 
ATOM 417  H HA   . ASP A 1 60  ? -1.642  16.263  9.595   1.00 4.75 ? 34  ASP A HA   1 
ATOM 418  H HB2  . ASP A 1 60  ? -3.431  14.972  10.243  1.00 4.90 ? 34  ASP A HB2  1 
ATOM 419  H HB3  . ASP A 1 60  ? -2.213  13.714  10.071  1.00 4.85 ? 34  ASP A HB3  1 
ATOM 420  N N    . TYR A 1 61  ? -0.809  16.076  12.779  1.00 4.62 ? 35  TYR A N    1 
ATOM 421  C CA   . TYR A 1 61  ? -0.727  16.828  14.028  1.00 5.01 ? 35  TYR A CA   1 
ATOM 422  C C    . TYR A 1 61  ? 0.127   18.083  13.866  1.00 4.75 ? 35  TYR A C    1 
ATOM 423  O O    . TYR A 1 61  ? 1.320   18.001  13.571  1.00 5.05 ? 35  TYR A O    1 
ATOM 424  C CB   . TYR A 1 61  ? -0.151  15.944  15.141  1.00 5.66 ? 35  TYR A CB   1 
ATOM 425  C CG   . TYR A 1 61  ? -1.095  15.757  16.306  1.00 6.44 ? 35  TYR A CG   1 
ATOM 426  C CD1  . TYR A 1 61  ? -2.219  14.949  16.192  1.00 6.97 ? 35  TYR A CD1  1 
ATOM 427  C CD2  . TYR A 1 61  ? -0.868  16.398  17.520  1.00 6.95 ? 35  TYR A CD2  1 
ATOM 428  C CE1  . TYR A 1 61  ? -3.089  14.782  17.252  1.00 7.94 ? 35  TYR A CE1  1 
ATOM 429  C CE2  . TYR A 1 61  ? -1.734  16.236  18.584  1.00 7.93 ? 35  TYR A CE2  1 
ATOM 430  C CZ   . TYR A 1 61  ? -2.842  15.427  18.445  1.00 8.40 ? 35  TYR A CZ   1 
ATOM 431  O OH   . TYR A 1 61  ? -3.705  15.263  19.502  1.00 9.52 ? 35  TYR A OH   1 
ATOM 432  H H    . TYR A 1 61  ? -0.434  15.171  12.744  1.00 4.82 ? 35  TYR A H    1 
ATOM 433  H HA   . TYR A 1 61  ? -1.734  17.120  14.301  1.00 5.42 ? 35  TYR A HA   1 
ATOM 434  H HB2  . TYR A 1 61  ? 0.072   14.967  14.738  1.00 5.77 ? 35  TYR A HB2  1 
ATOM 435  H HB3  . TYR A 1 61  ? 0.757   16.390  15.515  1.00 5.88 ? 35  TYR A HB3  1 
ATOM 436  H HD1  . TYR A 1 61  ? -2.411  14.445  15.254  1.00 6.81 ? 35  TYR A HD1  1 
ATOM 437  H HD2  . TYR A 1 61  ? 0.000   17.030  17.624  1.00 6.75 ? 35  TYR A HD2  1 
ATOM 438  H HE1  . TYR A 1 61  ? -3.957  14.150  17.144  1.00 8.48 ? 35  TYR A HE1  1 
ATOM 439  H HE2  . TYR A 1 61  ? -1.540  16.742  19.518  1.00 8.46 ? 35  TYR A HE2  1 
ATOM 440  H HH   . TYR A 1 61  ? -3.505  14.440  19.955  1.00 9.80 ? 35  TYR A HH   1 
ATOM 441  N N    . GLY A 1 62  ? -0.491  19.245  14.067  1.00 4.65 ? 36  GLY A N    1 
ATOM 442  C CA   . GLY A 1 62  ? 0.228   20.500  13.946  1.00 4.85 ? 36  GLY A CA   1 
ATOM 443  C C    . GLY A 1 62  ? -0.661  21.704  14.192  1.00 4.72 ? 36  GLY A C    1 
ATOM 444  O O    . GLY A 1 62  ? -0.685  22.634  13.385  1.00 4.78 ? 36  GLY A O    1 
ATOM 445  H H    . GLY A 1 62  ? -1.441  19.249  14.305  1.00 4.76 ? 36  GLY A H    1 
ATOM 446  H HA2  . GLY A 1 62  ? 1.033   20.509  14.664  1.00 5.17 ? 36  GLY A HA2  1 
ATOM 447  H HA3  . GLY A 1 62  ? 0.644   20.569  12.953  1.00 5.13 ? 36  GLY A HA3  1 
ATOM 448  N N    . ARG A 1 63  ? -1.387  21.688  15.310  1.00 4.88 ? 37  ARG A N    1 
ATOM 449  C CA   . ARG A 1 63  ? -2.284  22.787  15.672  1.00 4.91 ? 37  ARG A CA   1 
ATOM 450  C C    . ARG A 1 63  ? -3.510  22.815  14.761  1.00 4.57 ? 37  ARG A C    1 
ATOM 451  O O    . ARG A 1 63  ? -3.391  22.984  13.551  1.00 4.62 ? 37  ARG A O    1 
ATOM 452  C CB   . ARG A 1 63  ? -1.542  24.130  15.605  1.00 5.47 ? 37  ARG A CB   1 
ATOM 453  C CG   . ARG A 1 63  ? -1.968  25.124  16.677  1.00 5.76 ? 37  ARG A CG   1 
ATOM 454  C CD   . ARG A 1 63  ? -3.192  25.918  16.252  1.00 5.57 ? 37  ARG A CD   1 
ATOM 455  N NE   . ARG A 1 63  ? -4.351  25.635  17.094  1.00 6.10 ? 37  ARG A NE   1 
ATOM 456  C CZ   . ARG A 1 63  ? -4.633  26.289  18.219  1.00 6.73 ? 37  ARG A CZ   1 
ATOM 457  N NH1  . ARG A 1 63  ? -3.832  27.255  18.649  1.00 7.28 ? 37  ARG A NH1  1 
ATOM 458  N NH2  . ARG A 1 63  ? -5.717  25.973  18.915  1.00 7.03 ? 37  ARG A NH2  1 
ATOM 459  H H    . ARG A 1 63  ? -1.318  20.916  15.909  1.00 5.18 ? 37  ARG A H    1 
ATOM 460  H HA   . ARG A 1 63  ? -2.613  22.621  16.684  1.00 5.17 ? 37  ARG A HA   1 
ATOM 461  H HB2  . ARG A 1 63  ? -0.483  23.948  15.719  1.00 5.71 ? 37  ARG A HB2  1 
ATOM 462  H HB3  . ARG A 1 63  ? -1.713  24.581  14.638  1.00 5.81 ? 37  ARG A HB3  1 
ATOM 463  H HG2  . ARG A 1 63  ? -2.196  24.585  17.583  1.00 6.07 ? 37  ARG A HG2  1 
ATOM 464  H HG3  . ARG A 1 63  ? -1.152  25.810  16.860  1.00 6.15 ? 37  ARG A HG3  1 
ATOM 465  H HD2  . ARG A 1 63  ? -2.962  26.972  16.313  1.00 5.54 ? 37  ARG A HD2  1 
ATOM 466  H HD3  . ARG A 1 63  ? -3.435  25.666  15.229  1.00 5.39 ? 37  ARG A HD3  1 
ATOM 467  H HE   . ARG A 1 63  ? -4.956  24.920  16.804  1.00 6.21 ? 37  ARG A HE   1 
ATOM 468  H HH11 . ARG A 1 63  ? -3.013  27.495  18.129  1.00 7.24 ? 37  ARG A HH11 1 
ATOM 469  H HH12 . ARG A 1 63  ? -4.047  27.745  19.495  1.00 7.88 ? 37  ARG A HH12 1 
ATOM 470  H HH21 . ARG A 1 63  ? -6.322  25.242  18.593  1.00 6.79 ? 37  ARG A HH21 1 
ATOM 471  H HH22 . ARG A 1 63  ? -5.931  26.462  19.758  1.00 7.62 ? 37  ARG A HH22 1 
ATOM 472  N N    . ASP A 1 64  ? -4.691  22.652  15.356  1.00 4.69 ? 38  ASP A N    1 
ATOM 473  C CA   . ASP A 1 64  ? -5.951  22.654  14.603  1.00 4.86 ? 38  ASP A CA   1 
ATOM 474  C C    . ASP A 1 64  ? -5.957  23.705  13.491  1.00 4.66 ? 38  ASP A C    1 
ATOM 475  O O    . ASP A 1 64  ? -6.231  23.387  12.332  1.00 4.86 ? 38  ASP A O    1 
ATOM 476  C CB   . ASP A 1 64  ? -7.137  22.891  15.547  1.00 5.43 ? 38  ASP A CB   1 
ATOM 477  C CG   . ASP A 1 64  ? -6.800  23.839  16.682  1.00 5.48 ? 38  ASP A CG   1 
ATOM 478  O OD1  . ASP A 1 64  ? -6.285  23.366  17.717  1.00 5.96 ? 38  ASP A OD1  1 
ATOM 479  O OD2  . ASP A 1 64  ? -7.037  25.055  16.533  1.00 5.43 ? 38  ASP A OD2  1 
ATOM 480  H H    . ASP A 1 64  ? -4.719  22.523  16.327  1.00 4.96 ? 38  ASP A H    1 
ATOM 481  H HA   . ASP A 1 64  ? -6.062  21.680  14.152  1.00 5.15 ? 38  ASP A HA   1 
ATOM 482  H HB2  . ASP A 1 64  ? -7.959  23.311  14.986  1.00 5.94 ? 38  ASP A HB2  1 
ATOM 483  H HB3  . ASP A 1 64  ? -7.444  21.946  15.972  1.00 5.52 ? 38  ASP A HB3  1 
ATOM 484  N N    . LEU A 1 65  ? -5.659  24.951  13.853  1.00 4.60 ? 39  LEU A N    1 
ATOM 485  C CA   . LEU A 1 65  ? -5.630  26.058  12.898  1.00 4.67 ? 39  LEU A CA   1 
ATOM 486  C C    . LEU A 1 65  ? -4.999  25.648  11.563  1.00 4.33 ? 39  LEU A C    1 
ATOM 487  O O    . LEU A 1 65  ? -5.506  26.006  10.500  1.00 4.41 ? 39  LEU A O    1 
ATOM 488  C CB   . LEU A 1 65  ? -4.869  27.247  13.490  1.00 4.84 ? 39  LEU A CB   1 
ATOM 489  C CG   . LEU A 1 65  ? -5.066  28.578  12.756  1.00 5.16 ? 39  LEU A CG   1 
ATOM 490  C CD1  . LEU A 1 65  ? -5.300  29.710  13.747  1.00 5.40 ? 39  LEU A CD1  1 
ATOM 491  C CD2  . LEU A 1 65  ? -3.868  28.886  11.867  1.00 5.47 ? 39  LEU A CD2  1 
ATOM 492  H H    . LEU A 1 65  ? -5.458  25.134  14.791  1.00 4.76 ? 39  LEU A H    1 
ATOM 493  H HA   . LEU A 1 65  ? -6.650  26.357  12.715  1.00 5.03 ? 39  LEU A HA   1 
ATOM 494  H HB2  . LEU A 1 65  ? -5.187  27.374  14.516  1.00 4.93 ? 39  LEU A HB2  1 
ATOM 495  H HB3  . LEU A 1 65  ? -3.814  27.010  13.487  1.00 4.90 ? 39  LEU A HB3  1 
ATOM 496  H HG   . LEU A 1 65  ? -5.940  28.508  12.122  1.00 5.41 ? 39  LEU A HG   1 
ATOM 497  H HD11 . LEU A 1 65  ? -4.456  29.783  14.416  1.00 5.37 ? 39  LEU A HD11 1 
ATOM 498  H HD12 . LEU A 1 65  ? -5.417  30.640  13.212  1.00 5.68 ? 39  LEU A HD12 1 
ATOM 499  H HD13 . LEU A 1 65  ? -6.197  29.509  14.317  1.00 5.73 ? 39  LEU A HD13 1 
ATOM 500  H HD21 . LEU A 1 65  ? -3.702  28.063  11.188  1.00 5.71 ? 39  LEU A HD21 1 
ATOM 501  H HD22 . LEU A 1 65  ? -4.060  29.785  11.301  1.00 5.73 ? 39  LEU A HD22 1 
ATOM 502  H HD23 . LEU A 1 65  ? -2.992  29.028  12.481  1.00 5.59 ? 39  LEU A HD23 1 
ATOM 503  N N    . THR A 1 66  ? -3.896  24.901  11.621  1.00 4.12 ? 40  THR A N    1 
ATOM 504  C CA   . THR A 1 66  ? -3.214  24.454  10.410  1.00 3.95 ? 40  THR A CA   1 
ATOM 505  C C    . THR A 1 66  ? -3.708  23.081  9.979   1.00 3.81 ? 40  THR A C    1 
ATOM 506  O O    . THR A 1 66  ? -3.672  22.752  8.798   1.00 3.56 ? 40  THR A O    1 
ATOM 507  C CB   . THR A 1 66  ? -1.699  24.406  10.625  1.00 3.89 ? 40  THR A CB   1 
ATOM 508  O OG1  . THR A 1 66  ? -1.231  25.624  11.174  1.00 4.22 ? 40  THR A OG1  1 
ATOM 509  C CG2  . THR A 1 66  ? -0.920  24.145  9.350   1.00 3.59 ? 40  THR A CG2  1 
ATOM 510  H H    . THR A 1 66  ? -3.537  24.642  12.493  1.00 4.20 ? 40  THR A H    1 
ATOM 511  H HA   . THR A 1 66  ? -3.431  25.164  9.624   1.00 4.13 ? 40  THR A HA   1 
ATOM 512  H HB   . THR A 1 66  ? -1.470  23.609  11.319  1.00 4.16 ? 40  THR A HB   1 
ATOM 513  H HG1  . THR A 1 66  ? -1.713  25.818  11.983  1.00 4.35 ? 40  THR A HG1  1 
ATOM 514  H HG21 . THR A 1 66  ? -1.140  24.919  8.630   1.00 3.51 ? 40  THR A HG21 1 
ATOM 515  H HG22 . THR A 1 66  ? 0.137   24.145  9.568   1.00 3.80 ? 40  THR A HG22 1 
ATOM 516  H HG23 . THR A 1 66  ? -1.203  23.183  8.943   1.00 3.75 ? 40  THR A HG23 1 
ATOM 517  N N    . GLY A 1 67  ? -4.161  22.282  10.943  1.00 4.04 ? 41  GLY A N    1 
ATOM 518  C CA   . GLY A 1 67  ? -4.648  20.946  10.639  1.00 4.02 ? 41  GLY A CA   1 
ATOM 519  C C    . GLY A 1 67  ? -5.427  20.898  9.338   1.00 3.78 ? 41  GLY A C    1 
ATOM 520  O O    . GLY A 1 67  ? -5.216  20.007  8.517   1.00 3.57 ? 41  GLY A O    1 
ATOM 521  H H    . GLY A 1 67  ? -4.151  22.599  11.868  1.00 4.28 ? 41  GLY A H    1 
ATOM 522  H HA2  . GLY A 1 67  ? -3.808  20.275  10.567  1.00 4.17 ? 41  GLY A HA2  1 
ATOM 523  H HA3  . GLY A 1 67  ? -5.290  20.619  11.442  1.00 4.26 ? 41  GLY A HA3  1 
ATOM 524  N N    . VAL A 1 68  ? -6.312  21.869  9.141   1.00 3.86 ? 42  VAL A N    1 
ATOM 525  C CA   . VAL A 1 68  ? -7.105  21.936  7.917   1.00 3.76 ? 42  VAL A CA   1 
ATOM 526  C C    . VAL A 1 68  ? -6.195  21.947  6.686   1.00 3.39 ? 42  VAL A C    1 
ATOM 527  O O    . VAL A 1 68  ? -6.315  21.098  5.802   1.00 3.25 ? 42  VAL A O    1 
ATOM 528  C CB   . VAL A 1 68  ? -8.019  23.182  7.901   1.00 3.99 ? 42  VAL A CB   1 
ATOM 529  C CG1  . VAL A 1 68  ? -7.216  24.455  8.136   1.00 4.39 ? 42  VAL A CG1  1 
ATOM 530  C CG2  . VAL A 1 68  ? -8.795  23.265  6.591   1.00 4.39 ? 42  VAL A CG2  1 
ATOM 531  H H    . VAL A 1 68  ? -6.425  22.561  9.826   1.00 4.04 ? 42  VAL A H    1 
ATOM 532  H HA   . VAL A 1 68  ? -7.730  21.055  7.879   1.00 3.88 ? 42  VAL A HA   1 
ATOM 533  H HB   . VAL A 1 68  ? -8.735  23.085  8.705   1.00 4.03 ? 42  VAL A HB   1 
ATOM 534  H HG11 . VAL A 1 68  ? -6.401  24.249  8.814   1.00 4.79 ? 42  VAL A HG11 1 
ATOM 535  H HG12 . VAL A 1 68  ? -6.823  24.814  7.198   1.00 4.70 ? 42  VAL A HG12 1 
ATOM 536  H HG13 . VAL A 1 68  ? -7.858  25.211  8.568   1.00 4.44 ? 42  VAL A HG13 1 
ATOM 537  H HG21 . VAL A 1 68  ? -9.181  22.288  6.338   1.00 4.67 ? 42  VAL A HG21 1 
ATOM 538  H HG22 . VAL A 1 68  ? -9.618  23.957  6.702   1.00 4.82 ? 42  VAL A HG22 1 
ATOM 539  H HG23 . VAL A 1 68  ? -8.141  23.609  5.805   1.00 4.43 ? 42  VAL A HG23 1 
ATOM 540  N N    . GLN A 1 69  ? -5.274  22.908  6.644   1.00 3.28 ? 43  GLN A N    1 
ATOM 541  C CA   . GLN A 1 69  ? -4.338  23.016  5.532   1.00 3.01 ? 43  GLN A CA   1 
ATOM 542  C C    . GLN A 1 69  ? -3.439  21.786  5.475   1.00 2.82 ? 43  GLN A C    1 
ATOM 543  O O    . GLN A 1 69  ? -2.922  21.432  4.415   1.00 2.61 ? 43  GLN A O    1 
ATOM 544  C CB   . GLN A 1 69  ? -3.485  24.281  5.670   1.00 3.07 ? 43  GLN A CB   1 
ATOM 545  C CG   . GLN A 1 69  ? -4.267  25.573  5.483   1.00 3.47 ? 43  GLN A CG   1 
ATOM 546  C CD   . GLN A 1 69  ? -4.956  25.645  4.133   1.00 3.77 ? 43  GLN A CD   1 
ATOM 547  O OE1  . GLN A 1 69  ? -4.325  25.921  3.114   1.00 4.06 ? 43  GLN A OE1  1 
ATOM 548  N NE2  . GLN A 1 69  ? -6.261  25.393  4.121   1.00 4.24 ? 43  GLN A NE2  1 
ATOM 549  H H    . GLN A 1 69  ? -5.218  23.549  7.378   1.00 3.43 ? 43  GLN A H    1 
ATOM 550  H HA   . GLN A 1 69  ? -4.910  23.074  4.618   1.00 3.00 ? 43  GLN A HA   1 
ATOM 551  H HB2  . GLN A 1 69  ? -3.039  24.296  6.656   1.00 3.15 ? 43  GLN A HB2  1 
ATOM 552  H HB3  . GLN A 1 69  ? -2.697  24.252  4.932   1.00 3.16 ? 43  GLN A HB3  1 
ATOM 553  H HG2  . GLN A 1 69  ? -5.012  25.643  6.258   1.00 3.81 ? 43  GLN A HG2  1 
ATOM 554  H HG3  . GLN A 1 69  ? -3.584  26.406  5.564   1.00 3.76 ? 43  GLN A HG3  1 
ATOM 555  H HE21 . GLN A 1 69  ? -6.699  25.177  4.971   1.00 4.34 ? 43  GLN A HE21 1 
ATOM 556  H HE22 . GLN A 1 69  ? -6.732  25.434  3.263   1.00 4.74 ? 43  GLN A HE22 1 
ATOM 557  N N    . ASN A 1 70  ? -3.262  21.137  6.624   1.00 2.97 ? 44  ASN A N    1 
ATOM 558  C CA   . ASN A 1 70  ? -2.432  19.942  6.709   1.00 2.93 ? 44  ASN A CA   1 
ATOM 559  C C    . ASN A 1 70  ? -3.107  18.781  5.989   1.00 2.82 ? 44  ASN A C    1 
ATOM 560  O O    . ASN A 1 70  ? -2.463  18.029  5.268   1.00 2.66 ? 44  ASN A O    1 
ATOM 561  C CB   . ASN A 1 70  ? -2.156  19.569  8.168   1.00 3.26 ? 44  ASN A CB   1 
ATOM 562  C CG   . ASN A 1 70  ? -0.888  18.749  8.327   1.00 3.37 ? 44  ASN A CG   1 
ATOM 563  O OD1  . ASN A 1 70  ? -0.319  18.268  7.348   1.00 3.42 ? 44  ASN A OD1  1 
ATOM 564  N ND2  . ASN A 1 70  ? -0.441  18.583  9.565   1.00 3.83 ? 44  ASN A ND2  1 
ATOM 565  H H    . ASN A 1 70  ? -3.703  21.469  7.431   1.00 3.17 ? 44  ASN A H    1 
ATOM 566  H HA   . ASN A 1 70  ? -1.494  20.160  6.216   1.00 2.82 ? 44  ASN A HA   1 
ATOM 567  H HB2  . ASN A 1 70  ? -2.053  20.473  8.751   1.00 3.41 ? 44  ASN A HB2  1 
ATOM 568  H HB3  . ASN A 1 70  ? -2.985  18.993  8.551   1.00 3.60 ? 44  ASN A HB3  1 
ATOM 569  H HD21 . ASN A 1 70  ? -0.945  18.993  10.299  1.00 4.13 ? 44  ASN A HD21 1 
ATOM 570  H HD22 . ASN A 1 70  ? 0.376   18.056  9.696   1.00 4.06 ? 44  ASN A HD22 1 
ATOM 571  N N    . LEU A 1 71  ? -4.417  18.651  6.168   1.00 3.00 ? 45  LEU A N    1 
ATOM 572  C CA   . LEU A 1 71  ? -5.162  17.589  5.503   1.00 3.01 ? 45  LEU A CA   1 
ATOM 573  C C    . LEU A 1 71  ? -5.075  17.781  3.995   1.00 2.73 ? 45  LEU A C    1 
ATOM 574  O O    . LEU A 1 71  ? -4.735  16.856  3.255   1.00 2.57 ? 45  LEU A O    1 
ATOM 575  C CB   . LEU A 1 71  ? -6.627  17.586  5.953   1.00 3.36 ? 45  LEU A CB   1 
ATOM 576  C CG   . LEU A 1 71  ? -6.845  17.348  7.451   1.00 3.84 ? 45  LEU A CG   1 
ATOM 577  C CD1  . LEU A 1 71  ? -8.191  17.906  7.891   1.00 4.27 ? 45  LEU A CD1  1 
ATOM 578  C CD2  . LEU A 1 71  ? -6.748  15.863  7.775   1.00 4.23 ? 45  LEU A CD2  1 
ATOM 579  H H    . LEU A 1 71  ? -4.889  19.287  6.744   1.00 3.17 ? 45  LEU A H    1 
ATOM 580  H HA   . LEU A 1 71  ? -4.706  16.645  5.765   1.00 3.06 ? 45  LEU A HA   1 
ATOM 581  H HB2  . LEU A 1 71  ? -7.066  18.538  5.691   1.00 3.45 ? 45  LEU A HB2  1 
ATOM 582  H HB3  . LEU A 1 71  ? -7.145  16.811  5.407   1.00 3.54 ? 45  LEU A HB3  1 
ATOM 583  H HG   . LEU A 1 71  ? -6.075  17.859  8.006   1.00 4.15 ? 45  LEU A HG   1 
ATOM 584  H HD11 . LEU A 1 71  ? -8.275  18.936  7.579   1.00 4.59 ? 45  LEU A HD11 1 
ATOM 585  H HD12 . LEU A 1 71  ? -8.986  17.328  7.443   1.00 4.45 ? 45  LEU A HD12 1 
ATOM 586  H HD13 . LEU A 1 71  ? -8.269  17.850  8.968   1.00 4.56 ? 45  LEU A HD13 1 
ATOM 587  H HD21 . LEU A 1 71  ? -7.459  15.315  7.175   1.00 4.42 ? 45  LEU A HD21 1 
ATOM 588  H HD22 . LEU A 1 71  ? -5.750  15.513  7.558   1.00 4.60 ? 45  LEU A HD22 1 
ATOM 589  H HD23 . LEU A 1 71  ? -6.965  15.708  8.821   1.00 4.46 ? 45  LEU A HD23 1 
ATOM 590  N N    . ARG A 1 72  ? -5.371  18.998  3.547   1.00 2.73 ? 46  ARG A N    1 
ATOM 591  C CA   . ARG A 1 72  ? -5.317  19.331  2.128   1.00 2.59 ? 46  ARG A CA   1 
ATOM 592  C C    . ARG A 1 72  ? -3.930  19.040  1.555   1.00 2.28 ? 46  ARG A C    1 
ATOM 593  O O    . ARG A 1 72  ? -3.804  18.457  0.476   1.00 2.17 ? 46  ARG A O    1 
ATOM 594  C CB   . ARG A 1 72  ? -5.680  20.805  1.920   1.00 2.76 ? 46  ARG A CB   1 
ATOM 595  C CG   . ARG A 1 72  ? -5.734  21.233  0.455   1.00 2.97 ? 46  ARG A CG   1 
ATOM 596  C CD   . ARG A 1 72  ? -4.353  21.561  -0.101  1.00 3.51 ? 46  ARG A CD   1 
ATOM 597  N NE   . ARG A 1 72  ? -3.455  22.102  0.917   1.00 4.06 ? 46  ARG A NE   1 
ATOM 598  C CZ   . ARG A 1 72  ? -3.532  23.342  1.394   1.00 4.80 ? 46  ARG A CZ   1 
ATOM 599  N NH1  . ARG A 1 72  ? -4.464  24.174  0.944   1.00 5.15 ? 46  ARG A NH1  1 
ATOM 600  N NH2  . ARG A 1 72  ? -2.680  23.752  2.322   1.00 5.49 ? 46  ARG A NH2  1 
ATOM 601  H H    . ARG A 1 72  ? -5.628  19.693  4.191   1.00 2.88 ? 46  ARG A H    1 
ATOM 602  H HA   . ARG A 1 72  ? -6.041  18.712  1.615   1.00 2.67 ? 46  ARG A HA   1 
ATOM 603  H HB2  . ARG A 1 72  ? -6.651  20.987  2.357   1.00 3.03 ? 46  ARG A HB2  1 
ATOM 604  H HB3  . ARG A 1 72  ? -4.951  21.420  2.427   1.00 2.81 ? 46  ARG A HB3  1 
ATOM 605  H HG2  . ARG A 1 72  ? -6.163  20.431  -0.125  1.00 3.02 ? 46  ARG A HG2  1 
ATOM 606  H HG3  . ARG A 1 72  ? -6.361  22.110  0.373   1.00 3.29 ? 46  ARG A HG3  1 
ATOM 607  H HD2  . ARG A 1 72  ? -3.920  20.658  -0.505  1.00 3.98 ? 46  ARG A HD2  1 
ATOM 608  H HD3  . ARG A 1 72  ? -4.464  22.289  -0.892  1.00 3.61 ? 46  ARG A HD3  1 
ATOM 609  H HE   . ARG A 1 72  ? -2.757  21.507  1.267   1.00 4.18 ? 46  ARG A HE   1 
ATOM 610  H HH11 . ARG A 1 72  ? -5.108  23.871  0.244   1.00 4.87 ? 46  ARG A HH11 1 
ATOM 611  H HH12 . ARG A 1 72  ? -4.520  25.104  1.308   1.00 5.85 ? 46  ARG A HH12 1 
ATOM 612  H HH21 . ARG A 1 72  ? -1.977  23.130  2.667   1.00 5.46 ? 46  ARG A HH21 1 
ATOM 613  H HH22 . ARG A 1 72  ? -2.740  24.686  2.679   1.00 6.18 ? 46  ARG A HH22 1 
ATOM 614  N N    . LYS A 1 73  ? -2.888  19.448  2.281   1.00 2.24 ? 47  LYS A N    1 
ATOM 615  C CA   . LYS A 1 73  ? -1.517  19.220  1.829   1.00 2.12 ? 47  LYS A CA   1 
ATOM 616  C C    . LYS A 1 73  ? -1.211  17.727  1.803   1.00 2.02 ? 47  LYS A C    1 
ATOM 617  O O    . LYS A 1 73  ? -0.536  17.238  0.896   1.00 1.89 ? 47  LYS A O    1 
ATOM 618  C CB   . LYS A 1 73  ? -0.510  19.975  2.717   1.00 2.32 ? 47  LYS A CB   1 
ATOM 619  C CG   . LYS A 1 73  ? -0.081  19.222  3.971   1.00 2.70 ? 47  LYS A CG   1 
ATOM 620  C CD   . LYS A 1 73  ? 1.253   18.513  3.786   1.00 3.12 ? 47  LYS A CD   1 
ATOM 621  C CE   . LYS A 1 73  ? 1.583   17.625  4.980   1.00 3.66 ? 47  LYS A CE   1 
ATOM 622  N NZ   . LYS A 1 73  ? 0.520   16.611  5.241   1.00 4.30 ? 47  LYS A NZ   1 
ATOM 623  H H    . LYS A 1 73  ? -3.044  19.908  3.132   1.00 2.39 ? 47  LYS A H    1 
ATOM 624  H HA   . LYS A 1 73  ? -1.442  19.597  0.816   1.00 2.09 ? 47  LYS A HA   1 
ATOM 625  H HB2  . LYS A 1 73  ? 0.374   20.187  2.138   1.00 2.67 ? 47  LYS A HB2  1 
ATOM 626  H HB3  . LYS A 1 73  ? -0.952  20.909  3.025   1.00 2.43 ? 47  LYS A HB3  1 
ATOM 627  H HG2  . LYS A 1 73  ? 0.009   19.926  4.786   1.00 2.96 ? 47  LYS A HG2  1 
ATOM 628  H HG3  . LYS A 1 73  ? -0.827  18.493  4.207   1.00 2.91 ? 47  LYS A HG3  1 
ATOM 629  H HD2  . LYS A 1 73  ? 1.205   17.900  2.898   1.00 3.48 ? 47  LYS A HD2  1 
ATOM 630  H HD3  . LYS A 1 73  ? 2.031   19.253  3.674   1.00 3.23 ? 47  LYS A HD3  1 
ATOM 631  H HE2  . LYS A 1 73  ? 2.515   17.114  4.783   1.00 4.05 ? 47  LYS A HE2  1 
ATOM 632  H HE3  . LYS A 1 73  ? 1.694   18.249  5.855   1.00 3.73 ? 47  LYS A HE3  1 
ATOM 633  H HZ1  . LYS A 1 73  ? -0.406  16.975  4.940   1.00 4.71 ? 47  LYS A HZ1  1 
ATOM 634  H HZ2  . LYS A 1 73  ? 0.724   15.737  4.716   1.00 4.46 ? 47  LYS A HZ2  1 
ATOM 635  H HZ3  . LYS A 1 73  ? 0.478   16.388  6.257   1.00 4.62 ? 47  LYS A HZ3  1 
ATOM 636  N N    . LYS A 1 74  ? -1.735  17.003  2.787   1.00 2.17 ? 48  LYS A N    1 
ATOM 637  C CA   . LYS A 1 74  ? -1.532  15.563  2.860   1.00 2.20 ? 48  LYS A CA   1 
ATOM 638  C C    . LYS A 1 74  ? -2.104  14.899  1.618   1.00 2.02 ? 48  LYS A C    1 
ATOM 639  O O    . LYS A 1 74  ? -1.438  14.091  0.978   1.00 1.90 ? 48  LYS A O    1 
ATOM 640  C CB   . LYS A 1 74  ? -2.192  14.979  4.114   1.00 2.54 ? 48  LYS A CB   1 
ATOM 641  C CG   . LYS A 1 74  ? -1.567  13.672  4.580   1.00 3.02 ? 48  LYS A CG   1 
ATOM 642  C CD   . LYS A 1 74  ? -1.951  12.504  3.680   1.00 3.19 ? 48  LYS A CD   1 
ATOM 643  C CE   . LYS A 1 74  ? -0.751  11.620  3.360   1.00 3.73 ? 48  LYS A CE   1 
ATOM 644  N NZ   . LYS A 1 74  ? 0.262   12.326  2.528   1.00 4.17 ? 48  LYS A NZ   1 
ATOM 645  H H    . LYS A 1 74  ? -2.279  17.442  3.471   1.00 2.32 ? 48  LYS A H    1 
ATOM 646  H HA   . LYS A 1 74  ? -0.468  15.377  2.899   1.00 2.21 ? 48  LYS A HA   1 
ATOM 647  H HB2  . LYS A 1 74  ? -2.112  15.697  4.917   1.00 2.86 ? 48  LYS A HB2  1 
ATOM 648  H HB3  . LYS A 1 74  ? -3.238  14.800  3.909   1.00 2.54 ? 48  LYS A HB3  1 
ATOM 649  H HG2  . LYS A 1 74  ? -0.494  13.778  4.577   1.00 3.43 ? 48  LYS A HG2  1 
ATOM 650  H HG3  . LYS A 1 74  ? -1.905  13.463  5.586   1.00 3.42 ? 48  LYS A HG3  1 
ATOM 651  H HD2  . LYS A 1 74  ? -2.699  11.909  4.181   1.00 3.20 ? 48  LYS A HD2  1 
ATOM 652  H HD3  . LYS A 1 74  ? -2.358  12.885  2.758   1.00 3.56 ? 48  LYS A HD3  1 
ATOM 653  H HE2  . LYS A 1 74  ? -0.290  11.315  4.287   1.00 4.18 ? 48  LYS A HE2  1 
ATOM 654  H HE3  . LYS A 1 74  ? -1.096  10.747  2.827   1.00 3.94 ? 48  LYS A HE3  1 
ATOM 655  H HZ1  . LYS A 1 74  ? -0.207  12.954  1.846   1.00 4.54 ? 48  LYS A HZ1  1 
ATOM 656  H HZ2  . LYS A 1 74  ? 0.889   12.896  3.131   1.00 4.39 ? 48  LYS A HZ2  1 
ATOM 657  H HZ3  . LYS A 1 74  ? 0.838   11.637  2.004   1.00 4.38 ? 48  LYS A HZ3  1 
ATOM 658  N N    . HIS A 1 75  ? -3.345  15.247  1.284   1.00 2.10 ? 49  HIS A N    1 
ATOM 659  C CA   . HIS A 1 75  ? -4.010  14.686  0.116   1.00 2.10 ? 49  HIS A CA   1 
ATOM 660  C C    . HIS A 1 75  ? -3.109  14.785  -1.113  1.00 1.82 ? 49  HIS A C    1 
ATOM 661  O O    . HIS A 1 75  ? -2.821  13.779  -1.763  1.00 1.72 ? 49  HIS A O    1 
ATOM 662  C CB   . HIS A 1 75  ? -5.338  15.407  -0.143  1.00 2.37 ? 49  HIS A CB   1 
ATOM 663  C CG   . HIS A 1 75  ? -5.994  15.019  -1.433  1.00 2.66 ? 49  HIS A CG   1 
ATOM 664  N ND1  . HIS A 1 75  ? -6.127  13.719  -1.869  1.00 2.97 ? 49  HIS A ND1  1 
ATOM 665  C CD2  . HIS A 1 75  ? -6.561  15.795  -2.392  1.00 3.22 ? 49  HIS A CD2  1 
ATOM 666  C CE1  . HIS A 1 75  ? -6.750  13.745  -3.054  1.00 3.47 ? 49  HIS A CE1  1 
ATOM 667  N NE2  . HIS A 1 75  ? -7.035  14.982  -3.418  1.00 3.60 ? 49  HIS A NE2  1 
ATOM 668  H H    . HIS A 1 75  ? -3.825  15.898  1.840   1.00 2.24 ? 49  HIS A H    1 
ATOM 669  H HA   . HIS A 1 75  ? -4.210  13.641  0.321   1.00 2.20 ? 49  HIS A HA   1 
ATOM 670  H HB2  . HIS A 1 75  ? -6.025  15.179  0.659   1.00 2.81 ? 49  HIS A HB2  1 
ATOM 671  H HB3  . HIS A 1 75  ? -5.164  16.471  -0.166  1.00 2.37 ? 49  HIS A HB3  1 
ATOM 672  H HD1  . HIS A 1 75  ? -5.816  12.917  -1.399  1.00 3.16 ? 49  HIS A HD1  1 
ATOM 673  H HD2  . HIS A 1 75  ? -6.637  16.871  -2.373  1.00 3.64 ? 49  HIS A HD2  1 
ATOM 674  H HE1  . HIS A 1 75  ? -6.989  12.868  -3.640  1.00 4.00 ? 49  HIS A HE1  1 
ATOM 675  N N    . LYS A 1 76  ? -2.660  16.001  -1.420  1.00 1.76 ? 50  LYS A N    1 
ATOM 676  C CA   . LYS A 1 76  ? -1.786  16.224  -2.570  1.00 1.67 ? 50  LYS A CA   1 
ATOM 677  C C    . LYS A 1 76  ? -0.613  15.251  -2.554  1.00 1.49 ? 50  LYS A C    1 
ATOM 678  O O    . LYS A 1 76  ? -0.318  14.602  -3.559  1.00 1.46 ? 50  LYS A O    1 
ATOM 679  C CB   . LYS A 1 76  ? -1.269  17.667  -2.580  1.00 1.79 ? 50  LYS A CB   1 
ATOM 680  C CG   . LYS A 1 76  ? -2.372  18.716  -2.658  1.00 2.13 ? 50  LYS A CG   1 
ATOM 681  C CD   . LYS A 1 76  ? -3.149  18.624  -3.965  1.00 2.64 ? 50  LYS A CD   1 
ATOM 682  C CE   . LYS A 1 76  ? -4.543  18.046  -3.755  1.00 3.07 ? 50  LYS A CE   1 
ATOM 683  N NZ   . LYS A 1 76  ? -4.888  17.024  -4.781  1.00 3.17 ? 50  LYS A NZ   1 
ATOM 684  H H    . LYS A 1 76  ? -2.919  16.765  -0.861  1.00 1.86 ? 50  LYS A H    1 
ATOM 685  H HA   . LYS A 1 76  ? -2.362  16.049  -3.463  1.00 1.77 ? 50  LYS A HA   1 
ATOM 686  H HB2  . LYS A 1 76  ? -0.703  17.841  -1.677  1.00 1.83 ? 50  LYS A HB2  1 
ATOM 687  H HB3  . LYS A 1 76  ? -0.618  17.798  -3.431  1.00 2.12 ? 50  LYS A HB3  1 
ATOM 688  H HG2  . LYS A 1 76  ? -3.052  18.570  -1.833  1.00 2.49 ? 50  LYS A HG2  1 
ATOM 689  H HG3  . LYS A 1 76  ? -1.923  19.695  -2.587  1.00 2.50 ? 50  LYS A HG3  1 
ATOM 690  H HD2  . LYS A 1 76  ? -3.242  19.615  -4.385  1.00 3.17 ? 50  LYS A HD2  1 
ATOM 691  H HD3  . LYS A 1 76  ? -2.607  17.991  -4.653  1.00 2.86 ? 50  LYS A HD3  1 
ATOM 692  H HE2  . LYS A 1 76  ? -4.586  17.590  -2.777  1.00 3.39 ? 50  LYS A HE2  1 
ATOM 693  H HE3  . LYS A 1 76  ? -5.262  18.851  -3.805  1.00 3.53 ? 50  LYS A HE3  1 
ATOM 694  H HZ1  . LYS A 1 76  ? -4.036  16.503  -5.072  1.00 3.13 ? 50  LYS A HZ1  1 
ATOM 695  H HZ2  . LYS A 1 76  ? -5.576  16.347  -4.395  1.00 3.61 ? 50  LYS A HZ2  1 
ATOM 696  H HZ3  . LYS A 1 76  ? -5.304  17.482  -5.619  1.00 3.41 ? 50  LYS A HZ3  1 
ATOM 697  N N    . ARG A 1 77  ? 0.048   15.147  -1.407  1.00 1.50 ? 51  ARG A N    1 
ATOM 698  C CA   . ARG A 1 77  ? 1.185   14.245  -1.264  1.00 1.50 ? 51  ARG A CA   1 
ATOM 699  C C    . ARG A 1 77  ? 0.735   12.795  -1.408  1.00 1.38 ? 51  ARG A C    1 
ATOM 700  O O    . ARG A 1 77  ? 1.484   11.948  -1.889  1.00 1.27 ? 51  ARG A O    1 
ATOM 701  C CB   . ARG A 1 77  ? 1.872   14.453  0.089   1.00 1.77 ? 51  ARG A CB   1 
ATOM 702  C CG   . ARG A 1 77  ? 3.357   14.122  0.075   1.00 2.17 ? 51  ARG A CG   1 
ATOM 703  C CD   . ARG A 1 77  ? 3.888   13.847  1.475   1.00 2.52 ? 51  ARG A CD   1 
ATOM 704  N NE   . ARG A 1 77  ? 3.791   12.433  1.830   1.00 2.87 ? 51  ARG A NE   1 
ATOM 705  C CZ   . ARG A 1 77  ? 4.227   11.927  2.980   1.00 3.47 ? 51  ARG A CZ   1 
ATOM 706  N NH1  . ARG A 1 77  ? 4.783   12.717  3.888   1.00 4.13 ? 51  ARG A NH1  1 
ATOM 707  N NH2  . ARG A 1 77  ? 4.103   10.630  3.224   1.00 3.79 ? 51  ARG A NH2  1 
ATOM 708  H H    . ARG A 1 77  ? -0.236  15.685  -0.638  1.00 1.59 ? 51  ARG A H    1 
ATOM 709  H HA   . ARG A 1 77  ? 1.886   14.469  -2.056  1.00 1.55 ? 51  ARG A HA   1 
ATOM 710  H HB2  . ARG A 1 77  ? 1.757   15.485  0.384   1.00 2.14 ? 51  ARG A HB2  1 
ATOM 711  H HB3  . ARG A 1 77  ? 1.392   13.823  0.823   1.00 1.82 ? 51  ARG A HB3  1 
ATOM 712  H HG2  . ARG A 1 77  ? 3.516   13.246  -0.538  1.00 2.57 ? 51  ARG A HG2  1 
ATOM 713  H HG3  . ARG A 1 77  ? 3.898   14.959  -0.347  1.00 2.59 ? 51  ARG A HG3  1 
ATOM 714  H HD2  . ARG A 1 77  ? 4.926   14.148  1.517   1.00 2.85 ? 51  ARG A HD2  1 
ATOM 715  H HD3  . ARG A 1 77  ? 3.317   14.428  2.184   1.00 2.92 ? 51  ARG A HD3  1 
ATOM 716  H HE   . ARG A 1 77  ? 3.379   11.829  1.176   1.00 3.09 ? 51  ARG A HE   1 
ATOM 717  H HH11 . ARG A 1 77  ? 4.875   13.696  3.708   1.00 4.12 ? 51  ARG A HH11 1 
ATOM 718  H HH12 . ARG A 1 77  ? 5.107   12.334  4.753   1.00 4.81 ? 51  ARG A HH12 1 
ATOM 719  H HH21 . ARG A 1 77  ? 3.682   10.030  2.544   1.00 3.57 ? 51  ARG A HH21 1 
ATOM 720  H HH22 . ARG A 1 77  ? 4.429   10.250  4.090   1.00 4.45 ? 51  ARG A HH22 1 
ATOM 721  N N    . LEU A 1 78  ? -0.496  12.522  -0.994  1.00 1.51 ? 52  LEU A N    1 
ATOM 722  C CA   . LEU A 1 78  ? -1.053  11.178  -1.082  1.00 1.55 ? 52  LEU A CA   1 
ATOM 723  C C    . LEU A 1 78  ? -1.157  10.738  -2.534  1.00 1.33 ? 52  LEU A C    1 
ATOM 724  O O    . LEU A 1 78  ? -0.734  9.642   -2.885  1.00 1.22 ? 52  LEU A O    1 
ATOM 725  C CB   . LEU A 1 78  ? -2.430  11.117  -0.412  1.00 1.88 ? 52  LEU A CB   1 
ATOM 726  C CG   . LEU A 1 78  ? -2.700  9.847   0.400   1.00 2.21 ? 52  LEU A CG   1 
ATOM 727  C CD1  . LEU A 1 78  ? -3.977  9.995   1.215   1.00 2.58 ? 52  LEU A CD1  1 
ATOM 728  C CD2  . LEU A 1 78  ? -2.786  8.633   -0.515  1.00 2.90 ? 52  LEU A CD2  1 
ATOM 729  H H    . LEU A 1 78  ? -1.046  13.243  -0.627  1.00 1.65 ? 52  LEU A H    1 
ATOM 730  H HA   . LEU A 1 78  ? -0.379  10.507  -0.567  1.00 1.62 ? 52  LEU A HA   1 
ATOM 731  H HB2  . LEU A 1 78  ? -2.525  11.968  0.245   1.00 2.25 ? 52  LEU A HB2  1 
ATOM 732  H HB3  . LEU A 1 78  ? -3.184  11.192  -1.183  1.00 2.05 ? 52  LEU A HB3  1 
ATOM 733  H HG   . LEU A 1 78  ? -1.883  9.687   1.088   1.00 2.49 ? 52  LEU A HG   1 
ATOM 734  H HD11 . LEU A 1 78  ? -3.920  10.890  1.816   1.00 2.98 ? 52  LEU A HD11 1 
ATOM 735  H HD12 . LEU A 1 78  ? -4.824  10.062  0.548   1.00 2.81 ? 52  LEU A HD12 1 
ATOM 736  H HD13 . LEU A 1 78  ? -4.094  9.136   1.860   1.00 2.98 ? 52  LEU A HD13 1 
ATOM 737  H HD21 . LEU A 1 78  ? -3.412  8.865   -1.365  1.00 3.32 ? 52  LEU A HD21 1 
ATOM 738  H HD22 . LEU A 1 78  ? -1.797  8.370   -0.858  1.00 3.37 ? 52  LEU A HD22 1 
ATOM 739  H HD23 . LEU A 1 78  ? -3.211  7.803   0.028   1.00 3.20 ? 52  LEU A HD23 1 
ATOM 740  N N    . GLU A 1 79  ? -1.710  11.602  -3.381  1.00 1.38 ? 53  GLU A N    1 
ATOM 741  C CA   . GLU A 1 79  ? -1.849  11.279  -4.797  1.00 1.39 ? 53  GLU A CA   1 
ATOM 742  C C    . GLU A 1 79  ? -0.492  10.924  -5.393  1.00 1.16 ? 53  GLU A C    1 
ATOM 743  O O    . GLU A 1 79  ? -0.329  9.863   -5.998  1.00 1.13 ? 53  GLU A O    1 
ATOM 744  C CB   . GLU A 1 79  ? -2.480  12.448  -5.559  1.00 1.66 ? 53  GLU A CB   1 
ATOM 745  C CG   . GLU A 1 79  ? -3.986  12.566  -5.353  1.00 2.20 ? 53  GLU A CG   1 
ATOM 746  C CD   . GLU A 1 79  ? -4.436  13.995  -5.114  1.00 2.62 ? 53  GLU A CD   1 
ATOM 747  O OE1  . GLU A 1 79  ? -4.026  14.583  -4.095  1.00 3.17 ? 53  GLU A OE1  1 
ATOM 748  O OE2  . GLU A 1 79  ? -5.201  14.524  -5.947  1.00 3.08 ? 53  GLU A OE2  1 
ATOM 749  H H    . GLU A 1 79  ? -2.026  12.471  -3.049  1.00 1.50 ? 53  GLU A H    1 
ATOM 750  H HA   . GLU A 1 79  ? -2.495  10.415  -4.874  1.00 1.50 ? 53  GLU A HA   1 
ATOM 751  H HB2  . GLU A 1 79  ? -2.019  13.369  -5.231  1.00 1.76 ? 53  GLU A HB2  1 
ATOM 752  H HB3  . GLU A 1 79  ? -2.293  12.318  -6.614  1.00 1.90 ? 53  GLU A HB3  1 
ATOM 753  H HG2  . GLU A 1 79  ? -4.487  12.186  -6.232  1.00 2.52 ? 53  GLU A HG2  1 
ATOM 754  H HG3  . GLU A 1 79  ? -4.266  11.969  -4.497  1.00 2.77 ? 53  GLU A HG3  1 
ATOM 755  N N    . ALA A 1 80  ? 0.490   11.803  -5.199  1.00 1.13 ? 54  ALA A N    1 
ATOM 756  C CA   . ALA A 1 80  ? 1.836   11.553  -5.701  1.00 1.16 ? 54  ALA A CA   1 
ATOM 757  C C    . ALA A 1 80  ? 2.350   10.220  -5.167  1.00 0.99 ? 54  ALA A C    1 
ATOM 758  O O    . ALA A 1 80  ? 2.844   9.381   -5.922  1.00 1.03 ? 54  ALA A O    1 
ATOM 759  C CB   . ALA A 1 80  ? 2.771   12.687  -5.308  1.00 1.35 ? 54  ALA A CB   1 
ATOM 760  H H    . ALA A 1 80  ? 0.309   12.622  -4.690  1.00 1.21 ? 54  ALA A H    1 
ATOM 761  H HA   . ALA A 1 80  ? 1.787   11.501  -6.778  1.00 1.31 ? 54  ALA A HA   1 
ATOM 762  H HB1  . ALA A 1 80  ? 2.797   12.778  -4.232  1.00 1.77 ? 54  ALA A HB1  1 
ATOM 763  H HB2  . ALA A 1 80  ? 3.765   12.477  -5.675  1.00 1.65 ? 54  ALA A HB2  1 
ATOM 764  H HB3  . ALA A 1 80  ? 2.418   13.612  -5.741  1.00 1.79 ? 54  ALA A HB3  1 
ATOM 765  N N    . GLU A 1 81  ? 2.205   10.032  -3.861  1.00 0.99 ? 55  GLU A N    1 
ATOM 766  C CA   . GLU A 1 81  ? 2.625   8.802   -3.205  1.00 1.06 ? 55  GLU A CA   1 
ATOM 767  C C    . GLU A 1 81  ? 2.027   7.589   -3.909  1.00 0.88 ? 55  GLU A C    1 
ATOM 768  O O    . GLU A 1 81  ? 2.750   6.701   -4.359  1.00 0.90 ? 55  GLU A O    1 
ATOM 769  C CB   . GLU A 1 81  ? 2.184   8.820   -1.742  1.00 1.35 ? 55  GLU A CB   1 
ATOM 770  C CG   . GLU A 1 81  ? 3.196   9.443   -0.796  1.00 1.84 ? 55  GLU A CG   1 
ATOM 771  C CD   . GLU A 1 81  ? 2.732   9.414   0.647   1.00 1.93 ? 55  GLU A CD   1 
ATOM 772  O OE1  . GLU A 1 81  ? 1.982   10.327  1.053   1.00 2.60 ? 55  GLU A OE1  1 
ATOM 773  O OE2  . GLU A 1 81  ? 3.117   8.475   1.376   1.00 2.20 ? 55  GLU A OE2  1 
ATOM 774  H H    . GLU A 1 81  ? 1.793   10.736  -3.321  1.00 1.06 ? 55  GLU A H    1 
ATOM 775  H HA   . GLU A 1 81  ? 3.702   8.745   -3.254  1.00 1.21 ? 55  GLU A HA   1 
ATOM 776  H HB2  . GLU A 1 81  ? 1.265   9.380   -1.665  1.00 1.71 ? 55  GLU A HB2  1 
ATOM 777  H HB3  . GLU A 1 81  ? 2.003   7.807   -1.423  1.00 1.48 ? 55  GLU A HB3  1 
ATOM 778  H HG2  . GLU A 1 81  ? 4.125   8.897   -0.873  1.00 2.35 ? 55  GLU A HG2  1 
ATOM 779  H HG3  . GLU A 1 81  ? 3.356   10.469  -1.088  1.00 2.44 ? 55  GLU A HG3  1 
ATOM 780  N N    . LEU A 1 82  ? 0.698   7.567   -4.005  1.00 0.90 ? 56  LEU A N    1 
ATOM 781  C CA   . LEU A 1 82  ? -0.022  6.474   -4.646  1.00 0.98 ? 56  LEU A CA   1 
ATOM 782  C C    . LEU A 1 82  ? 0.600   6.101   -5.986  1.00 0.91 ? 56  LEU A C    1 
ATOM 783  O O    . LEU A 1 82  ? 0.696   4.921   -6.323  1.00 0.99 ? 56  LEU A O    1 
ATOM 784  C CB   . LEU A 1 82  ? -1.497  6.856   -4.827  1.00 1.26 ? 56  LEU A CB   1 
ATOM 785  C CG   . LEU A 1 82  ? -2.199  6.243   -6.047  1.00 2.02 ? 56  LEU A CG   1 
ATOM 786  C CD1  . LEU A 1 82  ? -3.564  5.698   -5.660  1.00 2.67 ? 56  LEU A CD1  1 
ATOM 787  C CD2  . LEU A 1 82  ? -2.331  7.269   -7.164  1.00 2.55 ? 56  LEU A CD2  1 
ATOM 788  H H    . LEU A 1 82  ? 0.184   8.312   -3.629  1.00 1.00 ? 56  LEU A H    1 
ATOM 789  H HA   . LEU A 1 82  ? 0.036   5.618   -3.994  1.00 1.07 ? 56  LEU A HA   1 
ATOM 790  H HB2  . LEU A 1 82  ? -2.031  6.554   -3.941  1.00 1.70 ? 56  LEU A HB2  1 
ATOM 791  H HB3  . LEU A 1 82  ? -1.556  7.931   -4.908  1.00 1.34 ? 56  LEU A HB3  1 
ATOM 792  H HG   . LEU A 1 82  ? -1.610  5.420   -6.420  1.00 2.61 ? 56  LEU A HG   1 
ATOM 793  H HD11 . LEU A 1 82  ? -3.446  4.942   -4.899  1.00 2.93 ? 56  LEU A HD11 1 
ATOM 794  H HD12 . LEU A 1 82  ? -4.179  6.501   -5.280  1.00 3.12 ? 56  LEU A HD12 1 
ATOM 795  H HD13 . LEU A 1 82  ? -4.037  5.264   -6.528  1.00 3.12 ? 56  LEU A HD13 1 
ATOM 796  H HD21 . LEU A 1 82  ? -2.781  8.172   -6.776  1.00 2.93 ? 56  LEU A HD21 1 
ATOM 797  H HD22 . LEU A 1 82  ? -1.353  7.496   -7.563  1.00 2.90 ? 56  LEU A HD22 1 
ATOM 798  H HD23 . LEU A 1 82  ? -2.954  6.868   -7.950  1.00 3.01 ? 56  LEU A HD23 1 
ATOM 799  N N    . ALA A 1 83  ? 1.003   7.106   -6.753  1.00 0.92 ? 57  ALA A N    1 
ATOM 800  C CA   . ALA A 1 83  ? 1.606   6.866   -8.057  1.00 1.14 ? 57  ALA A CA   1 
ATOM 801  C C    . ALA A 1 83  ? 2.769   5.884   -7.947  1.00 1.08 ? 57  ALA A C    1 
ATOM 802  O O    . ALA A 1 83  ? 2.926   4.998   -8.783  1.00 1.22 ? 57  ALA A O    1 
ATOM 803  C CB   . ALA A 1 83  ? 2.071   8.177   -8.674  1.00 1.37 ? 57  ALA A CB   1 
ATOM 804  H H    . ALA A 1 83  ? 0.886   8.030   -6.441  1.00 0.90 ? 57  ALA A H    1 
ATOM 805  H HA   . ALA A 1 83  ? 0.849   6.441   -8.701  1.00 1.32 ? 57  ALA A HA   1 
ATOM 806  H HB1  . ALA A 1 83  ? 1.390   8.967   -8.395  1.00 1.78 ? 57  ALA A HB1  1 
ATOM 807  H HB2  . ALA A 1 83  ? 3.062   8.412   -8.313  1.00 1.68 ? 57  ALA A HB2  1 
ATOM 808  H HB3  . ALA A 1 83  ? 2.091   8.083   -9.749  1.00 1.76 ? 57  ALA A HB3  1 
ATOM 809  N N    . ALA A 1 84  ? 3.586   6.060   -6.914  1.00 1.03 ? 58  ALA A N    1 
ATOM 810  C CA   . ALA A 1 84  ? 4.743   5.200   -6.681  1.00 1.19 ? 58  ALA A CA   1 
ATOM 811  C C    . ALA A 1 84  ? 4.359   3.899   -5.975  1.00 1.03 ? 58  ALA A C    1 
ATOM 812  O O    . ALA A 1 84  ? 5.051   2.889   -6.107  1.00 1.17 ? 58  ALA A O    1 
ATOM 813  C CB   . ALA A 1 84  ? 5.789   5.948   -5.869  1.00 1.43 ? 58  ALA A CB   1 
ATOM 814  H H    . ALA A 1 84  ? 3.408   6.794   -6.290  1.00 1.00 ? 58  ALA A H    1 
ATOM 815  H HA   . ALA A 1 84  ? 5.178   4.959   -7.643  1.00 1.39 ? 58  ALA A HA   1 
ATOM 816  H HB1  . ALA A 1 84  ? 5.356   6.262   -4.930  1.00 1.73 ? 58  ALA A HB1  1 
ATOM 817  H HB2  . ALA A 1 84  ? 6.630   5.299   -5.679  1.00 1.81 ? 58  ALA A HB2  1 
ATOM 818  H HB3  . ALA A 1 84  ? 6.119   6.817   -6.421  1.00 1.76 ? 58  ALA A HB3  1 
ATOM 819  N N    . HIS A 1 85  ? 3.267   3.927   -5.212  1.00 0.87 ? 59  HIS A N    1 
ATOM 820  C CA   . HIS A 1 85  ? 2.817   2.755   -4.473  1.00 0.90 ? 59  HIS A CA   1 
ATOM 821  C C    . HIS A 1 85  ? 2.142   1.747   -5.395  1.00 0.80 ? 59  HIS A C    1 
ATOM 822  O O    . HIS A 1 85  ? 2.092   0.555   -5.089  1.00 0.89 ? 59  HIS A O    1 
ATOM 823  C CB   . HIS A 1 85  ? 1.858   3.171   -3.353  1.00 1.13 ? 59  HIS A CB   1 
ATOM 824  C CG   . HIS A 1 85  ? 2.514   3.947   -2.252  1.00 1.46 ? 59  HIS A CG   1 
ATOM 825  N ND1  . HIS A 1 85  ? 3.426   4.958   -2.459  1.00 2.16 ? 59  HIS A ND1  1 
ATOM 826  C CD2  . HIS A 1 85  ? 2.395   3.825   -0.905  1.00 1.68 ? 59  HIS A CD2  1 
ATOM 827  C CE1  . HIS A 1 85  ? 3.829   5.399   -1.259  1.00 2.61 ? 59  HIS A CE1  1 
ATOM 828  N NE2  . HIS A 1 85  ? 3.229   4.748   -0.287  1.00 2.36 ? 59  HIS A NE2  1 
ATOM 829  H H    . HIS A 1 85  ? 2.758   4.758   -5.134  1.00 0.86 ? 59  HIS A H    1 
ATOM 830  H HA   . HIS A 1 85  ? 3.689   2.289   -4.026  1.00 1.08 ? 59  HIS A HA   1 
ATOM 831  H HB2  . HIS A 1 85  ? 1.068   3.777   -3.769  1.00 1.34 ? 59  HIS A HB2  1 
ATOM 832  H HB3  . HIS A 1 85  ? 1.433   2.283   -2.917  1.00 1.39 ? 59  HIS A HB3  1 
ATOM 833  H HD1  . HIS A 1 85  ? 3.727   5.295   -3.329  1.00 2.44 ? 59  HIS A HD1  1 
ATOM 834  H HD2  . HIS A 1 85  ? 1.780   3.104   -0.383  1.00 1.66 ? 59  HIS A HD2  1 
ATOM 835  H HE1  . HIS A 1 85  ? 4.571   6.169   -1.108  1.00 3.26 ? 59  HIS A HE1  1 
ATOM 836  N N    . GLU A 1 86  ? 1.621   2.224   -6.523  1.00 0.87 ? 60  GLU A N    1 
ATOM 837  C CA   . GLU A 1 86  ? 0.953   1.345   -7.478  1.00 1.09 ? 60  GLU A CA   1 
ATOM 838  C C    . GLU A 1 86  ? 1.954   0.358   -8.072  1.00 1.11 ? 60  GLU A C    1 
ATOM 839  O O    . GLU A 1 86  ? 1.792   -0.855  -7.930  1.00 1.12 ? 60  GLU A O    1 
ATOM 840  C CB   . GLU A 1 86  ? 0.274   2.156   -8.593  1.00 1.39 ? 60  GLU A CB   1 
ATOM 841  C CG   . GLU A 1 86  ? -1.238  1.998   -8.638  1.00 1.92 ? 60  GLU A CG   1 
ATOM 842  C CD   . GLU A 1 86  ? -1.961  3.117   -7.914  1.00 2.39 ? 60  GLU A CD   1 
ATOM 843  O OE1  . GLU A 1 86  ? -2.079  4.219   -8.490  1.00 3.01 ? 60  GLU A OE1  1 
ATOM 844  O OE2  . GLU A 1 86  ? -2.406  2.894   -6.771  1.00 2.70 ? 60  GLU A OE2  1 
ATOM 845  H H    . GLU A 1 86  ? 1.691   3.183   -6.715  1.00 0.93 ? 60  GLU A H    1 
ATOM 846  H HA   . GLU A 1 86  ? 0.201   0.789   -6.940  1.00 1.16 ? 60  GLU A HA   1 
ATOM 847  H HB2  . GLU A 1 86  ? 0.500   3.203   -8.449  1.00 1.45 ? 60  GLU A HB2  1 
ATOM 848  H HB3  . GLU A 1 86  ? 0.671   1.839   -9.546  1.00 1.49 ? 60  GLU A HB3  1 
ATOM 849  H HG2  . GLU A 1 86  ? -1.556  1.995   -9.670  1.00 2.24 ? 60  GLU A HG2  1 
ATOM 850  H HG3  . GLU A 1 86  ? -1.504  1.058   -8.177  1.00 2.28 ? 60  GLU A HG3  1 
ATOM 851  N N    . PRO A 1 87  ? 2.996   0.860   -8.763  1.00 1.23 ? 61  PRO A N    1 
ATOM 852  C CA   . PRO A 1 87  ? 4.016   0.006   -9.376  1.00 1.42 ? 61  PRO A CA   1 
ATOM 853  C C    . PRO A 1 87  ? 4.669   -0.917  -8.354  1.00 1.32 ? 61  PRO A C    1 
ATOM 854  O O    . PRO A 1 87  ? 4.947   -2.079  -8.641  1.00 1.44 ? 61  PRO A O    1 
ATOM 855  C CB   . PRO A 1 87  ? 5.047   1.002   -9.917  1.00 1.60 ? 61  PRO A CB   1 
ATOM 856  C CG   . PRO A 1 87  ? 4.293   2.270   -10.104 1.00 1.59 ? 61  PRO A CG   1 
ATOM 857  C CD   . PRO A 1 87  ? 3.252   2.291   -9.020  1.00 1.29 ? 61  PRO A CD   1 
ATOM 858  H HA   . PRO A 1 87  ? 3.611   -0.582  -10.187 1.00 1.59 ? 61  PRO A HA   1 
ATOM 859  H HB2  . PRO A 1 87  ? 5.849   1.125   -9.202  1.00 1.58 ? 61  PRO A HB2  1 
ATOM 860  H HB3  . PRO A 1 87  ? 5.445   0.638   -10.855 1.00 1.80 ? 61  PRO A HB3  1 
ATOM 861  H HG2  . PRO A 1 87  ? 4.959   3.113   -10.002 1.00 1.97 ? 61  PRO A HG2  1 
ATOM 862  H HG3  . PRO A 1 87  ? 3.821   2.278   -11.076 1.00 1.89 ? 61  PRO A HG3  1 
ATOM 863  H HD2  . PRO A 1 87  ? 3.633   2.782   -8.142  1.00 1.49 ? 61  PRO A HD2  1 
ATOM 864  H HD3  . PRO A 1 87  ? 2.361   2.785   -9.373  1.00 1.53 ? 61  PRO A HD3  1 
ATOM 865  N N    . ALA A 1 88  ? 4.920   -0.381  -7.161  1.00 1.18 ? 62  ALA A N    1 
ATOM 866  C CA   . ALA A 1 88  ? 5.549   -1.147  -6.091  1.00 1.22 ? 62  ALA A CA   1 
ATOM 867  C C    . ALA A 1 88  ? 4.755   -2.409  -5.769  1.00 1.00 ? 62  ALA A C    1 
ATOM 868  O O    . ALA A 1 88  ? 5.282   -3.520  -5.845  1.00 1.06 ? 62  ALA A O    1 
ATOM 869  C CB   . ALA A 1 88  ? 5.700   -0.286  -4.844  1.00 1.31 ? 62  ALA A CB   1 
ATOM 870  H H    . ALA A 1 88  ? 4.679   0.557   -7.000  1.00 1.11 ? 62  ALA A H    1 
ATOM 871  H HA   . ALA A 1 88  ? 6.535   -1.432  -6.423  1.00 1.48 ? 62  ALA A HA   1 
ATOM 872  H HB1  . ALA A 1 88  ? 4.732   0.082   -4.540  1.00 1.72 ? 62  ALA A HB1  1 
ATOM 873  H HB2  . ALA A 1 88  ? 6.126   -0.878  -4.047  1.00 1.65 ? 62  ALA A HB2  1 
ATOM 874  H HB3  . ALA A 1 88  ? 6.351   0.547   -5.059  1.00 1.52 ? 62  ALA A HB3  1 
ATOM 875  N N    . ILE A 1 89  ? 3.486   -2.233  -5.413  1.00 0.82 ? 63  ILE A N    1 
ATOM 876  C CA   . ILE A 1 89  ? 2.629   -3.365  -5.074  1.00 0.73 ? 63  ILE A CA   1 
ATOM 877  C C    . ILE A 1 89  ? 2.459   -4.298  -6.271  1.00 0.73 ? 63  ILE A C    1 
ATOM 878  O O    . ILE A 1 89  ? 2.570   -5.518  -6.140  1.00 0.73 ? 63  ILE A O    1 
ATOM 879  C CB   . ILE A 1 89  ? 1.242   -2.886  -4.557  1.00 0.79 ? 63  ILE A CB   1 
ATOM 880  C CG1  . ILE A 1 89  ? 1.380   -2.249  -3.165  1.00 1.08 ? 63  ILE A CG1  1 
ATOM 881  C CG2  . ILE A 1 89  ? 0.236   -4.034  -4.502  1.00 0.96 ? 63  ILE A CG2  1 
ATOM 882  C CD1  . ILE A 1 89  ? 0.771   -0.869  -3.052  1.00 0.67 ? 63  ILE A CD1  1 
ATOM 883  H H    . ILE A 1 89  ? 3.120   -1.323  -5.373  1.00 0.85 ? 63  ILE A H    1 
ATOM 884  H HA   . ILE A 1 89  ? 3.120   -3.912  -4.280  1.00 0.80 ? 63  ILE A HA   1 
ATOM 885  H HB   . ILE A 1 89  ? 0.863   -2.146  -5.244  1.00 0.77 ? 63  ILE A HB   1 
ATOM 886  H HG12 . ILE A 1 89  ? 0.892   -2.885  -2.436  1.00 1.85 ? 63  ILE A HG12 1 
ATOM 887  H HG13 . ILE A 1 89  ? 2.428   -2.165  -2.917  1.00 1.81 ? 63  ILE A HG13 1 
ATOM 888  H HG21 . ILE A 1 89  ? 0.706   -4.950  -4.826  1.00 1.54 ? 63  ILE A HG21 1 
ATOM 889  H HG22 . ILE A 1 89  ? -0.118  -4.152  -3.485  1.00 1.40 ? 63  ILE A HG22 1 
ATOM 890  H HG23 . ILE A 1 89  ? -0.599  -3.811  -5.147  1.00 1.37 ? 63  ILE A HG23 1 
ATOM 891  H HD11 . ILE A 1 89  ? 0.262   -0.619  -3.971  1.00 1.26 ? 63  ILE A HD11 1 
ATOM 892  H HD12 . ILE A 1 89  ? 0.064   -0.854  -2.235  1.00 1.35 ? 63  ILE A HD12 1 
ATOM 893  H HD13 . ILE A 1 89  ? 1.550   -0.145  -2.863  1.00 1.28 ? 63  ILE A HD13 1 
ATOM 894  N N    . GLN A 1 90  ? 2.201   -3.720  -7.440  1.00 0.83 ? 64  GLN A N    1 
ATOM 895  C CA   . GLN A 1 90  ? 2.027   -4.508  -8.657  1.00 0.95 ? 64  GLN A CA   1 
ATOM 896  C C    . GLN A 1 90  ? 3.248   -5.389  -8.903  1.00 0.95 ? 64  GLN A C    1 
ATOM 897  O O    . GLN A 1 90  ? 3.120   -6.563  -9.245  1.00 0.92 ? 64  GLN A O    1 
ATOM 898  C CB   . GLN A 1 90  ? 1.783   -3.592  -9.863  1.00 1.17 ? 64  GLN A CB   1 
ATOM 899  C CG   . GLN A 1 90  ? 0.335   -3.574  -10.336 1.00 1.62 ? 64  GLN A CG   1 
ATOM 900  C CD   . GLN A 1 90  ? -0.667  -3.627  -9.195  1.00 2.58 ? 64  GLN A CD   1 
ATOM 901  O OE1  . GLN A 1 90  ? -1.636  -4.383  -9.238  1.00 3.24 ? 64  GLN A OE1  1 
ATOM 902  N NE2  . GLN A 1 90  ? -0.434  -2.822  -8.163  1.00 3.27 ? 64  GLN A NE2  1 
ATOM 903  H H    . GLN A 1 90  ? 2.129   -2.745  -7.489  1.00 0.87 ? 64  GLN A H    1 
ATOM 904  H HA   . GLN A 1 90  ? 1.164   -5.145  -8.517  1.00 0.93 ? 64  GLN A HA   1 
ATOM 905  H HB2  . GLN A 1 90  ? 2.064   -2.583  -9.599  1.00 1.51 ? 64  GLN A HB2  1 
ATOM 906  H HB3  . GLN A 1 90  ? 2.400   -3.924  -10.683 1.00 1.51 ? 64  GLN A HB3  1 
ATOM 907  H HG2  . GLN A 1 90  ? 0.166   -2.668  -10.899 1.00 2.01 ? 64  GLN A HG2  1 
ATOM 908  H HG3  . GLN A 1 90  ? 0.169   -4.429  -10.977 1.00 1.85 ? 64  GLN A HG3  1 
ATOM 909  H HE21 . GLN A 1 90  ? 0.356   -2.246  -8.192  1.00 3.18 ? 64  GLN A HE21 1 
ATOM 910  H HE22 . GLN A 1 90  ? -1.068  -2.838  -7.414  1.00 4.11 ? 64  GLN A HE22 1 
ATOM 911  N N    . GLY A 1 91  ? 4.435   -4.812  -8.718  1.00 1.05 ? 65  GLY A N    1 
ATOM 912  C CA   . GLY A 1 91  ? 5.663   -5.556  -8.914  1.00 1.14 ? 65  GLY A CA   1 
ATOM 913  C C    . GLY A 1 91  ? 5.610   -6.917  -8.254  1.00 0.94 ? 65  GLY A C    1 
ATOM 914  O O    . GLY A 1 91  ? 5.880   -7.936  -8.890  1.00 0.94 ? 65  GLY A O    1 
ATOM 915  H H    . GLY A 1 91  ? 4.476   -3.874  -8.444  1.00 1.10 ? 65  GLY A H    1 
ATOM 916  H HA2  . GLY A 1 91  ? 5.829   -5.687  -9.973  1.00 1.54 ? 65  GLY A HA2  1 
ATOM 917  H HA3  . GLY A 1 91  ? 6.485   -4.995  -8.496  1.00 1.52 ? 65  GLY A HA3  1 
ATOM 918  N N    . VAL A 1 92  ? 5.237   -6.944  -6.975  1.00 0.83 ? 66  VAL A N    1 
ATOM 919  C CA   . VAL A 1 92  ? 5.139   -8.209  -6.256  1.00 0.72 ? 66  VAL A CA   1 
ATOM 920  C C    . VAL A 1 92  ? 4.098   -9.106  -6.918  1.00 0.59 ? 66  VAL A C    1 
ATOM 921  O O    . VAL A 1 92  ? 4.344   -10.286 -7.170  1.00 0.56 ? 66  VAL A O    1 
ATOM 922  C CB   . VAL A 1 92  ? 4.795   -7.997  -4.759  1.00 0.77 ? 66  VAL A CB   1 
ATOM 923  C CG1  . VAL A 1 92  ? 3.562   -8.794  -4.343  1.00 1.22 ? 66  VAL A CG1  1 
ATOM 924  C CG2  . VAL A 1 92  ? 5.988   -8.364  -3.887  1.00 1.46 ? 66  VAL A CG2  1 
ATOM 925  H H    . VAL A 1 92  ? 5.009   -6.101  -6.515  1.00 0.87 ? 66  VAL A H    1 
ATOM 926  H HA   . VAL A 1 92  ? 6.104   -8.696  -6.318  1.00 0.80 ? 66  VAL A HA   1 
ATOM 927  H HB   . VAL A 1 92  ? 4.582   -6.950  -4.607  1.00 1.00 ? 66  VAL A HB   1 
ATOM 928  H HG11 . VAL A 1 92  ? 2.739   -8.569  -5.007  1.00 1.80 ? 66  VAL A HG11 1 
ATOM 929  H HG12 . VAL A 1 92  ? 3.781   -9.849  -4.388  1.00 1.56 ? 66  VAL A HG12 1 
ATOM 930  H HG13 . VAL A 1 92  ? 3.288   -8.529  -3.332  1.00 1.87 ? 66  VAL A HG13 1 
ATOM 931  H HG21 . VAL A 1 92  ? 6.400   -9.306  -4.215  1.00 1.95 ? 66  VAL A HG21 1 
ATOM 932  H HG22 . VAL A 1 92  ? 6.742   -7.595  -3.965  1.00 2.07 ? 66  VAL A HG22 1 
ATOM 933  H HG23 . VAL A 1 92  ? 5.669   -8.451  -2.858  1.00 1.87 ? 66  VAL A HG23 1 
ATOM 934  N N    . LEU A 1 93  ? 2.936   -8.528  -7.209  1.00 0.58 ? 67  LEU A N    1 
ATOM 935  C CA   . LEU A 1 93  ? 1.852   -9.264  -7.857  1.00 0.62 ? 67  LEU A CA   1 
ATOM 936  C C    . LEU A 1 93  ? 2.366   -10.000 -9.091  1.00 0.69 ? 67  LEU A C    1 
ATOM 937  O O    . LEU A 1 93  ? 2.156   -11.206 -9.239  1.00 0.71 ? 67  LEU A O    1 
ATOM 938  C CB   . LEU A 1 93  ? 0.713   -8.314  -8.246  1.00 0.74 ? 67  LEU A CB   1 
ATOM 939  C CG   . LEU A 1 93  ? -0.667  -8.696  -7.698  1.00 1.29 ? 67  LEU A CG   1 
ATOM 940  C CD1  . LEU A 1 93  ? -1.530  -7.455  -7.516  1.00 1.90 ? 67  LEU A CD1  1 
ATOM 941  C CD2  . LEU A 1 93  ? -1.348  -9.696  -8.621  1.00 2.13 ? 67  LEU A CD2  1 
ATOM 942  H H    . LEU A 1 93  ? 2.807   -7.581  -6.992  1.00 0.62 ? 67  LEU A H    1 
ATOM 943  H HA   . LEU A 1 93  ? 1.480   -9.992  -7.150  1.00 0.61 ? 67  LEU A HA   1 
ATOM 944  H HB2  . LEU A 1 93  ? 0.957   -7.325  -7.885  1.00 1.15 ? 67  LEU A HB2  1 
ATOM 945  H HB3  . LEU A 1 93  ? 0.652   -8.278  -9.324  1.00 1.27 ? 67  LEU A HB3  1 
ATOM 946  H HG   . LEU A 1 93  ? -0.546  -9.162  -6.732  1.00 1.89 ? 67  LEU A HG   1 
ATOM 947  H HD11 . LEU A 1 93  ? -1.492  -6.853  -8.413  1.00 2.42 ? 67  LEU A HD11 1 
ATOM 948  H HD12 . LEU A 1 93  ? -2.550  -7.751  -7.324  1.00 2.30 ? 67  LEU A HD12 1 
ATOM 949  H HD13 . LEU A 1 93  ? -1.160  -6.877  -6.680  1.00 2.40 ? 67  LEU A HD13 1 
ATOM 950  H HD21 . LEU A 1 93  ? -1.454  -9.264  -9.606  1.00 2.58 ? 67  LEU A HD21 1 
ATOM 951  H HD22 . LEU A 1 93  ? -0.750  -10.593 -8.684  1.00 2.80 ? 67  LEU A HD22 1 
ATOM 952  H HD23 . LEU A 1 93  ? -2.324  -9.942  -8.229  1.00 2.41 ? 67  LEU A HD23 1 
ATOM 953  N N    . ASP A 1 94  ? 3.042   -9.271  -9.975  1.00 0.79 ? 68  ASP A N    1 
ATOM 954  C CA   . ASP A 1 94  ? 3.589   -9.866  -11.190 1.00 0.94 ? 68  ASP A CA   1 
ATOM 955  C C    . ASP A 1 94  ? 4.512   -11.027 -10.838 1.00 0.86 ? 68  ASP A C    1 
ATOM 956  O O    . ASP A 1 94  ? 4.388   -12.120 -11.392 1.00 0.91 ? 68  ASP A O    1 
ATOM 957  C CB   . ASP A 1 94  ? 4.345   -8.826  -12.020 1.00 1.12 ? 68  ASP A CB   1 
ATOM 958  C CG   . ASP A 1 94  ? 4.536   -9.278  -13.456 1.00 1.55 ? 68  ASP A CG   1 
ATOM 959  O OD1  . ASP A 1 94  ? 5.410   -10.140 -13.694 1.00 2.24 ? 68  ASP A OD1  1 
ATOM 960  O OD2  . ASP A 1 94  ? 3.806   -8.785  -14.338 1.00 2.04 ? 68  ASP A OD2  1 
ATOM 961  H H    . ASP A 1 94  ? 3.179   -8.316  -9.804  1.00 0.82 ? 68  ASP A H    1 
ATOM 962  H HA   . ASP A 1 94  ? 2.762   -10.247 -11.771 1.00 1.02 ? 68  ASP A HA   1 
ATOM 963  H HB2  . ASP A 1 94  ? 3.788   -7.899  -12.024 1.00 1.58 ? 68  ASP A HB2  1 
ATOM 964  H HB3  . ASP A 1 94  ? 5.319   -8.656  -11.583 1.00 1.23 ? 68  ASP A HB3  1 
ATOM 965  N N    . THR A 1 95  ? 5.434   -10.787 -9.906  1.00 0.80 ? 69  THR A N    1 
ATOM 966  C CA   . THR A 1 95  ? 6.364   -11.826 -9.473  1.00 0.80 ? 69  THR A CA   1 
ATOM 967  C C    . THR A 1 95  ? 5.598   -13.077 -9.053  1.00 0.67 ? 69  THR A C    1 
ATOM 968  O O    . THR A 1 95  ? 5.921   -14.188 -9.475  1.00 0.73 ? 69  THR A O    1 
ATOM 969  C CB   . THR A 1 95  ? 7.229   -11.320 -8.314  1.00 0.86 ? 69  THR A CB   1 
ATOM 970  O OG1  . THR A 1 95  ? 7.783   -10.054 -8.620  1.00 1.02 ? 69  THR A OG1  1 
ATOM 971  C CG2  . THR A 1 95  ? 8.374   -12.249 -7.969  1.00 0.94 ? 69  THR A CG2  1 
ATOM 972  H H    . THR A 1 95  ? 5.484   -9.899  -9.499  1.00 0.81 ? 69  THR A H    1 
ATOM 973  H HA   . THR A 1 95  ? 7.003   -12.070 -10.311 1.00 0.93 ? 69  THR A HA   1 
ATOM 974  H HB   . THR A 1 95  ? 6.610   -11.217 -7.434  1.00 0.79 ? 69  THR A HB   1 
ATOM 975  H HG1  . THR A 1 95  ? 7.077   -9.422  -8.776  1.00 1.52 ? 69  THR A HG1  1 
ATOM 976  H HG21 . THR A 1 95  ? 8.915   -12.505 -8.869  1.00 1.54 ? 69  THR A HG21 1 
ATOM 977  H HG22 . THR A 1 95  ? 9.043   -11.756 -7.278  1.00 1.21 ? 69  THR A HG22 1 
ATOM 978  H HG23 . THR A 1 95  ? 7.985   -13.148 -7.515  1.00 1.42 ? 69  THR A HG23 1 
ATOM 979  N N    . GLY A 1 96  ? 4.572   -12.890 -8.221  1.00 0.57 ? 70  GLY A N    1 
ATOM 980  C CA   . GLY A 1 96  ? 3.768   -14.015 -7.774  1.00 0.59 ? 70  GLY A CA   1 
ATOM 981  C C    . GLY A 1 96  ? 3.225   -14.810 -8.946  1.00 0.69 ? 70  GLY A C    1 
ATOM 982  O O    . GLY A 1 96  ? 3.296   -16.039 -8.959  1.00 0.79 ? 70  GLY A O    1 
ATOM 983  H H    . GLY A 1 96  ? 4.357   -11.982 -7.915  1.00 0.55 ? 70  GLY A H    1 
ATOM 984  H HA2  . GLY A 1 96  ? 4.380   -14.665 -7.171  1.00 0.97 ? 70  GLY A HA2  1 
ATOM 985  H HA3  . GLY A 1 96  ? 2.942   -13.654 -7.177  1.00 1.05 ? 70  GLY A HA3  1 
ATOM 986  N N    . LYS A 1 97  ? 2.687   -14.108 -9.941  1.00 0.76 ? 71  LYS A N    1 
ATOM 987  C CA   . LYS A 1 97  ? 2.149   -14.765 -11.126 1.00 0.94 ? 71  LYS A CA   1 
ATOM 988  C C    . LYS A 1 97  ? 3.207   -15.694 -11.714 1.00 0.99 ? 71  LYS A C    1 
ATOM 989  O O    . LYS A 1 97  ? 2.914   -16.828 -12.097 1.00 1.12 ? 71  LYS A O    1 
ATOM 990  C CB   . LYS A 1 97  ? 1.704   -13.729 -12.167 1.00 1.05 ? 71  LYS A CB   1 
ATOM 991  C CG   . LYS A 1 97  ? 1.526   -14.295 -13.571 1.00 1.35 ? 71  LYS A CG   1 
ATOM 992  C CD   . LYS A 1 97  ? 2.772   -14.101 -14.425 1.00 1.91 ? 71  LYS A CD   1 
ATOM 993  C CE   . LYS A 1 97  ? 2.773   -12.751 -15.124 1.00 2.53 ? 71  LYS A CE   1 
ATOM 994  N NZ   . LYS A 1 97  ? 2.994   -11.629 -14.169 1.00 3.25 ? 71  LYS A NZ   1 
ATOM 995  H H    . LYS A 1 97  ? 2.660   -13.129 -9.880  1.00 0.74 ? 71  LYS A H    1 
ATOM 996  H HA   . LYS A 1 97  ? 1.296   -15.355 -10.823 1.00 1.03 ? 71  LYS A HA   1 
ATOM 997  H HB2  . LYS A 1 97  ? 0.761   -13.306 -11.851 1.00 1.13 ? 71  LYS A HB2  1 
ATOM 998  H HB3  . LYS A 1 97  ? 2.440   -12.941 -12.211 1.00 1.61 ? 71  LYS A HB3  1 
ATOM 999  H HG2  . LYS A 1 97  ? 1.315   -15.353 -13.497 1.00 1.79 ? 71  LYS A HG2  1 
ATOM 1000 H HG3  . LYS A 1 97  ? 0.695   -13.795 -14.045 1.00 1.70 ? 71  LYS A HG3  1 
ATOM 1001 H HD2  . LYS A 1 97  ? 3.646   -14.167 -13.793 1.00 2.49 ? 71  LYS A HD2  1 
ATOM 1002 H HD3  . LYS A 1 97  ? 2.810   -14.881 -15.171 1.00 2.22 ? 71  LYS A HD3  1 
ATOM 1003 H HE2  . LYS A 1 97  ? 3.563   -12.743 -15.862 1.00 2.94 ? 71  LYS A HE2  1 
ATOM 1004 H HE3  . LYS A 1 97  ? 1.822   -12.611 -15.614 1.00 2.77 ? 71  LYS A HE3  1 
ATOM 1005 H HZ1  . LYS A 1 97  ? 3.679   -11.909 -13.438 1.00 3.67 ? 71  LYS A HZ1  1 
ATOM 1006 H HZ2  . LYS A 1 97  ? 3.365   -10.796 -14.675 1.00 3.59 ? 71  LYS A HZ2  1 
ATOM 1007 H HZ3  . LYS A 1 97  ? 2.099   -11.370 -13.709 1.00 3.56 ? 71  LYS A HZ3  1 
ATOM 1008 N N    . LYS A 1 98  ? 4.447   -15.208 -11.758 1.00 0.95 ? 72  LYS A N    1 
ATOM 1009 C CA   . LYS A 1 98  ? 5.558   -16.001 -12.273 1.00 1.08 ? 72  LYS A CA   1 
ATOM 1010 C C    . LYS A 1 98  ? 5.710   -17.267 -11.441 1.00 1.06 ? 72  LYS A C    1 
ATOM 1011 O O    . LYS A 1 98  ? 5.682   -18.376 -11.971 1.00 1.26 ? 72  LYS A O    1 
ATOM 1012 C CB   . LYS A 1 98  ? 6.858   -15.188 -12.255 1.00 1.14 ? 72  LYS A CB   1 
ATOM 1013 C CG   . LYS A 1 98  ? 7.435   -14.930 -13.641 1.00 1.49 ? 72  LYS A CG   1 
ATOM 1014 C CD   . LYS A 1 98  ? 8.278   -16.102 -14.130 1.00 2.07 ? 72  LYS A CD   1 
ATOM 1015 C CE   . LYS A 1 98  ? 7.812   -16.609 -15.487 1.00 2.89 ? 72  LYS A CE   1 
ATOM 1016 N NZ   . LYS A 1 98  ? 6.767   -17.662 -15.357 1.00 3.71 ? 72  LYS A NZ   1 
ATOM 1017 H H    . LYS A 1 98  ? 4.616   -14.304 -11.419 1.00 0.89 ? 72  LYS A H    1 
ATOM 1018 H HA   . LYS A 1 98  ? 5.324   -16.277 -13.289 1.00 1.22 ? 72  LYS A HA   1 
ATOM 1019 H HB2  . LYS A 1 98  ? 6.666   -14.233 -11.787 1.00 1.25 ? 72  LYS A HB2  1 
ATOM 1020 H HB3  . LYS A 1 98  ? 7.597   -15.720 -11.674 1.00 1.39 ? 72  LYS A HB3  1 
ATOM 1021 H HG2  . LYS A 1 98  ? 6.622   -14.767 -14.334 1.00 1.82 ? 72  LYS A HG2  1 
ATOM 1022 H HG3  . LYS A 1 98  ? 8.057   -14.046 -13.601 1.00 1.99 ? 72  LYS A HG3  1 
ATOM 1023 H HD2  . LYS A 1 98  ? 9.307   -15.782 -14.212 1.00 2.56 ? 72  LYS A HD2  1 
ATOM 1024 H HD3  . LYS A 1 98  ? 8.207   -16.907 -13.415 1.00 2.32 ? 72  LYS A HD3  1 
ATOM 1025 H HE2  . LYS A 1 98  ? 7.409   -15.780 -16.050 1.00 2.99 ? 72  LYS A HE2  1 
ATOM 1026 H HE3  . LYS A 1 98  ? 8.661   -17.021 -16.013 1.00 3.35 ? 72  LYS A HE3  1 
ATOM 1027 H HZ1  . LYS A 1 98  ? 7.132   -18.462 -14.801 1.00 4.13 ? 72  LYS A HZ1  1 
ATOM 1028 H HZ2  . LYS A 1 98  ? 5.928   -17.277 -14.882 1.00 3.97 ? 72  LYS A HZ2  1 
ATOM 1029 H HZ3  . LYS A 1 98  ? 6.489   -18.008 -16.297 1.00 4.05 ? 72  LYS A HZ3  1 
ATOM 1030 N N    . LEU A 1 99  ? 5.840   -17.087 -10.126 1.00 0.89 ? 73  LEU A N    1 
ATOM 1031 C CA   . LEU A 1 99  ? 5.968   -18.214 -9.206  1.00 0.98 ? 73  LEU A CA   1 
ATOM 1032 C C    . LEU A 1 99  ? 4.964   -19.302 -9.569  1.00 1.14 ? 73  LEU A C    1 
ATOM 1033 O O    . LEU A 1 99  ? 5.299   -20.486 -9.611  1.00 1.32 ? 73  LEU A O    1 
ATOM 1034 C CB   . LEU A 1 99  ? 5.728   -17.759 -7.762  1.00 0.97 ? 73  LEU A CB   1 
ATOM 1035 C CG   . LEU A 1 99  ? 6.984   -17.373 -6.975  1.00 0.92 ? 73  LEU A CG   1 
ATOM 1036 C CD1  . LEU A 1 99  ? 7.646   -16.148 -7.587  1.00 1.52 ? 73  LEU A CD1  1 
ATOM 1037 C CD2  . LEU A 1 99  ? 6.632   -17.120 -5.517  1.00 0.96 ? 73  LEU A CD2  1 
ATOM 1038 H H    . LEU A 1 99  ? 5.835   -16.175 -9.768  1.00 0.79 ? 73  LEU A H    1 
ATOM 1039 H HA   . LEU A 1 99  ? 6.966   -18.611 -9.294  1.00 1.07 ? 73  LEU A HA   1 
ATOM 1040 H HB2  . LEU A 1 99  ? 5.069   -16.905 -7.781  1.00 1.33 ? 73  LEU A HB2  1 
ATOM 1041 H HB3  . LEU A 1 99  ? 5.233   -18.560 -7.234  1.00 1.51 ? 73  LEU A HB3  1 
ATOM 1042 H HG   . LEU A 1 99  ? 7.689   -18.190 -7.012  1.00 1.52 ? 73  LEU A HG   1 
ATOM 1043 H HD11 . LEU A 1 99  ? 7.875   -16.341 -8.625  1.00 2.03 ? 73  LEU A HD11 1 
ATOM 1044 H HD12 . LEU A 1 99  ? 6.978   -15.302 -7.514  1.00 2.10 ? 73  LEU A HD12 1 
ATOM 1045 H HD13 . LEU A 1 99  ? 8.559   -15.931 -7.054  1.00 1.92 ? 73  LEU A HD13 1 
ATOM 1046 H HD21 . LEU A 1 99  ? 5.790   -16.448 -5.461  1.00 1.33 ? 73  LEU A HD21 1 
ATOM 1047 H HD22 . LEU A 1 99  ? 6.377   -18.056 -5.039  1.00 1.63 ? 73  LEU A HD22 1 
ATOM 1048 H HD23 . LEU A 1 99  ? 7.480   -16.680 -5.013  1.00 1.24 ? 73  LEU A HD23 1 
ATOM 1049 N N    . SER A 1 100 ? 3.730   -18.885 -9.834  1.00 1.13 ? 74  SER A N    1 
ATOM 1050 C CA   . SER A 1 100 ? 2.666   -19.810 -10.203 1.00 1.36 ? 74  SER A CA   1 
ATOM 1051 C C    . SER A 1 100 ? 3.098   -20.687 -11.371 1.00 1.52 ? 74  SER A C    1 
ATOM 1052 O O    . SER A 1 100 ? 3.094   -21.910 -11.275 1.00 1.76 ? 74  SER A O    1 
ATOM 1053 C CB   . SER A 1 100 ? 1.391   -19.046 -10.571 1.00 1.37 ? 74  SER A CB   1 
ATOM 1054 O OG   . SER A 1 100 ? 1.310   -17.816 -9.873  1.00 1.67 ? 74  SER A OG   1 
ATOM 1055 H H    . SER A 1 100 ? 3.531   -17.926 -9.782  1.00 1.01 ? 74  SER A H    1 
ATOM 1056 H HA   . SER A 1 100 ? 2.464   -20.442 -9.351  1.00 1.50 ? 74  SER A HA   1 
ATOM 1057 H HB2  . SER A 1 100 ? 1.389   -18.842 -11.632 1.00 1.44 ? 74  SER A HB2  1 
ATOM 1058 H HB3  . SER A 1 100 ? 0.530   -19.645 -10.320 1.00 1.74 ? 74  SER A HB3  1 
ATOM 1059 H HG   . SER A 1 100 ? 2.041   -17.251 -10.130 1.00 2.09 ? 74  SER A HG   1 
ATOM 1060 N N    . ASP A 1 101 ? 3.462   -20.049 -12.476 1.00 1.47 ? 75  ASP A N    1 
ATOM 1061 C CA   . ASP A 1 101 ? 3.892   -20.769 -13.670 1.00 1.71 ? 75  ASP A CA   1 
ATOM 1062 C C    . ASP A 1 101 ? 5.128   -21.624 -13.391 1.00 1.86 ? 75  ASP A C    1 
ATOM 1063 O O    . ASP A 1 101 ? 5.376   -22.611 -14.084 1.00 2.14 ? 75  ASP A O    1 
ATOM 1064 C CB   . ASP A 1 101 ? 4.188   -19.786 -14.809 1.00 1.72 ? 75  ASP A CB   1 
ATOM 1065 C CG   . ASP A 1 101 ? 3.381   -18.500 -14.708 1.00 1.79 ? 75  ASP A CG   1 
ATOM 1066 O OD1  . ASP A 1 101 ? 2.165   -18.579 -14.435 1.00 2.15 ? 75  ASP A OD1  1 
ATOM 1067 O OD2  . ASP A 1 101 ? 3.969   -17.415 -14.901 1.00 2.34 ? 75  ASP A OD2  1 
ATOM 1068 H H    . ASP A 1 101 ? 3.436   -19.071 -12.490 1.00 1.33 ? 75  ASP A H    1 
ATOM 1069 H HA   . ASP A 1 101 ? 3.082   -21.417 -13.972 1.00 1.90 ? 75  ASP A HA   1 
ATOM 1070 H HB2  . ASP A 1 101 ? 5.239   -19.532 -14.791 1.00 1.77 ? 75  ASP A HB2  1 
ATOM 1071 H HB3  . ASP A 1 101 ? 3.953   -20.259 -15.753 1.00 2.10 ? 75  ASP A HB3  1 
ATOM 1072 N N    . ASP A 1 102 ? 5.909   -21.224 -12.390 1.00 1.77 ? 76  ASP A N    1 
ATOM 1073 C CA   . ASP A 1 102 ? 7.138   -21.940 -12.037 1.00 2.01 ? 76  ASP A CA   1 
ATOM 1074 C C    . ASP A 1 102 ? 6.910   -22.997 -10.954 1.00 1.98 ? 76  ASP A C    1 
ATOM 1075 O O    . ASP A 1 102 ? 7.787   -23.828 -10.710 1.00 2.28 ? 76  ASP A O    1 
ATOM 1076 C CB   . ASP A 1 102 ? 8.212   -20.955 -11.559 1.00 2.20 ? 76  ASP A CB   1 
ATOM 1077 C CG   . ASP A 1 102 ? 8.236   -19.660 -12.353 1.00 2.36 ? 76  ASP A CG   1 
ATOM 1078 O OD1  . ASP A 1 102 ? 7.937   -19.691 -13.564 1.00 2.89 ? 76  ASP A OD1  1 
ATOM 1079 O OD2  . ASP A 1 102 ? 8.567   -18.611 -11.758 1.00 2.64 ? 76  ASP A OD2  1 
ATOM 1080 H H    . ASP A 1 102 ? 5.669   -20.418 -11.891 1.00 1.61 ? 76  ASP A H    1 
ATOM 1081 H HA   . ASP A 1 102 ? 7.498   -22.433 -12.930 1.00 2.34 ? 76  ASP A HA   1 
ATOM 1082 H HB2  . ASP A 1 102 ? 8.029   -20.713 -10.522 1.00 2.68 ? 76  ASP A HB2  1 
ATOM 1083 H HB3  . ASP A 1 102 ? 9.182   -21.423 -11.647 1.00 2.54 ? 76  ASP A HB3  1 
ATOM 1084 N N    . ASN A 1 103 ? 5.754   -22.961 -10.289 1.00 1.87 ? 77  ASN A N    1 
ATOM 1085 C CA   . ASN A 1 103 ? 5.473   -23.924 -9.222  1.00 2.13 ? 77  ASN A CA   1 
ATOM 1086 C C    . ASN A 1 103 ? 3.974   -24.172 -9.042  1.00 1.92 ? 77  ASN A C    1 
ATOM 1087 O O    . ASN A 1 103 ? 3.517   -25.312 -9.139  1.00 2.30 ? 77  ASN A O    1 
ATOM 1088 C CB   . ASN A 1 103 ? 6.080   -23.431 -7.900  1.00 3.00 ? 77  ASN A CB   1 
ATOM 1089 C CG   . ASN A 1 103 ? 5.344   -23.961 -6.683  1.00 3.68 ? 77  ASN A CG   1 
ATOM 1090 O OD1  . ASN A 1 103 ? 4.415   -23.327 -6.179  1.00 3.93 ? 77  ASN A OD1  1 
ATOM 1091 N ND2  . ASN A 1 103 ? 5.753   -25.129 -6.203  1.00 4.42 ? 77  ASN A ND2  1 
ATOM 1092 H H    . ASN A 1 103 ? 5.093   -22.273 -10.504 1.00 1.83 ? 77  ASN A H    1 
ATOM 1093 H HA   . ASN A 1 103 ? 5.944   -24.859 -9.490  1.00 2.59 ? 77  ASN A HA   1 
ATOM 1094 H HB2  . ASN A 1 103 ? 7.109   -23.753 -7.845  1.00 3.49 ? 77  ASN A HB2  1 
ATOM 1095 H HB3  . ASN A 1 103 ? 6.041   -22.352 -7.877  1.00 3.33 ? 77  ASN A HB3  1 
ATOM 1096 H HD21 . ASN A 1 103 ? 6.499   -25.579 -6.652  1.00 4.45 ? 77  ASN A HD21 1 
ATOM 1097 H HD22 . ASN A 1 103 ? 5.287   -25.495 -5.422  1.00 5.10 ? 77  ASN A HD22 1 
ATOM 1098 N N    . THR A 1 104 ? 3.230   -23.104 -8.749  1.00 2.42 ? 78  THR A N    1 
ATOM 1099 C CA   . THR A 1 104 ? 1.783   -23.188 -8.514  1.00 3.13 ? 78  THR A CA   1 
ATOM 1100 C C    . THR A 1 104 ? 1.497   -23.886 -7.184  1.00 3.07 ? 78  THR A C    1 
ATOM 1101 O O    . THR A 1 104 ? 1.058   -23.251 -6.220  1.00 3.33 ? 78  THR A O    1 
ATOM 1102 C CB   . THR A 1 104 ? 1.046   -23.914 -9.657  1.00 4.02 ? 78  THR A CB   1 
ATOM 1103 O OG1  . THR A 1 104 ? 1.929   -24.291 -10.697 1.00 4.29 ? 78  THR A OG1  1 
ATOM 1104 C CG2  . THR A 1 104 ? -0.052  -23.076 -10.279 1.00 4.87 ? 78  THR A CG2  1 
ATOM 1105 H H    . THR A 1 104 ? 3.670   -22.234 -8.665  1.00 2.83 ? 78  THR A H    1 
ATOM 1106 H HA   . THR A 1 104 ? 1.411   -22.175 -8.448  1.00 3.56 ? 78  THR A HA   1 
ATOM 1107 H HB   . THR A 1 104 ? 0.587   -24.809 -9.264  1.00 4.40 ? 78  THR A HB   1 
ATOM 1108 H HG1  . THR A 1 104 ? 2.447   -23.533 -10.965 1.00 4.24 ? 78  THR A HG1  1 
ATOM 1109 H HG21 . THR A 1 104 ? -0.613  -22.582 -9.500  1.00 5.31 ? 78  THR A HG21 1 
ATOM 1110 H HG22 . THR A 1 104 ? 0.387   -22.335 -10.933 1.00 5.23 ? 78  THR A HG22 1 
ATOM 1111 H HG23 . THR A 1 104 ? -0.711  -23.714 -10.848 1.00 5.08 ? 78  THR A HG23 1 
ATOM 1112 N N    . ILE A 1 105 ? 1.756   -25.194 -7.145  1.00 3.06 ? 79  ILE A N    1 
ATOM 1113 C CA   . ILE A 1 105 ? 1.540   -25.994 -5.943  1.00 3.21 ? 79  ILE A CA   1 
ATOM 1114 C C    . ILE A 1 105 ? 2.344   -25.430 -4.776  1.00 2.90 ? 79  ILE A C    1 
ATOM 1115 O O    . ILE A 1 105 ? 3.516   -25.757 -4.596  1.00 3.08 ? 79  ILE A O    1 
ATOM 1116 C CB   . ILE A 1 105 ? 1.927   -27.471 -6.168  1.00 3.81 ? 79  ILE A CB   1 
ATOM 1117 C CG1  . ILE A 1 105 ? 1.145   -28.056 -7.351  1.00 4.11 ? 79  ILE A CG1  1 
ATOM 1118 C CG2  . ILE A 1 105 ? 1.677   -28.287 -4.906  1.00 4.49 ? 79  ILE A CG2  1 
ATOM 1119 C CD1  . ILE A 1 105 ? 1.936   -29.049 -8.176  1.00 4.56 ? 79  ILE A CD1  1 
ATOM 1120 H H    . ILE A 1 105 ? 2.108   -25.633 -7.946  1.00 3.18 ? 79  ILE A H    1 
ATOM 1121 H HA   . ILE A 1 105 ? 0.490   -25.948 -5.696  1.00 3.37 ? 79  ILE A HA   1 
ATOM 1122 H HB   . ILE A 1 105 ? 2.983   -27.511 -6.388  1.00 4.01 ? 79  ILE A HB   1 
ATOM 1123 H HG12 . ILE A 1 105 ? 0.267   -28.561 -6.977  1.00 4.32 ? 79  ILE A HG12 1 
ATOM 1124 H HG13 . ILE A 1 105 ? 0.838   -27.253 -8.005  1.00 4.35 ? 79  ILE A HG13 1 
ATOM 1125 H HG21 . ILE A 1 105 ? 0.679   -28.091 -4.543  1.00 4.83 ? 79  ILE A HG21 1 
ATOM 1126 H HG22 . ILE A 1 105 ? 1.778   -29.339 -5.131  1.00 4.79 ? 79  ILE A HG22 1 
ATOM 1127 H HG23 . ILE A 1 105 ? 2.395   -28.010 -4.150  1.00 4.79 ? 79  ILE A HG23 1 
ATOM 1128 H HD11 . ILE A 1 105 ? 2.992   -28.878 -8.029  1.00 4.91 ? 79  ILE A HD11 1 
ATOM 1129 H HD12 . ILE A 1 105 ? 1.685   -30.052 -7.867  1.00 4.79 ? 79  ILE A HD12 1 
ATOM 1130 H HD13 . ILE A 1 105 ? 1.693   -28.921 -9.221  1.00 4.74 ? 79  ILE A HD13 1 
ATOM 1131 N N    . GLY A 1 106 ? 1.700   -24.568 -4.003  1.00 2.87 ? 80  GLY A N    1 
ATOM 1132 C CA   . GLY A 1 106 ? 2.348   -23.940 -2.871  1.00 2.77 ? 80  GLY A CA   1 
ATOM 1133 C C    . GLY A 1 106 ? 2.147   -22.444 -2.906  1.00 2.49 ? 80  GLY A C    1 
ATOM 1134 O O    . GLY A 1 106 ? 1.521   -21.875 -2.010  1.00 2.38 ? 80  GLY A O    1 
ATOM 1135 H H    . GLY A 1 106 ? 0.771   -24.343 -4.214  1.00 3.20 ? 80  GLY A H    1 
ATOM 1136 H HA2  . GLY A 1 106 ? 1.929   -24.332 -1.958  1.00 3.12 ? 80  GLY A HA2  1 
ATOM 1137 H HA3  . GLY A 1 106 ? 3.405   -24.153 -2.899  1.00 2.88 ? 80  GLY A HA3  1 
ATOM 1138 N N    . LYS A 1 107 ? 2.651   -21.813 -3.964  1.00 2.47 ? 81  LYS A N    1 
ATOM 1139 C CA   . LYS A 1 107 ? 2.513   -20.372 -4.141  1.00 2.30 ? 81  LYS A CA   1 
ATOM 1140 C C    . LYS A 1 107 ? 1.061   -19.930 -3.927  1.00 2.13 ? 81  LYS A C    1 
ATOM 1141 O O    . LYS A 1 107 ? 0.805   -18.836 -3.432  1.00 1.92 ? 81  LYS A O    1 
ATOM 1142 C CB   . LYS A 1 107 ? 3.032   -19.957 -5.526  1.00 2.45 ? 81  LYS A CB   1 
ATOM 1143 C CG   . LYS A 1 107 ? 1.954   -19.548 -6.521  1.00 2.98 ? 81  LYS A CG   1 
ATOM 1144 C CD   . LYS A 1 107 ? 1.672   -18.055 -6.458  1.00 3.54 ? 81  LYS A CD   1 
ATOM 1145 C CE   . LYS A 1 107 ? 0.181   -17.763 -6.494  1.00 4.27 ? 81  LYS A CE   1 
ATOM 1146 N NZ   . LYS A 1 107 ? -0.476  -18.363 -7.685  1.00 4.40 ? 81  LYS A NZ   1 
ATOM 1147 H H    . LYS A 1 107 ? 3.115   -22.335 -4.653  1.00 2.61 ? 81  LYS A H    1 
ATOM 1148 H HA   . LYS A 1 107 ? 3.124   -19.895 -3.386  1.00 2.29 ? 81  LYS A HA   1 
ATOM 1149 H HB2  . LYS A 1 107 ? 3.708   -19.123 -5.404  1.00 2.57 ? 81  LYS A HB2  1 
ATOM 1150 H HB3  . LYS A 1 107 ? 3.579   -20.786 -5.951  1.00 2.65 ? 81  LYS A HB3  1 
ATOM 1151 H HG2  . LYS A 1 107 ? 2.287   -19.798 -7.515  1.00 3.38 ? 81  LYS A HG2  1 
ATOM 1152 H HG3  . LYS A 1 107 ? 1.048   -20.090 -6.302  1.00 3.19 ? 81  LYS A HG3  1 
ATOM 1153 H HD2  . LYS A 1 107 ? 2.082   -17.657 -5.542  1.00 3.82 ? 81  LYS A HD2  1 
ATOM 1154 H HD3  . LYS A 1 107 ? 2.143   -17.574 -7.303  1.00 3.65 ? 81  LYS A HD3  1 
ATOM 1155 H HE2  . LYS A 1 107 ? -0.273  -18.168 -5.603  1.00 4.60 ? 81  LYS A HE2  1 
ATOM 1156 H HE3  . LYS A 1 107 ? 0.038   -16.694 -6.518  1.00 4.72 ? 81  LYS A HE3  1 
ATOM 1157 H HZ1  . LYS A 1 107 ? 0.098   -18.190 -8.535  1.00 4.56 ? 81  LYS A HZ1  1 
ATOM 1158 H HZ2  . LYS A 1 107 ? -0.583  -19.390 -7.556  1.00 4.45 ? 81  LYS A HZ2  1 
ATOM 1159 H HZ3  . LYS A 1 107 ? -1.416  -17.944 -7.822  1.00 4.68 ? 81  LYS A HZ3  1 
ATOM 1160 N N    . GLU A 1 108 ? 0.113   -20.799 -4.284  1.00 2.24 ? 82  GLU A N    1 
ATOM 1161 C CA   . GLU A 1 108 ? -1.306  -20.501 -4.112  1.00 2.14 ? 82  GLU A CA   1 
ATOM 1162 C C    . GLU A 1 108 ? -1.579  -19.922 -2.720  1.00 1.94 ? 82  GLU A C    1 
ATOM 1163 O O    . GLU A 1 108 ? -2.357  -18.977 -2.574  1.00 1.76 ? 82  GLU A O    1 
ATOM 1164 C CB   . GLU A 1 108 ? -2.142  -21.767 -4.326  1.00 2.37 ? 82  GLU A CB   1 
ATOM 1165 C CG   . GLU A 1 108 ? -2.807  -21.837 -5.695  1.00 2.74 ? 82  GLU A CG   1 
ATOM 1166 C CD   . GLU A 1 108 ? -1.819  -22.105 -6.815  1.00 2.68 ? 82  GLU A CD   1 
ATOM 1167 O OE1  . GLU A 1 108 ? -0.990  -21.217 -7.100  1.00 3.00 ? 82  GLU A OE1  1 
ATOM 1168 O OE2  . GLU A 1 108 ? -1.876  -23.203 -7.409  1.00 2.89 ? 82  GLU A OE2  1 
ATOM 1169 H H    . GLU A 1 108 ? 0.373   -21.663 -4.666  1.00 2.43 ? 82  GLU A H    1 
ATOM 1170 H HA   . GLU A 1 108 ? -1.583  -19.766 -4.853  1.00 2.09 ? 82  GLU A HA   1 
ATOM 1171 H HB2  . GLU A 1 108 ? -1.504  -22.631 -4.215  1.00 2.49 ? 82  GLU A HB2  1 
ATOM 1172 H HB3  . GLU A 1 108 ? -2.917  -21.806 -3.574  1.00 2.64 ? 82  GLU A HB3  1 
ATOM 1173 H HG2  . GLU A 1 108 ? -3.539  -22.631 -5.682  1.00 3.23 ? 82  GLU A HG2  1 
ATOM 1174 H HG3  . GLU A 1 108 ? -3.302  -20.898 -5.889  1.00 3.17 ? 82  GLU A HG3  1 
ATOM 1175 N N    . GLU A 1 109 ? -0.932  -20.486 -1.701  1.00 2.03 ? 83  GLU A N    1 
ATOM 1176 C CA   . GLU A 1 109 ? -1.105  -20.010 -0.330  1.00 1.94 ? 83  GLU A CA   1 
ATOM 1177 C C    . GLU A 1 109 ? -0.639  -18.564 -0.200  1.00 1.73 ? 83  GLU A C    1 
ATOM 1178 O O    . GLU A 1 109 ? -1.302  -17.739 0.431   1.00 1.57 ? 83  GLU A O    1 
ATOM 1179 C CB   . GLU A 1 109 ? -0.351  -20.913 0.659   1.00 2.17 ? 83  GLU A CB   1 
ATOM 1180 C CG   . GLU A 1 109 ? 1.165   -20.755 0.626   1.00 2.39 ? 83  GLU A CG   1 
ATOM 1181 C CD   . GLU A 1 109 ? 1.700   -19.943 1.791   1.00 2.51 ? 83  GLU A CD   1 
ATOM 1182 O OE1  . GLU A 1 109 ? 1.446   -18.721 1.834   1.00 2.93 ? 83  GLU A OE1  1 
ATOM 1183 O OE2  . GLU A 1 109 ? 2.378   -20.530 2.659   1.00 2.94 ? 83  GLU A OE2  1 
ATOM 1184 H H    . GLU A 1 109 ? -0.319  -21.228 -1.875  1.00 2.20 ? 83  GLU A H    1 
ATOM 1185 H HA   . GLU A 1 109 ? -2.162  -20.051 -0.102  1.00 1.92 ? 83  GLU A HA   1 
ATOM 1186 H HB2  . GLU A 1 109 ? -0.690  -20.689 1.658   1.00 2.46 ? 83  GLU A HB2  1 
ATOM 1187 H HB3  . GLU A 1 109 ? -0.585  -21.942 0.434   1.00 2.40 ? 83  GLU A HB3  1 
ATOM 1188 H HG2  . GLU A 1 109 ? 1.614   -21.738 0.658   1.00 2.72 ? 83  GLU A HG2  1 
ATOM 1189 H HG3  . GLU A 1 109 ? 1.448   -20.267 -0.292  1.00 2.90 ? 83  GLU A HG3  1 
ATOM 1190 N N    . ILE A 1 110 ? 0.503   -18.259 -0.806  1.00 1.75 ? 84  ILE A N    1 
ATOM 1191 C CA   . ILE A 1 110 ? 1.046   -16.910 -0.766  1.00 1.60 ? 84  ILE A CA   1 
ATOM 1192 C C    . ILE A 1 110 ? 0.059   -15.935 -1.393  1.00 1.38 ? 84  ILE A C    1 
ATOM 1193 O O    . ILE A 1 110 ? -0.173  -14.851 -0.866  1.00 1.22 ? 84  ILE A O    1 
ATOM 1194 C CB   . ILE A 1 110 ? 2.408   -16.814 -1.487  1.00 1.73 ? 84  ILE A CB   1 
ATOM 1195 C CG1  . ILE A 1 110 ? 3.310   -17.988 -1.081  1.00 2.03 ? 84  ILE A CG1  1 
ATOM 1196 C CG2  . ILE A 1 110 ? 3.083   -15.485 -1.167  1.00 1.57 ? 84  ILE A CG2  1 
ATOM 1197 C CD1  . ILE A 1 110 ? 4.561   -18.116 -1.921  1.00 2.47 ? 84  ILE A CD1  1 
ATOM 1198 H H    . ILE A 1 110 ? 0.985   -18.953 -1.296  1.00 1.90 ? 84  ILE A H    1 
ATOM 1199 H HA   . ILE A 1 110 ? 1.189   -16.641 0.272   1.00 1.61 ? 84  ILE A HA   1 
ATOM 1200 H HB   . ILE A 1 110 ? 2.232   -16.852 -2.552  1.00 1.81 ? 84  ILE A HB   1 
ATOM 1201 H HG12 . ILE A 1 110 ? 3.614   -17.861 -0.054  1.00 2.33 ? 84  ILE A HG12 1 
ATOM 1202 H HG13 . ILE A 1 110 ? 2.756   -18.910 -1.175  1.00 2.27 ? 84  ILE A HG13 1 
ATOM 1203 H HG21 . ILE A 1 110 ? 2.935   -15.248 -0.124  1.00 2.09 ? 84  ILE A HG21 1 
ATOM 1204 H HG22 . ILE A 1 110 ? 4.142   -15.559 -1.372  1.00 1.82 ? 84  ILE A HG22 1 
ATOM 1205 H HG23 . ILE A 1 110 ? 2.652   -14.706 -1.777  1.00 1.61 ? 84  ILE A HG23 1 
ATOM 1206 H HD11 . ILE A 1 110 ? 4.384   -17.698 -2.901  1.00 3.00 ? 84  ILE A HD11 1 
ATOM 1207 H HD12 . ILE A 1 110 ? 5.370   -17.585 -1.442  1.00 2.71 ? 84  ILE A HD12 1 
ATOM 1208 H HD13 . ILE A 1 110 ? 4.824   -19.161 -2.018  1.00 2.72 ? 84  ILE A HD13 1 
ATOM 1209 N N    . GLN A 1 111 ? -0.541  -16.339 -2.512  1.00 1.45 ? 85  GLN A N    1 
ATOM 1210 C CA   . GLN A 1 111 ? -1.525  -15.498 -3.188  1.00 1.35 ? 85  GLN A CA   1 
ATOM 1211 C C    . GLN A 1 111 ? -2.568  -15.019 -2.182  1.00 1.19 ? 85  GLN A C    1 
ATOM 1212 O O    . GLN A 1 111 ? -2.875  -13.830 -2.115  1.00 1.05 ? 85  GLN A O    1 
ATOM 1213 C CB   . GLN A 1 111 ? -2.207  -16.260 -4.329  1.00 1.56 ? 85  GLN A CB   1 
ATOM 1214 C CG   . GLN A 1 111 ? -3.237  -15.432 -5.083  1.00 1.77 ? 85  GLN A CG   1 
ATOM 1215 C CD   . GLN A 1 111 ? -3.323  -15.786 -6.558  1.00 2.36 ? 85  GLN A CD   1 
ATOM 1216 O OE1  . GLN A 1 111 ? -2.695  -16.738 -7.020  1.00 2.80 ? 85  GLN A OE1  1 
ATOM 1217 N NE2  . GLN A 1 111 ? -4.103  -15.016 -7.305  1.00 3.13 ? 85  GLN A NE2  1 
ATOM 1218 H H    . GLN A 1 111 ? -0.326  -17.222 -2.878  1.00 1.61 ? 85  GLN A H    1 
ATOM 1219 H HA   . GLN A 1 111 ? -1.008  -14.640 -3.592  1.00 1.30 ? 85  GLN A HA   1 
ATOM 1220 H HB2  . GLN A 1 111 ? -1.452  -16.581 -5.028  1.00 1.95 ? 85  GLN A HB2  1 
ATOM 1221 H HB3  . GLN A 1 111 ? -2.702  -17.128 -3.924  1.00 1.80 ? 85  GLN A HB3  1 
ATOM 1222 H HG2  . GLN A 1 111 ? -4.207  -15.594 -4.635  1.00 2.13 ? 85  GLN A HG2  1 
ATOM 1223 H HG3  . GLN A 1 111 ? -2.974  -14.388 -4.996  1.00 2.00 ? 85  GLN A HG3  1 
ATOM 1224 H HE21 . GLN A 1 111 ? -4.573  -14.274 -6.873  1.00 3.29 ? 85  GLN A HE21 1 
ATOM 1225 H HE22 . GLN A 1 111 ? -4.178  -15.221 -8.261  1.00 3.80 ? 85  GLN A HE22 1 
ATOM 1226 N N    . GLN A 1 112 ? -3.093  -15.954 -1.387  1.00 1.26 ? 86  GLN A N    1 
ATOM 1227 C CA   . GLN A 1 112 ? -4.084  -15.622 -0.366  1.00 1.18 ? 86  GLN A CA   1 
ATOM 1228 C C    . GLN A 1 112 ? -3.559  -14.501 0.525   1.00 1.03 ? 86  GLN A C    1 
ATOM 1229 O O    . GLN A 1 112 ? -4.239  -13.498 0.744   1.00 0.90 ? 86  GLN A O    1 
ATOM 1230 C CB   . GLN A 1 112 ? -4.423  -16.855 0.477   1.00 1.37 ? 86  GLN A CB   1 
ATOM 1231 C CG   . GLN A 1 112 ? -5.768  -16.764 1.182   1.00 1.47 ? 86  GLN A CG   1 
ATOM 1232 C CD   . GLN A 1 112 ? -6.289  -18.117 1.624   1.00 2.31 ? 86  GLN A CD   1 
ATOM 1233 O OE1  . GLN A 1 112 ? -6.377  -18.403 2.819   1.00 2.90 ? 86  GLN A OE1  1 
ATOM 1234 N NE2  . GLN A 1 112 ? -6.638  -18.961 0.660   1.00 3.09 ? 86  GLN A NE2  1 
ATOM 1235 H H    . GLN A 1 112 ? -2.798  -16.882 -1.485  1.00 1.41 ? 86  GLN A H    1 
ATOM 1236 H HA   . GLN A 1 112 ? -4.977  -15.280 -0.870  1.00 1.16 ? 86  GLN A HA   1 
ATOM 1237 H HB2  . GLN A 1 112 ? -4.435  -17.723 -0.165  1.00 1.94 ? 86  GLN A HB2  1 
ATOM 1238 H HB3  . GLN A 1 112 ? -3.655  -16.985 1.228   1.00 1.66 ? 86  GLN A HB3  1 
ATOM 1239 H HG2  . GLN A 1 112 ? -5.661  -16.134 2.053   1.00 1.82 ? 86  GLN A HG2  1 
ATOM 1240 H HG3  . GLN A 1 112 ? -6.485  -16.323 0.506   1.00 1.79 ? 86  GLN A HG3  1 
ATOM 1241 H HE21 . GLN A 1 112 ? -6.541  -18.667 -0.270  1.00 3.12 ? 86  GLN A HE21 1 
ATOM 1242 H HE22 . GLN A 1 112 ? -6.980  -19.843 0.917   1.00 3.88 ? 86  GLN A HE22 1 
ATOM 1243 N N    . ARG A 1 113 ? -2.336  -14.673 1.024   1.00 1.11 ? 87  ARG A N    1 
ATOM 1244 C CA   . ARG A 1 113 ? -1.707  -13.665 1.877   1.00 1.09 ? 87  ARG A CA   1 
ATOM 1245 C C    . ARG A 1 113 ? -1.605  -12.341 1.127   1.00 0.91 ? 87  ARG A C    1 
ATOM 1246 O O    . ARG A 1 113 ? -1.951  -11.283 1.653   1.00 0.87 ? 87  ARG A O    1 
ATOM 1247 C CB   . ARG A 1 113 ? -0.318  -14.135 2.321   1.00 1.29 ? 87  ARG A CB   1 
ATOM 1248 C CG   . ARG A 1 113 ? 0.355   -13.207 3.323   1.00 1.78 ? 87  ARG A CG   1 
ATOM 1249 C CD   . ARG A 1 113 ? 1.696   -12.700 2.810   1.00 2.22 ? 87  ARG A CD   1 
ATOM 1250 N NE   . ARG A 1 113 ? 2.322   -11.765 3.743   1.00 2.81 ? 87  ARG A NE   1 
ATOM 1251 C CZ   . ARG A 1 113 ? 1.921   -10.509 3.916   1.00 3.73 ? 87  ARG A CZ   1 
ATOM 1252 N NH1  . ARG A 1 113 ? 0.900   -10.030 3.217   1.00 4.43 ? 87  ARG A NH1  1 
ATOM 1253 N NH2  . ARG A 1 113 ? 2.544   -9.735  4.790   1.00 4.21 ? 87  ARG A NH2  1 
ATOM 1254 H H    . ARG A 1 113 ? -1.843  -15.490 0.807   1.00 1.24 ? 87  ARG A H    1 
ATOM 1255 H HA   . ARG A 1 113 ? -2.333  -13.527 2.748   1.00 1.12 ? 87  ARG A HA   1 
ATOM 1256 H HB2  . ARG A 1 113 ? -0.412  -15.111 2.776   1.00 1.55 ? 87  ARG A HB2  1 
ATOM 1257 H HB3  . ARG A 1 113 ? 0.316   -14.215 1.451   1.00 1.58 ? 87  ARG A HB3  1 
ATOM 1258 H HG2  . ARG A 1 113 ? -0.291  -12.360 3.507   1.00 2.21 ? 87  ARG A HG2  1 
ATOM 1259 H HG3  . ARG A 1 113 ? 0.516   -13.744 4.246   1.00 2.28 ? 87  ARG A HG3  1 
ATOM 1260 H HD2  . ARG A 1 113 ? 2.355   -13.546 2.665   1.00 2.49 ? 87  ARG A HD2  1 
ATOM 1261 H HD3  . ARG A 1 113 ? 1.540   -12.202 1.865   1.00 2.69 ? 87  ARG A HD3  1 
ATOM 1262 H HE   . ARG A 1 113 ? 3.081   -12.091 4.271   1.00 2.91 ? 87  ARG A HE   1 
ATOM 1263 H HH11 . ARG A 1 113 ? 0.428   -10.611 2.556   1.00 4.24 ? 87  ARG A HH11 1 
ATOM 1264 H HH12 . ARG A 1 113 ? 0.600   -9.083  3.350   1.00 5.25 ? 87  ARG A HH12 1 
ATOM 1265 H HH21 . ARG A 1 113 ? 3.315   -10.095 5.318   1.00 3.89 ? 87  ARG A HH21 1 
ATOM 1266 H HH22 . ARG A 1 113 ? 2.246   -8.790  4.924   1.00 5.02 ? 87  ARG A HH22 1 
ATOM 1267 N N    . LEU A 1 114 ? -1.136  -12.411 -0.116  1.00 0.87 ? 88  LEU A N    1 
ATOM 1268 C CA   . LEU A 1 114 ? -1.002  -11.227 -0.952  1.00 0.78 ? 88  LEU A CA   1 
ATOM 1269 C C    . LEU A 1 114 ? -2.365  -10.561 -1.134  1.00 0.71 ? 88  LEU A C    1 
ATOM 1270 O O    . LEU A 1 114 ? -2.458  -9.346  -1.290  1.00 0.67 ? 88  LEU A O    1 
ATOM 1271 C CB   . LEU A 1 114 ? -0.405  -11.597 -2.313  1.00 0.86 ? 88  LEU A CB   1 
ATOM 1272 C CG   . LEU A 1 114 ? -0.536  -10.522 -3.400  1.00 1.04 ? 88  LEU A CG   1 
ATOM 1273 C CD1  . LEU A 1 114 ? 0.758   -10.390 -4.187  1.00 1.15 ? 88  LEU A CD1  1 
ATOM 1274 C CD2  . LEU A 1 114 ? -1.700  -10.839 -4.331  1.00 1.90 ? 88  LEU A CD2  1 
ATOM 1275 H H    . LEU A 1 114 ? -0.877  -13.283 -0.477  1.00 0.96 ? 88  LEU A H    1 
ATOM 1276 H HA   . LEU A 1 114 ? -0.341  -10.536 -0.451  1.00 0.80 ? 88  LEU A HA   1 
ATOM 1277 H HB2  . LEU A 1 114 ? 0.644   -11.812 -2.173  1.00 1.31 ? 88  LEU A HB2  1 
ATOM 1278 H HB3  . LEU A 1 114 ? -0.893  -12.494 -2.665  1.00 1.15 ? 88  LEU A HB3  1 
ATOM 1279 H HG   . LEU A 1 114 ? -0.736  -9.569  -2.932  1.00 1.71 ? 88  LEU A HG   1 
ATOM 1280 H HD11 . LEU A 1 114 ? 1.587   -10.292 -3.502  1.00 1.73 ? 88  LEU A HD11 1 
ATOM 1281 H HD12 . LEU A 1 114 ? 0.898   -11.267 -4.800  1.00 1.72 ? 88  LEU A HD12 1 
ATOM 1282 H HD13 . LEU A 1 114 ? 0.709   -9.513  -4.817  1.00 1.62 ? 88  LEU A HD13 1 
ATOM 1283 H HD21 . LEU A 1 114 ? -2.521  -11.242 -3.758  1.00 2.53 ? 88  LEU A HD21 1 
ATOM 1284 H HD22 . LEU A 1 114 ? -2.019  -9.934  -4.827  1.00 2.30 ? 88  LEU A HD22 1 
ATOM 1285 H HD23 . LEU A 1 114 ? -1.384  -11.561 -5.068  1.00 2.30 ? 88  LEU A HD23 1 
ATOM 1286 N N    . ALA A 1 115 ? -3.426  -11.366 -1.094  1.00 0.77 ? 89  ALA A N    1 
ATOM 1287 C CA   . ALA A 1 115 ? -4.778  -10.846 -1.235  1.00 0.81 ? 89  ALA A CA   1 
ATOM 1288 C C    . ALA A 1 115 ? -5.025  -9.759  -0.195  1.00 0.74 ? 89  ALA A C    1 
ATOM 1289 O O    . ALA A 1 115 ? -5.744  -8.793  -0.452  1.00 0.77 ? 89  ALA A O    1 
ATOM 1290 C CB   . ALA A 1 115 ? -5.804  -11.964 -1.100  1.00 0.97 ? 89  ALA A CB   1 
ATOM 1291 H H    . ALA A 1 115 ? -3.293  -12.327 -0.961  1.00 0.85 ? 89  ALA A H    1 
ATOM 1292 H HA   . ALA A 1 115 ? -4.871  -10.414 -2.222  1.00 0.85 ? 89  ALA A HA   1 
ATOM 1293 H HB1  . ALA A 1 115 ? -5.375  -12.889 -1.453  1.00 1.31 ? 89  ALA A HB1  1 
ATOM 1294 H HB2  . ALA A 1 115 ? -6.090  -12.069 -0.063  1.00 1.43 ? 89  ALA A HB2  1 
ATOM 1295 H HB3  . ALA A 1 115 ? -6.676  -11.724 -1.692  1.00 1.56 ? 89  ALA A HB3  1 
ATOM 1296 N N    . GLN A 1 116 ? -4.399  -9.916  0.973   1.00 0.73 ? 90  GLN A N    1 
ATOM 1297 C CA   . GLN A 1 116 ? -4.524  -8.937  2.051   1.00 0.79 ? 90  GLN A CA   1 
ATOM 1298 C C    . GLN A 1 116 ? -3.896  -7.619  1.614   1.00 0.73 ? 90  GLN A C    1 
ATOM 1299 O O    . GLN A 1 116 ? -4.458  -6.548  1.823   1.00 0.79 ? 90  GLN A O    1 
ATOM 1300 C CB   . GLN A 1 116 ? -3.848  -9.447  3.330   1.00 0.90 ? 90  GLN A CB   1 
ATOM 1301 C CG   . GLN A 1 116 ? -4.170  -8.620  4.568   1.00 1.35 ? 90  GLN A CG   1 
ATOM 1302 C CD   . GLN A 1 116 ? -3.071  -7.631  4.908   1.00 1.96 ? 90  GLN A CD   1 
ATOM 1303 O OE1  . GLN A 1 116 ? -2.173  -7.926  5.697   1.00 2.38 ? 90  GLN A OE1  1 
ATOM 1304 N NE2  . GLN A 1 116 ? -3.137  -6.449  4.312   1.00 2.72 ? 90  GLN A NE2  1 
ATOM 1305 H H    . GLN A 1 116 ? -3.824  -10.704 1.107   1.00 0.76 ? 90  GLN A H    1 
ATOM 1306 H HA   . GLN A 1 116 ? -5.578  -8.781  2.242   1.00 0.85 ? 90  GLN A HA   1 
ATOM 1307 H HB2  . GLN A 1 116 ? -4.166  -10.463 3.513   1.00 1.18 ? 90  GLN A HB2  1 
ATOM 1308 H HB3  . GLN A 1 116 ? -2.776  -9.433  3.189   1.00 1.19 ? 90  GLN A HB3  1 
ATOM 1309 H HG2  . GLN A 1 116 ? -5.085  -8.073  4.394   1.00 1.81 ? 90  GLN A HG2  1 
ATOM 1310 H HG3  . GLN A 1 116 ? -4.305  -9.286  5.406   1.00 1.90 ? 90  GLN A HG3  1 
ATOM 1311 H HE21 . GLN A 1 116 ? -3.879  -6.282  3.694   1.00 2.87 ? 90  GLN A HE21 1 
ATOM 1312 H HE22 . GLN A 1 116 ? -2.439  -5.793  4.509   1.00 3.37 ? 90  GLN A HE22 1 
ATOM 1313 N N    . PHE A 1 117 ? -2.722  -7.721  0.995   1.00 0.66 ? 91  PHE A N    1 
ATOM 1314 C CA   . PHE A 1 117 ? -1.983  -6.559  0.500   1.00 0.67 ? 91  PHE A CA   1 
ATOM 1315 C C    . PHE A 1 117 ? -2.883  -5.700  -0.377  1.00 0.67 ? 91  PHE A C    1 
ATOM 1316 O O    . PHE A 1 117 ? -3.042  -4.499  -0.146  1.00 0.74 ? 91  PHE A O    1 
ATOM 1317 C CB   . PHE A 1 117 ? -0.772  -7.056  -0.304  1.00 0.65 ? 91  PHE A CB   1 
ATOM 1318 C CG   . PHE A 1 117 ? 0.287   -6.035  -0.627  1.00 0.66 ? 91  PHE A CG   1 
ATOM 1319 C CD1  . PHE A 1 117 ? 0.730   -5.126  0.321   1.00 0.93 ? 91  PHE A CD1  1 
ATOM 1320 C CD2  . PHE A 1 117 ? 0.880   -6.030  -1.880  1.00 1.03 ? 91  PHE A CD2  1 
ATOM 1321 C CE1  . PHE A 1 117 ? 1.735   -4.228  0.019   1.00 0.92 ? 91  PHE A CE1  1 
ATOM 1322 C CE2  . PHE A 1 117 ? 1.890   -5.143  -2.181  1.00 1.19 ? 91  PHE A CE2  1 
ATOM 1323 C CZ   . PHE A 1 117 ? 2.319   -4.240  -1.231  1.00 0.90 ? 91  PHE A CZ   1 
ATOM 1324 H H    . PHE A 1 117 ? -2.340  -8.612  0.862   1.00 0.66 ? 91  PHE A H    1 
ATOM 1325 H HA   . PHE A 1 117 ? -1.650  -5.979  1.350   1.00 0.77 ? 91  PHE A HA   1 
ATOM 1326 H HB2  . PHE A 1 117 ? -0.293  -7.847  0.256   1.00 0.68 ? 91  PHE A HB2  1 
ATOM 1327 H HB3  . PHE A 1 117 ? -1.123  -7.460  -1.242  1.00 0.72 ? 91  PHE A HB3  1 
ATOM 1328 H HD1  . PHE A 1 117 ? 0.276   -5.110  1.298   1.00 1.39 ? 91  PHE A HD1  1 
ATOM 1329 H HD2  . PHE A 1 117 ? 0.542   -6.727  -2.629  1.00 1.42 ? 91  PHE A HD2  1 
ATOM 1330 H HE1  . PHE A 1 117 ? 2.071   -3.521  0.764   1.00 1.28 ? 91  PHE A HE1  1 
ATOM 1331 H HE2  . PHE A 1 117 ? 2.342   -5.156  -3.159  1.00 1.71 ? 91  PHE A HE2  1 
ATOM 1332 H HZ   . PHE A 1 117 ? 3.109   -3.543  -1.467  1.00 1.05 ? 91  PHE A HZ   1 
ATOM 1333 N N    . VAL A 1 118 ? -3.479  -6.329  -1.384  1.00 0.64 ? 92  VAL A N    1 
ATOM 1334 C CA   . VAL A 1 118 ? -4.373  -5.629  -2.291  1.00 0.72 ? 92  VAL A CA   1 
ATOM 1335 C C    . VAL A 1 118 ? -5.509  -4.982  -1.510  1.00 0.77 ? 92  VAL A C    1 
ATOM 1336 O O    . VAL A 1 118 ? -5.787  -3.796  -1.667  1.00 0.86 ? 92  VAL A O    1 
ATOM 1337 C CB   . VAL A 1 118 ? -4.965  -6.577  -3.354  1.00 0.77 ? 92  VAL A CB   1 
ATOM 1338 C CG1  . VAL A 1 118 ? -5.557  -5.783  -4.511  1.00 0.86 ? 92  VAL A CG1  1 
ATOM 1339 C CG2  . VAL A 1 118 ? -3.908  -7.553  -3.853  1.00 1.37 ? 92  VAL A CG2  1 
ATOM 1340 H H    . VAL A 1 118 ? -3.316  -7.288  -1.512  1.00 0.63 ? 92  VAL A H    1 
ATOM 1341 H HA   . VAL A 1 118 ? -3.805  -4.857  -2.794  1.00 0.77 ? 92  VAL A HA   1 
ATOM 1342 H HB   . VAL A 1 118 ? -5.760  -7.148  -2.896  1.00 0.96 ? 92  VAL A HB   1 
ATOM 1343 H HG11 . VAL A 1 118 ? -6.317  -5.113  -4.135  1.00 1.40 ? 92  VAL A HG11 1 
ATOM 1344 H HG12 . VAL A 1 118 ? -4.779  -5.209  -4.991  1.00 1.34 ? 92  VAL A HG12 1 
ATOM 1345 H HG13 . VAL A 1 118 ? -5.997  -6.461  -5.227  1.00 1.23 ? 92  VAL A HG13 1 
ATOM 1346 H HG21 . VAL A 1 118 ? -3.041  -7.005  -4.189  1.00 1.87 ? 92  VAL A HG21 1 
ATOM 1347 H HG22 . VAL A 1 118 ? -3.625  -8.217  -3.049  1.00 1.88 ? 92  VAL A HG22 1 
ATOM 1348 H HG23 . VAL A 1 118 ? -4.308  -8.131  -4.672  1.00 1.83 ? 92  VAL A HG23 1 
ATOM 1349 N N    . ASP A 1 119 ? -6.147  -5.771  -0.648  1.00 0.77 ? 93  ASP A N    1 
ATOM 1350 C CA   . ASP A 1 119 ? -7.244  -5.276  0.177   1.00 0.86 ? 93  ASP A CA   1 
ATOM 1351 C C    . ASP A 1 119 ? -6.831  -4.006  0.912   1.00 0.91 ? 93  ASP A C    1 
ATOM 1352 O O    . ASP A 1 119 ? -7.536  -2.998  0.879   1.00 1.00 ? 93  ASP A O    1 
ATOM 1353 C CB   . ASP A 1 119 ? -7.690  -6.346  1.183   1.00 0.90 ? 93  ASP A CB   1 
ATOM 1354 C CG   . ASP A 1 119 ? -8.067  -5.757  2.530   1.00 1.10 ? 93  ASP A CG   1 
ATOM 1355 O OD1  . ASP A 1 119 ? -9.238  -5.354  2.695   1.00 1.71 ? 93  ASP A OD1  1 
ATOM 1356 O OD2  . ASP A 1 119 ? -7.187  -5.686  3.415   1.00 1.55 ? 93  ASP A OD2  1 
ATOM 1357 H H    . ASP A 1 119 ? -5.861  -6.704  -0.554  1.00 0.73 ? 93  ASP A H    1 
ATOM 1358 H HA   . ASP A 1 119 ? -8.072  -5.043  -0.480  1.00 0.92 ? 93  ASP A HA   1 
ATOM 1359 H HB2  . ASP A 1 119 ? -8.550  -6.867  0.786   1.00 1.28 ? 93  ASP A HB2  1 
ATOM 1360 H HB3  . ASP A 1 119 ? -6.886  -7.054  1.334   1.00 1.17 ? 93  ASP A HB3  1 
ATOM 1361 N N    . HIS A 1 120 ? -5.673  -4.054  1.562   1.00 0.89 ? 94  HIS A N    1 
ATOM 1362 C CA   . HIS A 1 120 ? -5.169  -2.905  2.299   1.00 0.98 ? 94  HIS A CA   1 
ATOM 1363 C C    . HIS A 1 120 ? -5.079  -1.693  1.390   1.00 1.00 ? 94  HIS A C    1 
ATOM 1364 O O    . HIS A 1 120 ? -5.632  -0.636  1.689   1.00 1.12 ? 94  HIS A O    1 
ATOM 1365 C CB   . HIS A 1 120 ? -3.794  -3.215  2.884   1.00 1.00 ? 94  HIS A CB   1 
ATOM 1366 C CG   . HIS A 1 120 ? -3.841  -3.687  4.302   1.00 1.35 ? 94  HIS A CG   1 
ATOM 1367 N ND1  . HIS A 1 120 ? -4.862  -4.451  4.826   1.00 2.17 ? 94  HIS A ND1  1 
ATOM 1368 C CD2  . HIS A 1 120 ? -2.968  -3.482  5.322   1.00 1.73 ? 94  HIS A CD2  1 
ATOM 1369 C CE1  . HIS A 1 120 ? -4.586  -4.678  6.116   1.00 2.46 ? 94  HIS A CE1  1 
ATOM 1370 N NE2  . HIS A 1 120 ? -3.448  -4.114  6.467   1.00 2.14 ? 94  HIS A NE2  1 
ATOM 1371 H H    . HIS A 1 120 ? -5.143  -4.879  1.542   1.00 0.84 ? 94  HIS A H    1 
ATOM 1372 H HA   . HIS A 1 120 ? -5.861  -2.693  3.110   1.00 1.07 ? 94  HIS A HA   1 
ATOM 1373 H HB2  . HIS A 1 120 ? -3.324  -3.985  2.290   1.00 1.10 ? 94  HIS A HB2  1 
ATOM 1374 H HB3  . HIS A 1 120 ? -3.186  -2.322  2.848   1.00 1.10 ? 94  HIS A HB3  1 
ATOM 1375 H HD1  . HIS A 1 120 ? -5.648  -4.777  4.338   1.00 2.77 ? 94  HIS A HD1  1 
ATOM 1376 H HD2  . HIS A 1 120 ? -2.046  -2.924  5.264   1.00 2.26 ? 94  HIS A HD2  1 
ATOM 1377 H HE1  . HIS A 1 120 ? -5.215  -5.250  6.782   1.00 3.20 ? 94  HIS A HE1  1 
ATOM 1378 N N    . TRP A 1 121 ? -4.388  -1.859  0.268   1.00 0.93 ? 95  TRP A N    1 
ATOM 1379 C CA   . TRP A 1 121 ? -4.236  -0.779  -0.692  1.00 1.00 ? 95  TRP A CA   1 
ATOM 1380 C C    . TRP A 1 121 ? -5.600  -0.254  -1.117  1.00 1.06 ? 95  TRP A C    1 
ATOM 1381 O O    . TRP A 1 121 ? -5.815  0.952   -1.184  1.00 1.16 ? 95  TRP A O    1 
ATOM 1382 C CB   . TRP A 1 121 ? -3.447  -1.262  -1.912  1.00 0.97 ? 95  TRP A CB   1 
ATOM 1383 C CG   . TRP A 1 121 ? -3.004  -0.152  -2.820  1.00 1.09 ? 95  TRP A CG   1 
ATOM 1384 C CD1  . TRP A 1 121 ? -3.094  -0.126  -4.182  1.00 2.01 ? 95  TRP A CD1  1 
ATOM 1385 C CD2  . TRP A 1 121 ? -2.399  1.090   -2.434  1.00 1.04 ? 95  TRP A CD2  1 
ATOM 1386 N NE1  . TRP A 1 121 ? -2.582  1.053   -4.664  1.00 1.88 ? 95  TRP A NE1  1 
ATOM 1387 C CE2  . TRP A 1 121 ? -2.153  1.817   -3.613  1.00 1.04 ? 95  TRP A CE2  1 
ATOM 1388 C CE3  . TRP A 1 121 ? -2.044  1.664   -1.209  1.00 2.03 ? 95  TRP A CE3  1 
ATOM 1389 C CZ2  . TRP A 1 121 ? -1.571  3.078   -3.601  1.00 1.13 ? 95  TRP A CZ2  1 
ATOM 1390 C CZ3  . TRP A 1 121 ? -1.467  2.916   -1.201  1.00 2.64 ? 95  TRP A CZ3  1 
ATOM 1391 C CH2  . TRP A 1 121 ? -1.235  3.612   -2.389  1.00 2.05 ? 95  TRP A CH2  1 
ATOM 1392 H H    . TRP A 1 121 ? -3.976  -2.731  0.081   1.00 0.85 ? 95  TRP A H    1 
ATOM 1393 H HA   . TRP A 1 121 ? -3.691  0.017   -0.209  1.00 1.07 ? 95  TRP A HA   1 
ATOM 1394 H HB2  . TRP A 1 121 ? -2.567  -1.791  -1.576  1.00 1.06 ? 95  TRP A HB2  1 
ATOM 1395 H HB3  . TRP A 1 121 ? -4.067  -1.935  -2.484  1.00 1.10 ? 95  TRP A HB3  1 
ATOM 1396 H HD1  . TRP A 1 121 ? -3.506  -0.925  -4.782  1.00 2.88 ? 95  TRP A HD1  1 
ATOM 1397 H HE1  . TRP A 1 121 ? -2.534  1.310   -5.610  1.00 2.52 ? 95  TRP A HE1  1 
ATOM 1398 H HE3  . TRP A 1 121 ? -2.211  1.146   -0.280  1.00 2.52 ? 95  TRP A HE3  1 
ATOM 1399 H HZ2  . TRP A 1 121 ? -1.381  3.627   -4.507  1.00 1.11 ? 95  TRP A HZ2  1 
ATOM 1400 H HZ3  . TRP A 1 121 ? -1.186  3.373   -0.263  1.00 3.66 ? 95  TRP A HZ3  1 
ATOM 1401 H HH2  . TRP A 1 121 ? -0.782  4.590   -2.336  1.00 2.56 ? 95  TRP A HH2  1 
ATOM 1402 N N    . LYS A 1 122 ? -6.520  -1.173  -1.379  1.00 1.03 ? 96  LYS A N    1 
ATOM 1403 C CA   . LYS A 1 122 ? -7.876  -0.811  -1.775  1.00 1.12 ? 96  LYS A CA   1 
ATOM 1404 C C    . LYS A 1 122 ? -8.470  0.190   -0.785  1.00 1.21 ? 96  LYS A C    1 
ATOM 1405 O O    . LYS A 1 122 ? -8.954  1.251   -1.180  1.00 1.32 ? 96  LYS A O    1 
ATOM 1406 C CB   . LYS A 1 122 ? -8.752  -2.066  -1.870  1.00 1.12 ? 96  LYS A CB   1 
ATOM 1407 C CG   . LYS A 1 122 ? -10.220 -1.778  -2.159  1.00 1.49 ? 96  LYS A CG   1 
ATOM 1408 C CD   . LYS A 1 122 ? -11.071 -1.867  -0.900  1.00 1.83 ? 96  LYS A CD   1 
ATOM 1409 C CE   . LYS A 1 122 ? -11.150 -3.293  -0.369  1.00 2.36 ? 96  LYS A CE   1 
ATOM 1410 N NZ   . LYS A 1 122 ? -10.458 -3.438  0.943   1.00 2.86 ? 96  LYS A NZ   1 
ATOM 1411 H H    . LYS A 1 122 ? -6.284  -2.119  -1.291  1.00 0.98 ? 96  LYS A H    1 
ATOM 1412 H HA   . LYS A 1 122 ? -7.821  -0.345  -2.743  1.00 1.16 ? 96  LYS A HA   1 
ATOM 1413 H HB2  . LYS A 1 122 ? -8.371  -2.695  -2.660  1.00 1.55 ? 96  LYS A HB2  1 
ATOM 1414 H HB3  . LYS A 1 122 ? -8.692  -2.603  -0.938  1.00 1.53 ? 96  LYS A HB3  1 
ATOM 1415 H HG2  . LYS A 1 122 ? -10.307 -0.783  -2.571  1.00 2.18 ? 96  LYS A HG2  1 
ATOM 1416 H HG3  . LYS A 1 122 ? -10.581 -2.499  -2.876  1.00 1.90 ? 96  LYS A HG3  1 
ATOM 1417 H HD2  . LYS A 1 122 ? -10.636 -1.235  -0.140  1.00 2.08 ? 96  LYS A HD2  1 
ATOM 1418 H HD3  . LYS A 1 122 ? -12.069 -1.523  -1.127  1.00 2.30 ? 96  LYS A HD3  1 
ATOM 1419 H HE2  . LYS A 1 122 ? -12.189 -3.561  -0.247  1.00 2.71 ? 96  LYS A HE2  1 
ATOM 1420 H HE3  . LYS A 1 122 ? -10.689 -3.958  -1.083  1.00 2.63 ? 96  LYS A HE3  1 
ATOM 1421 H HZ1  . LYS A 1 122 ? -9.499  -3.045  0.887   1.00 3.32 ? 96  LYS A HZ1  1 
ATOM 1422 H HZ2  . LYS A 1 122 ? -10.985 -2.932  1.682   1.00 3.05 ? 96  LYS A HZ2  1 
ATOM 1423 H HZ3  . LYS A 1 122 ? -10.392 -4.443  1.206   1.00 3.14 ? 96  LYS A HZ3  1 
ATOM 1424 N N    . GLU A 1 123 ? -8.420  -0.142  0.503   1.00 1.20 ? 97  GLU A N    1 
ATOM 1425 C CA   . GLU A 1 123 ? -8.942  0.747   1.532   1.00 1.32 ? 97  GLU A CA   1 
ATOM 1426 C C    . GLU A 1 123 ? -8.252  2.102   1.459   1.00 1.36 ? 97  GLU A C    1 
ATOM 1427 O O    . GLU A 1 123 ? -8.899  3.150   1.489   1.00 1.47 ? 97  GLU A O    1 
ATOM 1428 C CB   . GLU A 1 123 ? -8.738  0.132   2.917   1.00 1.36 ? 97  GLU A CB   1 
ATOM 1429 C CG   . GLU A 1 123 ? -9.354  -1.247  3.070   1.00 1.86 ? 97  GLU A CG   1 
ATOM 1430 C CD   . GLU A 1 123 ? -10.865 -1.201  3.187   1.00 2.35 ? 97  GLU A CD   1 
ATOM 1431 O OE1  . GLU A 1 123 ? -11.540 -1.059  2.145   1.00 3.03 ? 97  GLU A OE1  1 
ATOM 1432 O OE2  . GLU A 1 123 ? -11.377 -1.306  4.321   1.00 2.68 ? 97  GLU A OE2  1 
ATOM 1433 H H    . GLU A 1 123 ? -8.018  -0.995  0.767   1.00 1.13 ? 97  GLU A H    1 
ATOM 1434 H HA   . GLU A 1 123 ? -10.000 0.880   1.354   1.00 1.39 ? 97  GLU A HA   1 
ATOM 1435 H HB2  . GLU A 1 123 ? -7.679  0.054   3.111   1.00 1.48 ? 97  GLU A HB2  1 
ATOM 1436 H HB3  . GLU A 1 123 ? -9.181  0.782   3.651   1.00 1.70 ? 97  GLU A HB3  1 
ATOM 1437 H HG2  . GLU A 1 123 ? -9.093  -1.839  2.206   1.00 2.40 ? 97  GLU A HG2  1 
ATOM 1438 H HG3  . GLU A 1 123 ? -8.953  -1.710  3.956   1.00 2.20 ? 97  GLU A HG3  1 
ATOM 1439 N N    . LEU A 1 124 ? -6.927  2.071   1.358   1.00 1.31 ? 98  LEU A N    1 
ATOM 1440 C CA   . LEU A 1 124 ? -6.135  3.293   1.276   1.00 1.37 ? 98  LEU A CA   1 
ATOM 1441 C C    . LEU A 1 124 ? -6.626  4.172   0.130   1.00 1.42 ? 98  LEU A C    1 
ATOM 1442 O O    . LEU A 1 124 ? -6.839  5.372   0.300   1.00 1.54 ? 98  LEU A O    1 
ATOM 1443 C CB   . LEU A 1 124 ? -4.651  2.953   1.089   1.00 1.31 ? 98  LEU A CB   1 
ATOM 1444 C CG   . LEU A 1 124 ? -3.769  3.149   2.328   1.00 1.61 ? 98  LEU A CG   1 
ATOM 1445 C CD1  . LEU A 1 124 ? -3.754  4.613   2.750   1.00 2.38 ? 98  LEU A CD1  1 
ATOM 1446 C CD2  . LEU A 1 124 ? -4.242  2.263   3.472   1.00 2.07 ? 98  LEU A CD2  1 
ATOM 1447 H H    . LEU A 1 124 ? -6.474  1.203   1.338   1.00 1.23 ? 98  LEU A H    1 
ATOM 1448 H HA   . LEU A 1 124 ? -6.262  3.832   2.203   1.00 1.47 ? 98  LEU A HA   1 
ATOM 1449 H HB2  . LEU A 1 124 ? -4.579  1.920   0.783   1.00 1.68 ? 98  LEU A HB2  1 
ATOM 1450 H HB3  . LEU A 1 124 ? -4.260  3.571   0.297   1.00 1.42 ? 98  LEU A HB3  1 
ATOM 1451 H HG   . LEU A 1 124 ? -2.756  2.865   2.086   1.00 2.11 ? 98  LEU A HG   1 
ATOM 1452 H HD11 . LEU A 1 124 ? -3.730  5.243   1.871   1.00 2.77 ? 98  LEU A HD11 1 
ATOM 1453 H HD12 . LEU A 1 124 ? -4.641  4.833   3.326   1.00 2.83 ? 98  LEU A HD12 1 
ATOM 1454 H HD13 . LEU A 1 124 ? -2.877  4.806   3.352   1.00 2.89 ? 98  LEU A HD13 1 
ATOM 1455 H HD21 . LEU A 1 124 ? -4.711  1.375   3.072   1.00 2.37 ? 98  LEU A HD21 1 
ATOM 1456 H HD22 . LEU A 1 124 ? -3.396  1.977   4.080   1.00 2.54 ? 98  LEU A HD22 1 
ATOM 1457 H HD23 . LEU A 1 124 ? -4.954  2.803   4.078   1.00 2.58 ? 98  LEU A HD23 1 
ATOM 1458 N N    . LYS A 1 125 ? -6.826  3.560   -1.033  1.00 1.38 ? 99  LYS A N    1 
ATOM 1459 C CA   . LYS A 1 125 ? -7.313  4.277   -2.205  1.00 1.47 ? 99  LYS A CA   1 
ATOM 1460 C C    . LYS A 1 125 ? -8.645  4.949   -1.899  1.00 1.60 ? 99  LYS A C    1 
ATOM 1461 O O    . LYS A 1 125 ? -8.814  6.146   -2.121  1.00 1.74 ? 99  LYS A O    1 
ATOM 1462 C CB   . LYS A 1 125 ? -7.471  3.313   -3.387  1.00 1.45 ? 99  LYS A CB   1 
ATOM 1463 C CG   . LYS A 1 125 ? -7.790  4.002   -4.708  1.00 1.90 ? 99  LYS A CG   1 
ATOM 1464 C CD   . LYS A 1 125 ? -6.528  4.336   -5.490  1.00 2.41 ? 99  LYS A CD   1 
ATOM 1465 C CE   . LYS A 1 125 ? -5.773  3.084   -5.908  1.00 3.14 ? 99  LYS A CE   1 
ATOM 1466 N NZ   . LYS A 1 125 ? -4.685  2.744   -4.950  1.00 4.07 ? 99  LYS A NZ   1 
ATOM 1467 H H    . LYS A 1 125 ? -6.652  2.599   -1.101  1.00 1.30 ? 99  LYS A H    1 
ATOM 1468 H HA   . LYS A 1 125 ? -6.587  5.036   -2.459  1.00 1.51 ? 99  LYS A HA   1 
ATOM 1469 H HB2  . LYS A 1 125 ? -6.553  2.758   -3.505  1.00 1.71 ? 99  LYS A HB2  1 
ATOM 1470 H HB3  . LYS A 1 125 ? -8.269  2.623   -3.167  1.00 1.53 ? 99  LYS A HB3  1 
ATOM 1471 H HG2  . LYS A 1 125 ? -8.403  3.343   -5.304  1.00 2.37 ? 99  LYS A HG2  1 
ATOM 1472 H HG3  . LYS A 1 125 ? -8.328  4.915   -4.509  1.00 2.24 ? 99  LYS A HG3  1 
ATOM 1473 H HD2  . LYS A 1 125 ? -6.803  4.891   -6.376  1.00 2.60 ? 99  LYS A HD2  1 
ATOM 1474 H HD3  . LYS A 1 125 ? -5.885  4.945   -4.870  1.00 2.88 ? 99  LYS A HD3  1 
ATOM 1475 H HE2  . LYS A 1 125 ? -6.467  2.259   -5.956  1.00 3.25 ? 99  LYS A HE2  1 
ATOM 1476 H HE3  . LYS A 1 125 ? -5.342  3.247   -6.884  1.00 3.47 ? 99  LYS A HE3  1 
ATOM 1477 H HZ1  . LYS A 1 125 ? -4.709  3.391   -4.136  1.00 4.48 ? 99  LYS A HZ1  1 
ATOM 1478 H HZ2  . LYS A 1 125 ? -4.799  1.769   -4.606  1.00 4.34 ? 99  LYS A HZ2  1 
ATOM 1479 H HZ3  . LYS A 1 125 ? -3.762  2.829   -5.418  1.00 4.48 ? 99  LYS A HZ3  1 
ATOM 1480 N N    . GLN A 1 126 ? -9.587  4.166   -1.380  1.00 1.58 ? 100 GLN A N    1 
ATOM 1481 C CA   . GLN A 1 126 ? -10.908 4.681   -1.034  1.00 1.72 ? 100 GLN A CA   1 
ATOM 1482 C C    . GLN A 1 126 ? -10.787 5.897   -0.115  1.00 1.81 ? 100 GLN A C    1 
ATOM 1483 O O    . GLN A 1 126 ? -11.418 6.927   -0.352  1.00 1.95 ? 100 GLN A O    1 
ATOM 1484 C CB   . GLN A 1 126 ? -11.759 3.575   -0.384  1.00 1.71 ? 100 GLN A CB   1 
ATOM 1485 C CG   . GLN A 1 126 ? -12.009 3.751   1.109   1.00 1.93 ? 100 GLN A CG   1 
ATOM 1486 C CD   . GLN A 1 126 ? -12.652 2.529   1.737   1.00 2.66 ? 100 GLN A CD   1 
ATOM 1487 O OE1  . GLN A 1 126 ? -13.820 2.231   1.486   1.00 3.23 ? 100 GLN A OE1  1 
ATOM 1488 N NE2  . GLN A 1 126 ? -11.894 1.815   2.557   1.00 3.33 ? 100 GLN A NE2  1 
ATOM 1489 H H    . GLN A 1 126 ? -9.388  3.219   -1.225  1.00 1.48 ? 100 GLN A H    1 
ATOM 1490 H HA   . GLN A 1 126 ? -11.385 4.994   -1.951  1.00 1.80 ? 100 GLN A HA   1 
ATOM 1491 H HB2  . GLN A 1 126 ? -12.718 3.542   -0.880  1.00 2.03 ? 100 GLN A HB2  1 
ATOM 1492 H HB3  . GLN A 1 126 ? -11.261 2.627   -0.530  1.00 1.91 ? 100 GLN A HB3  1 
ATOM 1493 H HG2  . GLN A 1 126 ? -11.067 3.933   1.603   1.00 2.25 ? 100 GLN A HG2  1 
ATOM 1494 H HG3  . GLN A 1 126 ? -12.662 4.599   1.256   1.00 2.25 ? 100 GLN A HG3  1 
ATOM 1495 H HE21 . GLN A 1 126 ? -10.972 2.110   2.711   1.00 3.32 ? 100 GLN A HE21 1 
ATOM 1496 H HE22 . GLN A 1 126 ? -12.283 1.017   2.972   1.00 4.10 ? 100 GLN A HE22 1 
ATOM 1497 N N    . LEU A 1 127 ? -9.966  5.775   0.927   1.00 1.77 ? 101 LEU A N    1 
ATOM 1498 C CA   . LEU A 1 127 ? -9.762  6.871   1.867   1.00 1.89 ? 101 LEU A CA   1 
ATOM 1499 C C    . LEU A 1 127 ? -9.256  8.113   1.141   1.00 1.96 ? 101 LEU A C    1 
ATOM 1500 O O    . LEU A 1 127 ? -9.792  9.207   1.318   1.00 2.12 ? 101 LEU A O    1 
ATOM 1501 C CB   . LEU A 1 127 ? -8.771  6.457   2.961   1.00 1.86 ? 101 LEU A CB   1 
ATOM 1502 C CG   . LEU A 1 127 ? -9.168  6.862   4.385   1.00 2.09 ? 101 LEU A CG   1 
ATOM 1503 C CD1  . LEU A 1 127 ? -8.261  6.188   5.406   1.00 2.56 ? 101 LEU A CD1  1 
ATOM 1504 C CD2  . LEU A 1 127 ? -9.122  8.376   4.545   1.00 2.59 ? 101 LEU A CD2  1 
ATOM 1505 H H    . LEU A 1 127 ? -9.487  4.930   1.065   1.00 1.67 ? 101 LEU A H    1 
ATOM 1506 H HA   . LEU A 1 127 ? -10.715 7.099   2.320   1.00 1.99 ? 101 LEU A HA   1 
ATOM 1507 H HB2  . LEU A 1 127 ? -8.665  5.382   2.932   1.00 2.05 ? 101 LEU A HB2  1 
ATOM 1508 H HB3  . LEU A 1 127 ? -7.812  6.902   2.738   1.00 2.09 ? 101 LEU A HB3  1 
ATOM 1509 H HG   . LEU A 1 127 ? -10.180 6.539   4.577   1.00 2.46 ? 101 LEU A HG   1 
ATOM 1510 H HD11 . LEU A 1 127 ? -8.340  5.116   5.307   1.00 2.89 ? 101 LEU A HD11 1 
ATOM 1511 H HD12 . LEU A 1 127 ? -7.237  6.490   5.234   1.00 3.01 ? 101 LEU A HD12 1 
ATOM 1512 H HD13 . LEU A 1 127 ? -8.558  6.481   6.402   1.00 2.90 ? 101 LEU A HD13 1 
ATOM 1513 H HD21 . LEU A 1 127 ? -8.161  8.744   4.214   1.00 2.95 ? 101 LEU A HD21 1 
ATOM 1514 H HD22 . LEU A 1 127 ? -9.902  8.825   3.948   1.00 2.81 ? 101 LEU A HD22 1 
ATOM 1515 H HD23 . LEU A 1 127 ? -9.269  8.634   5.582   1.00 3.08 ? 101 LEU A HD23 1 
ATOM 1516 N N    . ALA A 1 128 ? -8.221  7.938   0.321   1.00 1.86 ? 102 ALA A N    1 
ATOM 1517 C CA   . ALA A 1 128 ? -7.649  9.046   -0.435  1.00 1.95 ? 102 ALA A CA   1 
ATOM 1518 C C    . ALA A 1 128 ? -8.716  9.735   -1.282  1.00 2.09 ? 102 ALA A C    1 
ATOM 1519 O O    . ALA A 1 128 ? -8.806  10.965  -1.304  1.00 2.24 ? 102 ALA A O    1 
ATOM 1520 C CB   . ALA A 1 128 ? -6.507  8.553   -1.313  1.00 1.85 ? 102 ALA A CB   1 
ATOM 1521 H H    . ALA A 1 128 ? -7.839  7.041   0.219   1.00 1.74 ? 102 ALA A H    1 
ATOM 1522 H HA   . ALA A 1 128 ? -7.251  9.760   0.269   1.00 2.02 ? 102 ALA A HA   1 
ATOM 1523 H HB1  . ALA A 1 128 ? -5.797  8.008   -0.707  1.00 2.07 ? 102 ALA A HB1  1 
ATOM 1524 H HB2  . ALA A 1 128 ? -6.897  7.901   -2.081  1.00 2.10 ? 102 ALA A HB2  1 
ATOM 1525 H HB3  . ALA A 1 128 ? -6.015  9.398   -1.773  1.00 2.09 ? 102 ALA A HB3  1 
ATOM 1526 N N    . ALA A 1 129 ? -9.526  8.936   -1.971  1.00 2.07 ? 103 ALA A N    1 
ATOM 1527 C CA   . ALA A 1 129 ? -10.591 9.470   -2.812  1.00 2.24 ? 103 ALA A CA   1 
ATOM 1528 C C    . ALA A 1 129 ? -11.537 10.339  -1.993  1.00 2.38 ? 103 ALA A C    1 
ATOM 1529 O O    . ALA A 1 129 ? -11.850 11.465  -2.376  1.00 2.56 ? 103 ALA A O    1 
ATOM 1530 C CB   . ALA A 1 129 ? -11.355 8.336   -3.484  1.00 2.21 ? 103 ALA A CB   1 
ATOM 1531 H H    . ALA A 1 129 ? -9.404  7.967   -1.910  1.00 1.96 ? 103 ALA A H    1 
ATOM 1532 H HA   . ALA A 1 129 ? -10.138 10.077  -3.582  1.00 2.31 ? 103 ALA A HA   1 
ATOM 1533 H HB1  . ALA A 1 129 ? -10.664 7.709   -4.029  1.00 2.42 ? 103 ALA A HB1  1 
ATOM 1534 H HB2  . ALA A 1 129 ? -11.859 7.746   -2.732  1.00 2.51 ? 103 ALA A HB2  1 
ATOM 1535 H HB3  . ALA A 1 129 ? -12.083 8.747   -4.166  1.00 2.34 ? 103 ALA A HB3  1 
ATOM 1536 N N    . ALA A 1 130 ? -11.983 9.809   -0.857  1.00 2.34 ? 104 ALA A N    1 
ATOM 1537 C CA   . ALA A 1 130 ? -12.883 10.540  0.021   1.00 2.50 ? 104 ALA A CA   1 
ATOM 1538 C C    . ALA A 1 130 ? -12.274 11.883  0.406   1.00 2.58 ? 104 ALA A C    1 
ATOM 1539 O O    . ALA A 1 130 ? -12.917 12.926  0.290   1.00 2.74 ? 104 ALA A O    1 
ATOM 1540 C CB   . ALA A 1 130 ? -13.192 9.718   1.264   1.00 2.48 ? 104 ALA A CB   1 
ATOM 1541 H H    . ALA A 1 130 ? -11.696 8.906   -0.604  1.00 2.21 ? 104 ALA A H    1 
ATOM 1542 H HA   . ALA A 1 130 ? -13.807 10.712  -0.512  1.00 2.62 ? 104 ALA A HA   1 
ATOM 1543 H HB1  . ALA A 1 130 ? -12.268 9.363   1.698   1.00 2.76 ? 104 ALA A HB1  1 
ATOM 1544 H HB2  . ALA A 1 130 ? -13.719 10.328  1.980   1.00 2.76 ? 104 ALA A HB2  1 
ATOM 1545 H HB3  . ALA A 1 130 ? -13.808 8.872   0.990   1.00 2.53 ? 104 ALA A HB3  1 
ATOM 1546 N N    . ARG A 1 131 ? -11.019 11.844  0.848   1.00 2.50 ? 105 ARG A N    1 
ATOM 1547 C CA   . ARG A 1 131 ? -10.304 13.053  1.243   1.00 2.60 ? 105 ARG A CA   1 
ATOM 1548 C C    . ARG A 1 131 ? -10.342 14.093  0.129   1.00 2.72 ? 105 ARG A C    1 
ATOM 1549 O O    . ARG A 1 131 ? -10.665 15.258  0.367   1.00 2.88 ? 105 ARG A O    1 
ATOM 1550 C CB   . ARG A 1 131 ? -8.852  12.716  1.603   1.00 2.49 ? 105 ARG A CB   1 
ATOM 1551 C CG   . ARG A 1 131 ? -8.119  13.844  2.320   1.00 2.62 ? 105 ARG A CG   1 
ATOM 1552 C CD   . ARG A 1 131 ? -8.821  14.242  3.609   1.00 2.76 ? 105 ARG A CD   1 
ATOM 1553 N NE   . ARG A 1 131 ? -9.793  15.311  3.391   1.00 3.19 ? 105 ARG A NE   1 
ATOM 1554 C CZ   . ARG A 1 131 ? -10.830 15.547  4.191   1.00 3.86 ? 105 ARG A CZ   1 
ATOM 1555 N NH1  . ARG A 1 131 ? -11.044 14.788  5.255   1.00 4.39 ? 105 ARG A NH1  1 
ATOM 1556 N NH2  . ARG A 1 131 ? -11.658 16.545  3.926   1.00 4.42 ? 105 ARG A NH2  1 
ATOM 1557 H H    . ARG A 1 131 ? -10.561 10.979  0.904   1.00 2.38 ? 105 ARG A H    1 
ATOM 1558 H HA   . ARG A 1 131 ? -10.796 13.457  2.115   1.00 2.70 ? 105 ARG A HA   1 
ATOM 1559 H HB2  . ARG A 1 131 ? -8.843  11.846  2.243   1.00 2.79 ? 105 ARG A HB2  1 
ATOM 1560 H HB3  . ARG A 1 131 ? -8.312  12.489  0.695   1.00 2.51 ? 105 ARG A HB3  1 
ATOM 1561 H HG2  . ARG A 1 131 ? -7.117  13.513  2.557   1.00 2.99 ? 105 ARG A HG2  1 
ATOM 1562 H HG3  . ARG A 1 131 ? -8.070  14.702  1.666   1.00 3.00 ? 105 ARG A HG3  1 
ATOM 1563 H HD2  . ARG A 1 131 ? -9.331  13.378  4.009   1.00 3.13 ? 105 ARG A HD2  1 
ATOM 1564 H HD3  . ARG A 1 131 ? -8.080  14.581  4.318   1.00 2.97 ? 105 ARG A HD3  1 
ATOM 1565 H HE   . ARG A 1 131 ? -9.668  15.883  2.606   1.00 3.40 ? 105 ARG A HE   1 
ATOM 1566 H HH11 . ARG A 1 131 ? -10.428 14.028  5.462   1.00 4.33 ? 105 ARG A HH11 1 
ATOM 1567 H HH12 . ARG A 1 131 ? -11.828 14.972  5.851   1.00 5.08 ? 105 ARG A HH12 1 
ATOM 1568 H HH21 . ARG A 1 131 ? -11.506 17.123  3.124   1.00 4.37 ? 105 ARG A HH21 1 
ATOM 1569 H HH22 . ARG A 1 131 ? -12.439 16.718  4.527   1.00 5.10 ? 105 ARG A HH22 1 
ATOM 1570 N N    . GLY A 1 132 ? -10.015 13.663  -1.089  1.00 2.67 ? 106 GLY A N    1 
ATOM 1571 C CA   . GLY A 1 132 ? -10.021 14.567  -2.226  1.00 2.83 ? 106 GLY A CA   1 
ATOM 1572 C C    . GLY A 1 132 ? -11.365 15.242  -2.419  1.00 3.06 ? 106 GLY A C    1 
ATOM 1573 O O    . GLY A 1 132 ? -11.435 16.450  -2.651  1.00 3.27 ? 106 GLY A O    1 
ATOM 1574 H H    . GLY A 1 132 ? -9.768  12.723  -1.217  1.00 2.55 ? 106 GLY A H    1 
ATOM 1575 H HA2  . GLY A 1 132 ? -9.266  15.324  -2.076  1.00 2.93 ? 106 GLY A HA2  1 
ATOM 1576 H HA3  . GLY A 1 132 ? -9.782  14.006  -3.117  1.00 2.97 ? 106 GLY A HA3  1 
ATOM 1577 N N    . GLN A 1 133 ? -12.435 14.458  -2.316  1.00 3.06 ? 107 GLN A N    1 
ATOM 1578 C CA   . GLN A 1 133 ? -13.791 14.978  -2.476  1.00 3.32 ? 107 GLN A CA   1 
ATOM 1579 C C    . GLN A 1 133 ? -14.233 15.747  -1.233  1.00 3.48 ? 107 GLN A C    1 
ATOM 1580 O O    . GLN A 1 133 ? -15.167 16.545  -1.290  1.00 3.75 ? 107 GLN A O    1 
ATOM 1581 C CB   . GLN A 1 133 ? -14.766 13.834  -2.760  1.00 3.32 ? 107 GLN A CB   1 
ATOM 1582 C CG   . GLN A 1 133 ? -14.876 13.475  -4.234  1.00 3.59 ? 107 GLN A CG   1 
ATOM 1583 C CD   . GLN A 1 133 ? -13.544 13.069  -4.839  1.00 3.56 ? 107 GLN A CD   1 
ATOM 1584 O OE1  . GLN A 1 133 ? -13.139 11.911  -4.752  1.00 3.65 ? 107 GLN A OE1  1 
ATOM 1585 N NE2  . GLN A 1 133 ? -12.856 14.025  -5.451  1.00 4.07 ? 107 GLN A NE2  1 
ATOM 1586 H H    . GLN A 1 133 ? -12.308 13.505  -2.128  1.00 2.90 ? 107 GLN A H    1 
ATOM 1587 H HA   . GLN A 1 133 ? -13.787 15.654  -3.318  1.00 3.44 ? 107 GLN A HA   1 
ATOM 1588 H HB2  . GLN A 1 133 ? -14.440 12.956  -2.223  1.00 3.38 ? 107 GLN A HB2  1 
ATOM 1589 H HB3  . GLN A 1 133 ? -15.748 14.116  -2.409  1.00 3.38 ? 107 GLN A HB3  1 
ATOM 1590 H HG2  . GLN A 1 133 ? -15.567 12.651  -4.341  1.00 3.92 ? 107 GLN A HG2  1 
ATOM 1591 H HG3  . GLN A 1 133 ? -15.255 14.331  -4.773  1.00 4.00 ? 107 GLN A HG3  1 
ATOM 1592 H HE21 . GLN A 1 133 ? -13.240 14.928  -5.480  1.00 4.36 ? 107 GLN A HE21 1 
ATOM 1593 H HE22 . GLN A 1 133 ? -11.993 13.790  -5.849  1.00 4.41 ? 107 GLN A HE22 1 
# 
